data_8URN
# 
_entry.id   8URN 
# 
_audit_conform.dict_name       mmcif_pdbx.dic 
_audit_conform.dict_version    5.397 
_audit_conform.dict_location   http://mmcif.pdb.org/dictionaries/ascii/mmcif_pdbx.dic 
# 
loop_
_database_2.database_id 
_database_2.database_code 
_database_2.pdbx_database_accession 
_database_2.pdbx_DOI 
PDB   8URN         pdb_00008urn 10.2210/pdb8urn/pdb 
WWPDB D_1000278674 ?            ?                   
# 
loop_
_pdbx_audit_revision_history.ordinal 
_pdbx_audit_revision_history.data_content_type 
_pdbx_audit_revision_history.major_revision 
_pdbx_audit_revision_history.minor_revision 
_pdbx_audit_revision_history.revision_date 
1 'Structure model' 1 0 2024-02-14 
2 'Structure model' 1 1 2024-03-20 
3 'Structure model' 1 2 2024-10-23 
# 
_pdbx_audit_revision_details.ordinal             1 
_pdbx_audit_revision_details.revision_ordinal    1 
_pdbx_audit_revision_details.data_content_type   'Structure model' 
_pdbx_audit_revision_details.provider            repository 
_pdbx_audit_revision_details.type                'Initial release' 
_pdbx_audit_revision_details.description         ? 
_pdbx_audit_revision_details.details             ? 
# 
loop_
_pdbx_audit_revision_group.ordinal 
_pdbx_audit_revision_group.revision_ordinal 
_pdbx_audit_revision_group.data_content_type 
_pdbx_audit_revision_group.group 
1 2 'Structure model' 'Database references' 
2 3 'Structure model' 'Structure summary'   
# 
loop_
_pdbx_audit_revision_category.ordinal 
_pdbx_audit_revision_category.revision_ordinal 
_pdbx_audit_revision_category.data_content_type 
_pdbx_audit_revision_category.category 
1 2 'Structure model' citation                  
2 3 'Structure model' pdbx_entry_details        
3 3 'Structure model' pdbx_modification_feature 
# 
loop_
_pdbx_audit_revision_item.ordinal 
_pdbx_audit_revision_item.revision_ordinal 
_pdbx_audit_revision_item.data_content_type 
_pdbx_audit_revision_item.item 
1  2 'Structure model' '_citation.country'                            
2  2 'Structure model' '_citation.journal_abbrev'                     
3  2 'Structure model' '_citation.journal_id_ASTM'                    
4  2 'Structure model' '_citation.journal_id_CSD'                     
5  2 'Structure model' '_citation.journal_id_ISSN'                    
6  2 'Structure model' '_citation.journal_volume'                     
7  2 'Structure model' '_citation.page_first'                         
8  2 'Structure model' '_citation.page_last'                          
9  2 'Structure model' '_citation.pdbx_database_id_DOI'               
10 2 'Structure model' '_citation.pdbx_database_id_PubMed'            
11 2 'Structure model' '_citation.title'                              
12 2 'Structure model' '_citation.year'                               
13 3 'Structure model' '_pdbx_entry_details.has_protein_modification' 
# 
_pdbx_database_status.status_code                     REL 
_pdbx_database_status.status_code_sf                  REL 
_pdbx_database_status.status_code_mr                  ? 
_pdbx_database_status.entry_id                        8URN 
_pdbx_database_status.recvd_initial_deposition_date   2023-10-26 
_pdbx_database_status.SG_entry                        N 
_pdbx_database_status.deposit_site                    RCSB 
_pdbx_database_status.process_site                    RCSB 
_pdbx_database_status.status_code_cs                  ? 
_pdbx_database_status.status_code_nmr_data            ? 
_pdbx_database_status.methods_development_category    ? 
_pdbx_database_status.pdb_format_compatible           Y 
# 
_pdbx_contact_author.id                 2 
_pdbx_contact_author.email              focco.vandenakker@case.edu 
_pdbx_contact_author.name_first         Focco 
_pdbx_contact_author.name_last          'van den Akker' 
_pdbx_contact_author.name_mi            ? 
_pdbx_contact_author.role               'principal investigator/group leader' 
_pdbx_contact_author.identifier_ORCID   0000-0001-9210-3565 
# 
_audit_author.name               'van den Akker, F.' 
_audit_author.pdbx_ordinal       1 
_audit_author.identifier_ORCID   0000-0001-9210-3565 
# 
_citation.abstract                  ? 
_citation.abstract_id_CAS           ? 
_citation.book_id_ISBN              ? 
_citation.book_publisher            ? 
_citation.book_publisher_city       ? 
_citation.book_title                ? 
_citation.coordinate_linkage        ? 
_citation.country                   US 
_citation.database_id_Medline       ? 
_citation.details                   ? 
_citation.id                        primary 
_citation.journal_abbrev            'Protein Sci.' 
_citation.journal_id_ASTM           PRCIEI 
_citation.journal_id_CSD            0795 
_citation.journal_id_ISSN           1469-896X 
_citation.journal_full              ? 
_citation.journal_issue             ? 
_citation.journal_volume            33 
_citation.language                  ? 
_citation.page_first                e4930 
_citation.page_last                 e4930 
_citation.title                     
;Structural insights into peptidoglycan glycosidase EtgA binding to the inner rod protein EscI of the type III secretion system via a designed EscI-EtgA fusion protein.
;
_citation.year                      2024 
_citation.database_id_CSD           ? 
_citation.pdbx_database_id_DOI      10.1002/pro.4930 
_citation.pdbx_database_id_PubMed   38380768 
_citation.pdbx_database_id_patent   ? 
_citation.unpublished_flag          ? 
# 
loop_
_citation_author.citation_id 
_citation_author.name 
_citation_author.ordinal 
_citation_author.identifier_ORCID 
primary 'Boorman, J.'       1 ?                   
primary 'Zeng, X.'          2 ?                   
primary 'Lin, J.'           3 ?                   
primary 'van den Akker, F.' 4 0000-0001-9210-3565 
# 
loop_
_entity.id 
_entity.type 
_entity.src_method 
_entity.pdbx_description 
_entity.formula_weight 
_entity.pdbx_number_of_molecules 
_entity.pdbx_ec 
_entity.pdbx_mutation 
_entity.pdbx_fragment 
_entity.details 
1 polymer     man 'EscI inner rod protein type III secretion system,EtgA protein' 20659.199 1  ? ? 
'residues 51-87 of EscI followed by a linker and then residues 18-152 of EtgA with a C-terminal His-tag' ? 
2 non-polymer syn 'SULFATE ION'                                                   96.063    1  ? ? ? ? 
3 water       nat water                                                           18.015    55 ? ? ? ? 
# 
_entity_poly.entity_id                      1 
_entity_poly.type                           'polypeptide(L)' 
_entity_poly.nstd_linkage                   no 
_entity_poly.nstd_monomer                   no 
_entity_poly.pdbx_seq_one_letter_code       
;SAAGAAQFLDQLLPKTAGVSSPEQVLIEEIKKRHLATASGGSGGSGGSSDCFEITGKAYNIDPLILKAIAWNESKNKNGI
KSKINKNGTYDIGIMQINSSHLDLLSKFNISEDDLLNDACINISVAGYILASNIKSRGNTWDAVGAYNAGYFNTPNAVEL
RRQYAMKIYKTYTKLKNNEQIIDHHHHHH
;
_entity_poly.pdbx_seq_one_letter_code_can   
;SAAGAAQFLDQLLPKTAGVSSPEQVLIEEIKKRHLATASGGSGGSGGSSDCFEITGKAYNIDPLILKAIAWNESKNKNGI
KSKINKNGTYDIGIMQINSSHLDLLSKFNISEDDLLNDACINISVAGYILASNIKSRGNTWDAVGAYNAGYFNTPNAVEL
RRQYAMKIYKTYTKLKNNEQIIDHHHHHH
;
_entity_poly.pdbx_strand_id                 A 
_entity_poly.pdbx_target_identifier         ? 
# 
loop_
_pdbx_entity_nonpoly.entity_id 
_pdbx_entity_nonpoly.name 
_pdbx_entity_nonpoly.comp_id 
2 'SULFATE ION' SO4 
3 water         HOH 
# 
loop_
_entity_poly_seq.entity_id 
_entity_poly_seq.num 
_entity_poly_seq.mon_id 
_entity_poly_seq.hetero 
1 1   SER n 
1 2   ALA n 
1 3   ALA n 
1 4   GLY n 
1 5   ALA n 
1 6   ALA n 
1 7   GLN n 
1 8   PHE n 
1 9   LEU n 
1 10  ASP n 
1 11  GLN n 
1 12  LEU n 
1 13  LEU n 
1 14  PRO n 
1 15  LYS n 
1 16  THR n 
1 17  ALA n 
1 18  GLY n 
1 19  VAL n 
1 20  SER n 
1 21  SER n 
1 22  PRO n 
1 23  GLU n 
1 24  GLN n 
1 25  VAL n 
1 26  LEU n 
1 27  ILE n 
1 28  GLU n 
1 29  GLU n 
1 30  ILE n 
1 31  LYS n 
1 32  LYS n 
1 33  ARG n 
1 34  HIS n 
1 35  LEU n 
1 36  ALA n 
1 37  THR n 
1 38  ALA n 
1 39  SER n 
1 40  GLY n 
1 41  GLY n 
1 42  SER n 
1 43  GLY n 
1 44  GLY n 
1 45  SER n 
1 46  GLY n 
1 47  GLY n 
1 48  SER n 
1 49  SER n 
1 50  ASP n 
1 51  CYS n 
1 52  PHE n 
1 53  GLU n 
1 54  ILE n 
1 55  THR n 
1 56  GLY n 
1 57  LYS n 
1 58  ALA n 
1 59  TYR n 
1 60  ASN n 
1 61  ILE n 
1 62  ASP n 
1 63  PRO n 
1 64  LEU n 
1 65  ILE n 
1 66  LEU n 
1 67  LYS n 
1 68  ALA n 
1 69  ILE n 
1 70  ALA n 
1 71  TRP n 
1 72  ASN n 
1 73  GLU n 
1 74  SER n 
1 75  LYS n 
1 76  ASN n 
1 77  LYS n 
1 78  ASN n 
1 79  GLY n 
1 80  ILE n 
1 81  LYS n 
1 82  SER n 
1 83  LYS n 
1 84  ILE n 
1 85  ASN n 
1 86  LYS n 
1 87  ASN n 
1 88  GLY n 
1 89  THR n 
1 90  TYR n 
1 91  ASP n 
1 92  ILE n 
1 93  GLY n 
1 94  ILE n 
1 95  MET n 
1 96  GLN n 
1 97  ILE n 
1 98  ASN n 
1 99  SER n 
1 100 SER n 
1 101 HIS n 
1 102 LEU n 
1 103 ASP n 
1 104 LEU n 
1 105 LEU n 
1 106 SER n 
1 107 LYS n 
1 108 PHE n 
1 109 ASN n 
1 110 ILE n 
1 111 SER n 
1 112 GLU n 
1 113 ASP n 
1 114 ASP n 
1 115 LEU n 
1 116 LEU n 
1 117 ASN n 
1 118 ASP n 
1 119 ALA n 
1 120 CYS n 
1 121 ILE n 
1 122 ASN n 
1 123 ILE n 
1 124 SER n 
1 125 VAL n 
1 126 ALA n 
1 127 GLY n 
1 128 TYR n 
1 129 ILE n 
1 130 LEU n 
1 131 ALA n 
1 132 SER n 
1 133 ASN n 
1 134 ILE n 
1 135 LYS n 
1 136 SER n 
1 137 ARG n 
1 138 GLY n 
1 139 ASN n 
1 140 THR n 
1 141 TRP n 
1 142 ASP n 
1 143 ALA n 
1 144 VAL n 
1 145 GLY n 
1 146 ALA n 
1 147 TYR n 
1 148 ASN n 
1 149 ALA n 
1 150 GLY n 
1 151 TYR n 
1 152 PHE n 
1 153 ASN n 
1 154 THR n 
1 155 PRO n 
1 156 ASN n 
1 157 ALA n 
1 158 VAL n 
1 159 GLU n 
1 160 LEU n 
1 161 ARG n 
1 162 ARG n 
1 163 GLN n 
1 164 TYR n 
1 165 ALA n 
1 166 MET n 
1 167 LYS n 
1 168 ILE n 
1 169 TYR n 
1 170 LYS n 
1 171 THR n 
1 172 TYR n 
1 173 THR n 
1 174 LYS n 
1 175 LEU n 
1 176 LYS n 
1 177 ASN n 
1 178 ASN n 
1 179 GLU n 
1 180 GLN n 
1 181 ILE n 
1 182 ILE n 
1 183 ASP n 
1 184 HIS n 
1 185 HIS n 
1 186 HIS n 
1 187 HIS n 
1 188 HIS n 
1 189 HIS n 
# 
loop_
_entity_src_gen.entity_id 
_entity_src_gen.pdbx_src_id 
_entity_src_gen.pdbx_alt_source_flag 
_entity_src_gen.pdbx_seq_type 
_entity_src_gen.pdbx_beg_seq_num 
_entity_src_gen.pdbx_end_seq_num 
_entity_src_gen.gene_src_common_name 
_entity_src_gen.gene_src_genus 
_entity_src_gen.pdbx_gene_src_gene 
_entity_src_gen.gene_src_species 
_entity_src_gen.gene_src_strain 
_entity_src_gen.gene_src_tissue 
_entity_src_gen.gene_src_tissue_fraction 
_entity_src_gen.gene_src_details 
_entity_src_gen.pdbx_gene_src_fragment 
_entity_src_gen.pdbx_gene_src_scientific_name 
_entity_src_gen.pdbx_gene_src_ncbi_taxonomy_id 
_entity_src_gen.pdbx_gene_src_variant 
_entity_src_gen.pdbx_gene_src_cell_line 
_entity_src_gen.pdbx_gene_src_atcc 
_entity_src_gen.pdbx_gene_src_organ 
_entity_src_gen.pdbx_gene_src_organelle 
_entity_src_gen.pdbx_gene_src_cell 
_entity_src_gen.pdbx_gene_src_cellular_location 
_entity_src_gen.host_org_common_name 
_entity_src_gen.pdbx_host_org_scientific_name 
_entity_src_gen.pdbx_host_org_ncbi_taxonomy_id 
_entity_src_gen.host_org_genus 
_entity_src_gen.pdbx_host_org_gene 
_entity_src_gen.pdbx_host_org_organ 
_entity_src_gen.host_org_species 
_entity_src_gen.pdbx_host_org_tissue 
_entity_src_gen.pdbx_host_org_tissue_fraction 
_entity_src_gen.pdbx_host_org_strain 
_entity_src_gen.pdbx_host_org_variant 
_entity_src_gen.pdbx_host_org_cell_line 
_entity_src_gen.pdbx_host_org_atcc 
_entity_src_gen.pdbx_host_org_culture_collection 
_entity_src_gen.pdbx_host_org_cell 
_entity_src_gen.pdbx_host_org_organelle 
_entity_src_gen.pdbx_host_org_cellular_location 
_entity_src_gen.pdbx_host_org_vector_type 
_entity_src_gen.pdbx_host_org_vector 
_entity_src_gen.host_org_details 
_entity_src_gen.expression_system_id 
_entity_src_gen.plasmid_name 
_entity_src_gen.plasmid_details 
_entity_src_gen.pdbx_description 
1 1 sample 'Biological sequence' 1  48  ? ? 'escI, C9E67_00595' ? ? ? ? ? ? 'Escherichia coli' 562 ? ? ? ? ? ? ? ? 
'Escherichia coli' 562 ? ? ? ? ? ? ? ? ? ? ? ? ? ? ? ? ? ? ? ? ? 
1 2 sample 'Biological sequence' 49 189 ? ? etgA                ? ? ? ? ? ? 'Escherichia coli' 562 ? ? ? ? ? ? ? ? 
'Escherichia coli' 562 ? ? ? ? ? ? ? ? ? ? ? ? ? ? ? ? ? ? ? ? ? 
# 
loop_
_chem_comp.id 
_chem_comp.type 
_chem_comp.mon_nstd_flag 
_chem_comp.name 
_chem_comp.pdbx_synonyms 
_chem_comp.formula 
_chem_comp.formula_weight 
ALA 'L-peptide linking' y ALANINE         ? 'C3 H7 N O2'     89.093  
ARG 'L-peptide linking' y ARGININE        ? 'C6 H15 N4 O2 1' 175.209 
ASN 'L-peptide linking' y ASPARAGINE      ? 'C4 H8 N2 O3'    132.118 
ASP 'L-peptide linking' y 'ASPARTIC ACID' ? 'C4 H7 N O4'     133.103 
CYS 'L-peptide linking' y CYSTEINE        ? 'C3 H7 N O2 S'   121.158 
GLN 'L-peptide linking' y GLUTAMINE       ? 'C5 H10 N2 O3'   146.144 
GLU 'L-peptide linking' y 'GLUTAMIC ACID' ? 'C5 H9 N O4'     147.129 
GLY 'peptide linking'   y GLYCINE         ? 'C2 H5 N O2'     75.067  
HIS 'L-peptide linking' y HISTIDINE       ? 'C6 H10 N3 O2 1' 156.162 
HOH non-polymer         . WATER           ? 'H2 O'           18.015  
ILE 'L-peptide linking' y ISOLEUCINE      ? 'C6 H13 N O2'    131.173 
LEU 'L-peptide linking' y LEUCINE         ? 'C6 H13 N O2'    131.173 
LYS 'L-peptide linking' y LYSINE          ? 'C6 H15 N2 O2 1' 147.195 
MET 'L-peptide linking' y METHIONINE      ? 'C5 H11 N O2 S'  149.211 
PHE 'L-peptide linking' y PHENYLALANINE   ? 'C9 H11 N O2'    165.189 
PRO 'L-peptide linking' y PROLINE         ? 'C5 H9 N O2'     115.130 
SER 'L-peptide linking' y SERINE          ? 'C3 H7 N O3'     105.093 
SO4 non-polymer         . 'SULFATE ION'   ? 'O4 S -2'        96.063  
THR 'L-peptide linking' y THREONINE       ? 'C4 H9 N O3'     119.119 
TRP 'L-peptide linking' y TRYPTOPHAN      ? 'C11 H12 N2 O2'  204.225 
TYR 'L-peptide linking' y TYROSINE        ? 'C9 H11 N O3'    181.189 
VAL 'L-peptide linking' y VALINE          ? 'C5 H11 N O2'    117.146 
# 
loop_
_pdbx_poly_seq_scheme.asym_id 
_pdbx_poly_seq_scheme.entity_id 
_pdbx_poly_seq_scheme.seq_id 
_pdbx_poly_seq_scheme.mon_id 
_pdbx_poly_seq_scheme.ndb_seq_num 
_pdbx_poly_seq_scheme.pdb_seq_num 
_pdbx_poly_seq_scheme.auth_seq_num 
_pdbx_poly_seq_scheme.pdb_mon_id 
_pdbx_poly_seq_scheme.auth_mon_id 
_pdbx_poly_seq_scheme.pdb_strand_id 
_pdbx_poly_seq_scheme.pdb_ins_code 
_pdbx_poly_seq_scheme.hetero 
A 1 1   SER 1   51   ?   ?   ?   A . n 
A 1 2   ALA 2   52   ?   ?   ?   A . n 
A 1 3   ALA 3   53   ?   ?   ?   A . n 
A 1 4   GLY 4   54   ?   ?   ?   A . n 
A 1 5   ALA 5   55   ?   ?   ?   A . n 
A 1 6   ALA 6   56   56  ALA ALA A . n 
A 1 7   GLN 7   57   57  GLN GLN A . n 
A 1 8   PHE 8   58   58  PHE PHE A . n 
A 1 9   LEU 9   59   59  LEU LEU A . n 
A 1 10  ASP 10  60   60  ASP ASP A . n 
A 1 11  GLN 11  61   61  GLN GLN A . n 
A 1 12  LEU 12  62   62  LEU LEU A . n 
A 1 13  LEU 13  63   63  LEU LEU A . n 
A 1 14  PRO 14  64   64  PRO PRO A . n 
A 1 15  LYS 15  65   65  LYS LYS A . n 
A 1 16  THR 16  66   66  THR THR A . n 
A 1 17  ALA 17  67   67  ALA ALA A . n 
A 1 18  GLY 18  68   68  GLY GLY A . n 
A 1 19  VAL 19  69   69  VAL VAL A . n 
A 1 20  SER 20  70   70  SER SER A . n 
A 1 21  SER 21  71   71  SER SER A . n 
A 1 22  PRO 22  72   72  PRO PRO A . n 
A 1 23  GLU 23  73   73  GLU GLU A . n 
A 1 24  GLN 24  74   74  GLN GLN A . n 
A 1 25  VAL 25  75   75  VAL VAL A . n 
A 1 26  LEU 26  76   76  LEU LEU A . n 
A 1 27  ILE 27  77   77  ILE ILE A . n 
A 1 28  GLU 28  78   78  GLU GLU A . n 
A 1 29  GLU 29  79   79  GLU GLU A . n 
A 1 30  ILE 30  80   80  ILE ILE A . n 
A 1 31  LYS 31  81   81  LYS LYS A . n 
A 1 32  LYS 32  82   82  LYS LYS A . n 
A 1 33  ARG 33  83   83  ARG ARG A . n 
A 1 34  HIS 34  84   84  HIS HIS A . n 
A 1 35  LEU 35  85   85  LEU LEU A . n 
A 1 36  ALA 36  86   86  ALA ALA A . n 
A 1 37  THR 37  87   87  THR THR A . n 
A 1 38  ALA 38  88   88  ALA ALA A . n 
A 1 39  SER 39  89   89  SER SER A . n 
A 1 40  GLY 40  90   90  GLY GLY A . n 
A 1 41  GLY 41  91   ?   ?   ?   A . n 
A 1 42  SER 42  92   ?   ?   ?   A . n 
A 1 43  GLY 43  93   ?   ?   ?   A . n 
A 1 44  GLY 44  94   ?   ?   ?   A . n 
A 1 45  SER 45  95   ?   ?   ?   A . n 
A 1 46  GLY 46  96   ?   ?   ?   A . n 
A 1 47  GLY 47  97   ?   ?   ?   A . n 
A 1 48  SER 48  98   ?   ?   ?   A . n 
A 1 49  SER 49  1018 ?   ?   ?   A . n 
A 1 50  ASP 50  1019 19  ASP ASP A . n 
A 1 51  CYS 51  1020 20  CYS CYS A . n 
A 1 52  PHE 52  1021 21  PHE PHE A . n 
A 1 53  GLU 53  1022 22  GLU GLU A . n 
A 1 54  ILE 54  1023 23  ILE ILE A . n 
A 1 55  THR 55  1024 24  THR THR A . n 
A 1 56  GLY 56  1025 25  GLY GLY A . n 
A 1 57  LYS 57  1026 26  LYS LYS A . n 
A 1 58  ALA 58  1027 27  ALA ALA A . n 
A 1 59  TYR 59  1028 28  TYR TYR A . n 
A 1 60  ASN 60  1029 29  ASN ASN A . n 
A 1 61  ILE 61  1030 30  ILE ILE A . n 
A 1 62  ASP 62  1031 31  ASP ASP A . n 
A 1 63  PRO 63  1032 32  PRO PRO A . n 
A 1 64  LEU 64  1033 33  LEU LEU A . n 
A 1 65  ILE 65  1034 34  ILE ILE A . n 
A 1 66  LEU 66  1035 35  LEU LEU A . n 
A 1 67  LYS 67  1036 36  LYS LYS A . n 
A 1 68  ALA 68  1037 37  ALA ALA A . n 
A 1 69  ILE 69  1038 38  ILE ILE A . n 
A 1 70  ALA 70  1039 39  ALA ALA A . n 
A 1 71  TRP 71  1040 40  TRP TRP A . n 
A 1 72  ASN 72  1041 41  ASN ASN A . n 
A 1 73  GLU 73  1042 ?   ?   ?   A . n 
A 1 74  SER 74  1043 ?   ?   ?   A . n 
A 1 75  LYS 75  1044 ?   ?   ?   A . n 
A 1 76  ASN 76  1045 ?   ?   ?   A . n 
A 1 77  LYS 77  1046 ?   ?   ?   A . n 
A 1 78  ASN 78  1047 ?   ?   ?   A . n 
A 1 79  GLY 79  1048 ?   ?   ?   A . n 
A 1 80  ILE 80  1049 ?   ?   ?   A . n 
A 1 81  LYS 81  1050 ?   ?   ?   A . n 
A 1 82  SER 82  1051 ?   ?   ?   A . n 
A 1 83  LYS 83  1052 ?   ?   ?   A . n 
A 1 84  ILE 84  1053 53  ILE ILE A . n 
A 1 85  ASN 85  1054 54  ASN ASN A . n 
A 1 86  LYS 86  1055 55  LYS LYS A . n 
A 1 87  ASN 87  1056 56  ASN ASN A . n 
A 1 88  GLY 88  1057 57  GLY GLY A . n 
A 1 89  THR 89  1058 58  THR THR A . n 
A 1 90  TYR 90  1059 59  TYR TYR A . n 
A 1 91  ASP 91  1060 60  ASP ASP A . n 
A 1 92  ILE 92  1061 61  ILE ILE A . n 
A 1 93  GLY 93  1062 62  GLY GLY A . n 
A 1 94  ILE 94  1063 63  ILE ILE A . n 
A 1 95  MET 95  1064 64  MET MET A . n 
A 1 96  GLN 96  1065 65  GLN GLN A . n 
A 1 97  ILE 97  1066 66  ILE ILE A . n 
A 1 98  ASN 98  1067 67  ASN ASN A . n 
A 1 99  SER 99  1068 68  SER SER A . n 
A 1 100 SER 100 1069 69  SER SER A . n 
A 1 101 HIS 101 1070 70  HIS HIS A . n 
A 1 102 LEU 102 1071 71  LEU LEU A . n 
A 1 103 ASP 103 1072 72  ASP ASP A . n 
A 1 104 LEU 104 1073 73  LEU LEU A . n 
A 1 105 LEU 105 1074 74  LEU LEU A . n 
A 1 106 SER 106 1075 75  SER SER A . n 
A 1 107 LYS 107 1076 76  LYS LYS A . n 
A 1 108 PHE 108 1077 77  PHE PHE A . n 
A 1 109 ASN 109 1078 78  ASN ASN A . n 
A 1 110 ILE 110 1079 79  ILE ILE A . n 
A 1 111 SER 111 1080 80  SER SER A . n 
A 1 112 GLU 112 1081 81  GLU GLU A . n 
A 1 113 ASP 113 1082 82  ASP ASP A . n 
A 1 114 ASP 114 1083 83  ASP ASP A . n 
A 1 115 LEU 115 1084 84  LEU LEU A . n 
A 1 116 LEU 116 1085 85  LEU LEU A . n 
A 1 117 ASN 117 1086 86  ASN ASN A . n 
A 1 118 ASP 118 1087 87  ASP ASP A . n 
A 1 119 ALA 119 1088 88  ALA ALA A . n 
A 1 120 CYS 120 1089 89  CYS CYS A . n 
A 1 121 ILE 121 1090 90  ILE ILE A . n 
A 1 122 ASN 122 1091 91  ASN ASN A . n 
A 1 123 ILE 123 1092 92  ILE ILE A . n 
A 1 124 SER 124 1093 93  SER SER A . n 
A 1 125 VAL 125 1094 94  VAL VAL A . n 
A 1 126 ALA 126 1095 95  ALA ALA A . n 
A 1 127 GLY 127 1096 96  GLY GLY A . n 
A 1 128 TYR 128 1097 97  TYR TYR A . n 
A 1 129 ILE 129 1098 98  ILE ILE A . n 
A 1 130 LEU 130 1099 99  LEU LEU A . n 
A 1 131 ALA 131 1100 100 ALA ALA A . n 
A 1 132 SER 132 1101 101 SER SER A . n 
A 1 133 ASN 133 1102 102 ASN ASN A . n 
A 1 134 ILE 134 1103 103 ILE ILE A . n 
A 1 135 LYS 135 1104 104 LYS LYS A . n 
A 1 136 SER 136 1105 105 SER SER A . n 
A 1 137 ARG 137 1106 106 ARG ARG A . n 
A 1 138 GLY 138 1107 107 GLY GLY A . n 
A 1 139 ASN 139 1108 108 ASN ASN A . n 
A 1 140 THR 140 1109 109 THR THR A . n 
A 1 141 TRP 141 1110 110 TRP TRP A . n 
A 1 142 ASP 142 1111 111 ASP ASP A . n 
A 1 143 ALA 143 1112 112 ALA ALA A . n 
A 1 144 VAL 144 1113 113 VAL VAL A . n 
A 1 145 GLY 145 1114 114 GLY GLY A . n 
A 1 146 ALA 146 1115 115 ALA ALA A . n 
A 1 147 TYR 147 1116 116 TYR TYR A . n 
A 1 148 ASN 148 1117 117 ASN ASN A . n 
A 1 149 ALA 149 1118 118 ALA ALA A . n 
A 1 150 GLY 150 1119 ?   ?   ?   A . n 
A 1 151 TYR 151 1120 ?   ?   ?   A . n 
A 1 152 PHE 152 1121 ?   ?   ?   A . n 
A 1 153 ASN 153 1122 ?   ?   ?   A . n 
A 1 154 THR 154 1123 ?   ?   ?   A . n 
A 1 155 PRO 155 1124 ?   ?   ?   A . n 
A 1 156 ASN 156 1125 125 ASN ASN A . n 
A 1 157 ALA 157 1126 126 ALA ALA A . n 
A 1 158 VAL 158 1127 127 VAL VAL A . n 
A 1 159 GLU 159 1128 128 GLU GLU A . n 
A 1 160 LEU 160 1129 129 LEU LEU A . n 
A 1 161 ARG 161 1130 130 ARG ARG A . n 
A 1 162 ARG 162 1131 131 ARG ARG A . n 
A 1 163 GLN 163 1132 132 GLN GLN A . n 
A 1 164 TYR 164 1133 133 TYR TYR A . n 
A 1 165 ALA 165 1134 134 ALA ALA A . n 
A 1 166 MET 166 1135 135 MET MET A . n 
A 1 167 LYS 167 1136 136 LYS LYS A . n 
A 1 168 ILE 168 1137 137 ILE ILE A . n 
A 1 169 TYR 169 1138 138 TYR TYR A . n 
A 1 170 LYS 170 1139 139 LYS LYS A . n 
A 1 171 THR 171 1140 140 THR THR A . n 
A 1 172 TYR 172 1141 141 TYR TYR A . n 
A 1 173 THR 173 1142 142 THR THR A . n 
A 1 174 LYS 174 1143 143 LYS LYS A . n 
A 1 175 LEU 175 1144 144 LEU LEU A . n 
A 1 176 LYS 176 1145 145 LYS LYS A . n 
A 1 177 ASN 177 1146 146 ASN ASN A . n 
A 1 178 ASN 178 1147 147 ASN ASN A . n 
A 1 179 GLU 179 1148 148 GLU GLU A . n 
A 1 180 GLN 180 1149 149 GLN GLN A . n 
A 1 181 ILE 181 1150 150 ILE ILE A . n 
A 1 182 ILE 182 1151 151 ILE ILE A . n 
A 1 183 ASP 183 1152 152 ASP ASP A . n 
A 1 184 HIS 184 1153 ?   ?   ?   A . n 
A 1 185 HIS 185 1154 ?   ?   ?   A . n 
A 1 186 HIS 186 1155 ?   ?   ?   A . n 
A 1 187 HIS 187 1156 ?   ?   ?   A . n 
A 1 188 HIS 188 1157 ?   ?   ?   A . n 
A 1 189 HIS 189 1158 ?   ?   ?   A . n 
# 
loop_
_pdbx_nonpoly_scheme.asym_id 
_pdbx_nonpoly_scheme.entity_id 
_pdbx_nonpoly_scheme.mon_id 
_pdbx_nonpoly_scheme.ndb_seq_num 
_pdbx_nonpoly_scheme.pdb_seq_num 
_pdbx_nonpoly_scheme.auth_seq_num 
_pdbx_nonpoly_scheme.pdb_mon_id 
_pdbx_nonpoly_scheme.auth_mon_id 
_pdbx_nonpoly_scheme.pdb_strand_id 
_pdbx_nonpoly_scheme.pdb_ins_code 
B 2 SO4 1  2001 1   SO4 SO4 A . 
C 3 HOH 1  3001 13  HOH HOH A . 
C 3 HOH 2  3002 2   HOH HOH A . 
C 3 HOH 3  3003 97  HOH HOH A . 
C 3 HOH 4  3004 18  HOH HOH A . 
C 3 HOH 5  3005 12  HOH HOH A . 
C 3 HOH 6  3006 46  HOH HOH A . 
C 3 HOH 7  3007 5   HOH HOH A . 
C 3 HOH 8  3008 54  HOH HOH A . 
C 3 HOH 9  3009 113 HOH HOH A . 
C 3 HOH 10 3010 51  HOH HOH A . 
C 3 HOH 11 3011 67  HOH HOH A . 
C 3 HOH 12 3012 80  HOH HOH A . 
C 3 HOH 13 3013 31  HOH HOH A . 
C 3 HOH 14 3014 17  HOH HOH A . 
C 3 HOH 15 3015 24  HOH HOH A . 
C 3 HOH 16 3016 52  HOH HOH A . 
C 3 HOH 17 3017 99  HOH HOH A . 
C 3 HOH 18 3018 50  HOH HOH A . 
C 3 HOH 19 3019 111 HOH HOH A . 
C 3 HOH 20 3020 15  HOH HOH A . 
C 3 HOH 21 3021 1   HOH HOH A . 
C 3 HOH 22 3022 4   HOH HOH A . 
C 3 HOH 23 3023 123 HOH HOH A . 
C 3 HOH 24 3024 29  HOH HOH A . 
C 3 HOH 25 3025 27  HOH HOH A . 
C 3 HOH 26 3026 38  HOH HOH A . 
C 3 HOH 27 3027 20  HOH HOH A . 
C 3 HOH 28 3028 44  HOH HOH A . 
C 3 HOH 29 3029 122 HOH HOH A . 
C 3 HOH 30 3030 79  HOH HOH A . 
C 3 HOH 31 3031 42  HOH HOH A . 
C 3 HOH 32 3032 16  HOH HOH A . 
C 3 HOH 33 3033 25  HOH HOH A . 
C 3 HOH 34 3034 77  HOH HOH A . 
C 3 HOH 35 3035 22  HOH HOH A . 
C 3 HOH 36 3036 68  HOH HOH A . 
C 3 HOH 37 3037 81  HOH HOH A . 
C 3 HOH 38 3038 66  HOH HOH A . 
C 3 HOH 39 3039 35  HOH HOH A . 
C 3 HOH 40 3040 121 HOH HOH A . 
C 3 HOH 41 3041 98  HOH HOH A . 
C 3 HOH 42 3042 39  HOH HOH A . 
C 3 HOH 43 3043 14  HOH HOH A . 
C 3 HOH 44 3044 19  HOH HOH A . 
C 3 HOH 45 3045 41  HOH HOH A . 
C 3 HOH 46 3046 3   HOH HOH A . 
C 3 HOH 47 3047 6   HOH HOH A . 
C 3 HOH 48 3048 74  HOH HOH A . 
C 3 HOH 49 3049 21  HOH HOH A . 
C 3 HOH 50 3050 76  HOH HOH A . 
C 3 HOH 51 3051 62  HOH HOH A . 
C 3 HOH 52 3052 115 HOH HOH A . 
C 3 HOH 53 3053 116 HOH HOH A . 
C 3 HOH 54 3054 78  HOH HOH A . 
C 3 HOH 55 3055 114 HOH HOH A . 
# 
loop_
_software.citation_id 
_software.classification 
_software.compiler_name 
_software.compiler_version 
_software.contact_author 
_software.contact_author_email 
_software.date 
_software.description 
_software.dependencies 
_software.hardware 
_software.language 
_software.location 
_software.mods 
_software.name 
_software.os 
_software.os_version 
_software.type 
_software.version 
_software.pdbx_ordinal 
? refinement       ? ? ? ? ? ? ? ? ? ? ? REFMAC ? ? ? 5.8.0415 1 
? 'data scaling'   ? ? ? ? ? ? ? ? ? ? ? XDS    ? ? ? .        2 
? 'data reduction' ? ? ? ? ? ? ? ? ? ? ? XDS    ? ? ? .        3 
? phasing          ? ? ? ? ? ? ? ? ? ? ? PHASER ? ? ? .        4 
# 
_cell.angle_alpha                  90.00 
_cell.angle_alpha_esd              ? 
_cell.angle_beta                   118.19 
_cell.angle_beta_esd               ? 
_cell.angle_gamma                  90.00 
_cell.angle_gamma_esd              ? 
_cell.entry_id                     8URN 
_cell.details                      ? 
_cell.formula_units_Z              ? 
_cell.length_a                     107.629 
_cell.length_a_esd                 ? 
_cell.length_b                     29.885 
_cell.length_b_esd                 ? 
_cell.length_c                     74.564 
_cell.length_c_esd                 ? 
_cell.volume                       ? 
_cell.volume_esd                   ? 
_cell.Z_PDB                        4 
_cell.reciprocal_angle_alpha       ? 
_cell.reciprocal_angle_beta        ? 
_cell.reciprocal_angle_gamma       ? 
_cell.reciprocal_angle_alpha_esd   ? 
_cell.reciprocal_angle_beta_esd    ? 
_cell.reciprocal_angle_gamma_esd   ? 
_cell.reciprocal_length_a          ? 
_cell.reciprocal_length_b          ? 
_cell.reciprocal_length_c          ? 
_cell.reciprocal_length_a_esd      ? 
_cell.reciprocal_length_b_esd      ? 
_cell.reciprocal_length_c_esd      ? 
_cell.pdbx_unique_axis             ? 
_cell.pdbx_esd_method              ? 
# 
_symmetry.entry_id                         8URN 
_symmetry.cell_setting                     ? 
_symmetry.Int_Tables_number                5 
_symmetry.space_group_name_Hall            ? 
_symmetry.space_group_name_H-M             'C 1 2 1' 
_symmetry.pdbx_full_space_group_name_H-M   ? 
# 
_exptl.absorpt_coefficient_mu     ? 
_exptl.absorpt_correction_T_max   ? 
_exptl.absorpt_correction_T_min   ? 
_exptl.absorpt_correction_type    ? 
_exptl.absorpt_process_details    ? 
_exptl.entry_id                   8URN 
_exptl.crystals_number            1 
_exptl.details                    ? 
_exptl.method                     'X-RAY DIFFRACTION' 
_exptl.method_details             ? 
# 
_exptl_crystal.colour                       ? 
_exptl_crystal.density_diffrn               ? 
_exptl_crystal.density_Matthews             2.56 
_exptl_crystal.density_method               ? 
_exptl_crystal.density_percent_sol          51.92 
_exptl_crystal.description                  ? 
_exptl_crystal.F_000                        ? 
_exptl_crystal.id                           1 
_exptl_crystal.preparation                  ? 
_exptl_crystal.size_max                     ? 
_exptl_crystal.size_mid                     ? 
_exptl_crystal.size_min                     ? 
_exptl_crystal.size_rad                     ? 
_exptl_crystal.colour_lustre                ? 
_exptl_crystal.colour_modifier              ? 
_exptl_crystal.colour_primary               ? 
_exptl_crystal.density_meas                 ? 
_exptl_crystal.density_meas_esd             ? 
_exptl_crystal.density_meas_gt              ? 
_exptl_crystal.density_meas_lt              ? 
_exptl_crystal.density_meas_temp            ? 
_exptl_crystal.density_meas_temp_esd        ? 
_exptl_crystal.density_meas_temp_gt         ? 
_exptl_crystal.density_meas_temp_lt         ? 
_exptl_crystal.pdbx_crystal_image_url       ? 
_exptl_crystal.pdbx_crystal_image_format    ? 
_exptl_crystal.pdbx_mosaicity               ? 
_exptl_crystal.pdbx_mosaicity_esd           ? 
_exptl_crystal.pdbx_mosaic_method           ? 
_exptl_crystal.pdbx_mosaic_block_size       ? 
_exptl_crystal.pdbx_mosaic_block_size_esd   ? 
# 
_exptl_crystal_grow.apparatus       ? 
_exptl_crystal_grow.atmosphere      ? 
_exptl_crystal_grow.crystal_id      1 
_exptl_crystal_grow.details         ? 
_exptl_crystal_grow.method          'VAPOR DIFFUSION, SITTING DROP' 
_exptl_crystal_grow.method_ref      ? 
_exptl_crystal_grow.pH              4.5 
_exptl_crystal_grow.pressure        ? 
_exptl_crystal_grow.pressure_esd    ? 
_exptl_crystal_grow.seeding         ? 
_exptl_crystal_grow.seeding_ref     ? 
_exptl_crystal_grow.temp_details    ? 
_exptl_crystal_grow.temp_esd        ? 
_exptl_crystal_grow.time            ? 
_exptl_crystal_grow.pdbx_details    '0.1 M sodium acetate pH 4.5 and 2 M ammonium sulfate' 
_exptl_crystal_grow.pdbx_pH_range   ? 
_exptl_crystal_grow.temp            293 
# 
_diffrn.ambient_environment              ? 
_diffrn.ambient_temp                     100 
_diffrn.ambient_temp_details             ? 
_diffrn.ambient_temp_esd                 ? 
_diffrn.crystal_id                       1 
_diffrn.crystal_support                  ? 
_diffrn.crystal_treatment                ? 
_diffrn.details                          ? 
_diffrn.id                               1 
_diffrn.ambient_pressure                 ? 
_diffrn.ambient_pressure_esd             ? 
_diffrn.ambient_pressure_gt              ? 
_diffrn.ambient_pressure_lt              ? 
_diffrn.ambient_temp_gt                  ? 
_diffrn.ambient_temp_lt                  ? 
_diffrn.pdbx_serial_crystal_experiment   N 
# 
_diffrn_detector.details                      ? 
_diffrn_detector.detector                     PIXEL 
_diffrn_detector.diffrn_id                    1 
_diffrn_detector.type                         'DECTRIS EIGER X 9M' 
_diffrn_detector.area_resol_mean              ? 
_diffrn_detector.dtime                        ? 
_diffrn_detector.pdbx_frames_total            ? 
_diffrn_detector.pdbx_collection_time_total   ? 
_diffrn_detector.pdbx_collection_date         2022-07-11 
_diffrn_detector.pdbx_frequency               ? 
_diffrn_detector.id                           ? 
_diffrn_detector.number_of_axes               ? 
# 
_diffrn_radiation.collimation                      ? 
_diffrn_radiation.diffrn_id                        1 
_diffrn_radiation.filter_edge                      ? 
_diffrn_radiation.inhomogeneity                    ? 
_diffrn_radiation.monochromator                    ? 
_diffrn_radiation.polarisn_norm                    ? 
_diffrn_radiation.polarisn_ratio                   ? 
_diffrn_radiation.probe                            ? 
_diffrn_radiation.type                             ? 
_diffrn_radiation.xray_symbol                      ? 
_diffrn_radiation.wavelength_id                    1 
_diffrn_radiation.pdbx_monochromatic_or_laue_m_l   M 
_diffrn_radiation.pdbx_wavelength_list             ? 
_diffrn_radiation.pdbx_wavelength                  ? 
_diffrn_radiation.pdbx_diffrn_protocol             'SINGLE WAVELENGTH' 
_diffrn_radiation.pdbx_analyzer                    ? 
_diffrn_radiation.pdbx_scattering_type             x-ray 
# 
_diffrn_radiation_wavelength.id           1 
_diffrn_radiation_wavelength.wavelength   0.92010 
_diffrn_radiation_wavelength.wt           1.0 
# 
_diffrn_source.current                     ? 
_diffrn_source.details                     ? 
_diffrn_source.diffrn_id                   1 
_diffrn_source.power                       ? 
_diffrn_source.size                        ? 
_diffrn_source.source                      SYNCHROTRON 
_diffrn_source.target                      ? 
_diffrn_source.type                        'NSLS-II BEAMLINE 17-ID-1' 
_diffrn_source.voltage                     ? 
_diffrn_source.take-off_angle              ? 
_diffrn_source.pdbx_wavelength_list        0.92010 
_diffrn_source.pdbx_wavelength             ? 
_diffrn_source.pdbx_synchrotron_beamline   17-ID-1 
_diffrn_source.pdbx_synchrotron_site       NSLS-II 
# 
_reflns.B_iso_Wilson_estimate                          ? 
_reflns.entry_id                                       8URN 
_reflns.data_reduction_details                         ? 
_reflns.data_reduction_method                          ? 
_reflns.d_resolution_high                              2.01 
_reflns.d_resolution_low                               28.5 
_reflns.details                                        ? 
_reflns.limit_h_max                                    ? 
_reflns.limit_h_min                                    ? 
_reflns.limit_k_max                                    ? 
_reflns.limit_k_min                                    ? 
_reflns.limit_l_max                                    ? 
_reflns.limit_l_min                                    ? 
_reflns.number_all                                     ? 
_reflns.number_obs                                     14194 
_reflns.observed_criterion                             ? 
_reflns.observed_criterion_F_max                       ? 
_reflns.observed_criterion_F_min                       ? 
_reflns.observed_criterion_I_max                       ? 
_reflns.observed_criterion_I_min                       ? 
_reflns.observed_criterion_sigma_F                     ? 
_reflns.observed_criterion_sigma_I                     ? 
_reflns.percent_possible_obs                           99.0 
_reflns.R_free_details                                 ? 
_reflns.Rmerge_F_all                                   ? 
_reflns.Rmerge_F_obs                                   ? 
_reflns.Friedel_coverage                               ? 
_reflns.number_gt                                      ? 
_reflns.threshold_expression                           ? 
_reflns.pdbx_redundancy                                6.7 
_reflns.pdbx_netI_over_av_sigmaI                       ? 
_reflns.pdbx_netI_over_sigmaI                          11.8 
_reflns.pdbx_res_netI_over_av_sigmaI_2                 ? 
_reflns.pdbx_res_netI_over_sigmaI_2                    ? 
_reflns.pdbx_chi_squared                               ? 
_reflns.pdbx_scaling_rejects                           ? 
_reflns.pdbx_d_res_high_opt                            ? 
_reflns.pdbx_d_res_low_opt                             ? 
_reflns.pdbx_d_res_opt_method                          ? 
_reflns.phase_calculation_details                      ? 
_reflns.pdbx_Rrim_I_all                                ? 
_reflns.pdbx_Rpim_I_all                                ? 
_reflns.pdbx_d_opt                                     ? 
_reflns.pdbx_number_measured_all                       ? 
_reflns.pdbx_diffrn_id                                 1 
_reflns.pdbx_ordinal                                   1 
_reflns.pdbx_CC_half                                   0.998 
_reflns.pdbx_CC_star                                   ? 
_reflns.pdbx_R_split                                   ? 
_reflns.pdbx_Rmerge_I_obs                              0.094 
_reflns.pdbx_Rmerge_I_all                              ? 
_reflns.pdbx_Rsym_value                                ? 
_reflns.pdbx_CC_split_method                           ? 
_reflns.pdbx_aniso_diffraction_limit_axis_1_ortho[1]   ? 
_reflns.pdbx_aniso_diffraction_limit_axis_1_ortho[2]   ? 
_reflns.pdbx_aniso_diffraction_limit_axis_1_ortho[3]   ? 
_reflns.pdbx_aniso_diffraction_limit_axis_2_ortho[1]   ? 
_reflns.pdbx_aniso_diffraction_limit_axis_2_ortho[2]   ? 
_reflns.pdbx_aniso_diffraction_limit_axis_2_ortho[3]   ? 
_reflns.pdbx_aniso_diffraction_limit_axis_3_ortho[1]   ? 
_reflns.pdbx_aniso_diffraction_limit_axis_3_ortho[2]   ? 
_reflns.pdbx_aniso_diffraction_limit_axis_3_ortho[3]   ? 
_reflns.pdbx_aniso_diffraction_limit_1                 ? 
_reflns.pdbx_aniso_diffraction_limit_2                 ? 
_reflns.pdbx_aniso_diffraction_limit_3                 ? 
_reflns.pdbx_aniso_B_tensor_eigenvector_1_ortho[1]     ? 
_reflns.pdbx_aniso_B_tensor_eigenvector_1_ortho[2]     ? 
_reflns.pdbx_aniso_B_tensor_eigenvector_1_ortho[3]     ? 
_reflns.pdbx_aniso_B_tensor_eigenvector_2_ortho[1]     ? 
_reflns.pdbx_aniso_B_tensor_eigenvector_2_ortho[2]     ? 
_reflns.pdbx_aniso_B_tensor_eigenvector_2_ortho[3]     ? 
_reflns.pdbx_aniso_B_tensor_eigenvector_3_ortho[1]     ? 
_reflns.pdbx_aniso_B_tensor_eigenvector_3_ortho[2]     ? 
_reflns.pdbx_aniso_B_tensor_eigenvector_3_ortho[3]     ? 
_reflns.pdbx_aniso_B_tensor_eigenvalue_1               ? 
_reflns.pdbx_aniso_B_tensor_eigenvalue_2               ? 
_reflns.pdbx_aniso_B_tensor_eigenvalue_3               ? 
_reflns.pdbx_orthogonalization_convention              ? 
_reflns.pdbx_percent_possible_ellipsoidal              ? 
_reflns.pdbx_percent_possible_spherical                ? 
_reflns.pdbx_percent_possible_ellipsoidal_anomalous    ? 
_reflns.pdbx_percent_possible_spherical_anomalous      ? 
_reflns.pdbx_redundancy_anomalous                      ? 
_reflns.pdbx_CC_half_anomalous                         ? 
_reflns.pdbx_absDiff_over_sigma_anomalous              ? 
_reflns.pdbx_percent_possible_anomalous                ? 
_reflns.pdbx_observed_signal_threshold                 ? 
_reflns.pdbx_signal_type                               ? 
_reflns.pdbx_signal_details                            ? 
_reflns.pdbx_signal_software_id                        ? 
# 
_reflns_shell.d_res_high                                    2.01 
_reflns_shell.d_res_low                                     2.082 
_reflns_shell.meanI_over_sigI_all                           ? 
_reflns_shell.meanI_over_sigI_obs                           2.1 
_reflns_shell.number_measured_all                           ? 
_reflns_shell.number_measured_obs                           ? 
_reflns_shell.number_possible                               ? 
_reflns_shell.number_unique_all                             ? 
_reflns_shell.number_unique_obs                             905 
_reflns_shell.percent_possible_obs                          ? 
_reflns_shell.Rmerge_F_all                                  ? 
_reflns_shell.Rmerge_F_obs                                  ? 
_reflns_shell.meanI_over_sigI_gt                            ? 
_reflns_shell.meanI_over_uI_all                             ? 
_reflns_shell.meanI_over_uI_gt                              ? 
_reflns_shell.number_measured_gt                            ? 
_reflns_shell.number_unique_gt                              ? 
_reflns_shell.percent_possible_gt                           ? 
_reflns_shell.Rmerge_F_gt                                   ? 
_reflns_shell.Rmerge_I_gt                                   ? 
_reflns_shell.pdbx_redundancy                               6.5 
_reflns_shell.pdbx_chi_squared                              ? 
_reflns_shell.pdbx_netI_over_sigmaI_all                     ? 
_reflns_shell.pdbx_netI_over_sigmaI_obs                     ? 
_reflns_shell.pdbx_Rrim_I_all                               ? 
_reflns_shell.pdbx_Rpim_I_all                               ? 
_reflns_shell.pdbx_rejects                                  ? 
_reflns_shell.pdbx_ordinal                                  1 
_reflns_shell.pdbx_diffrn_id                                1 
_reflns_shell.pdbx_CC_half                                  0.709 
_reflns_shell.pdbx_CC_star                                  ? 
_reflns_shell.pdbx_R_split                                  ? 
_reflns_shell.percent_possible_all                          88.0 
_reflns_shell.Rmerge_I_all                                  ? 
_reflns_shell.Rmerge_I_obs                                  0.757 
_reflns_shell.pdbx_Rsym_value                               ? 
_reflns_shell.pdbx_percent_possible_ellipsoidal             ? 
_reflns_shell.pdbx_percent_possible_spherical               ? 
_reflns_shell.pdbx_percent_possible_ellipsoidal_anomalous   ? 
_reflns_shell.pdbx_percent_possible_spherical_anomalous     ? 
_reflns_shell.pdbx_redundancy_anomalous                     ? 
_reflns_shell.pdbx_CC_half_anomalous                        ? 
_reflns_shell.pdbx_absDiff_over_sigma_anomalous             ? 
_reflns_shell.pdbx_percent_possible_anomalous               ? 
# 
_refine.aniso_B[1][1]                            0.01 
_refine.aniso_B[1][2]                            -0.00 
_refine.aniso_B[1][3]                            -0.01 
_refine.aniso_B[2][2]                            -0.00 
_refine.aniso_B[2][3]                            0.00 
_refine.aniso_B[3][3]                            0.00 
_refine.B_iso_max                                ? 
_refine.B_iso_mean                               40.087 
_refine.B_iso_min                                ? 
_refine.correlation_coeff_Fo_to_Fc               0.959 
_refine.correlation_coeff_Fo_to_Fc_free          0.926 
_refine.details                                  'HYDROGENS HAVE BEEN ADDED IN THE RIDING POSITIONS' 
_refine.diff_density_max                         ? 
_refine.diff_density_max_esd                     ? 
_refine.diff_density_min                         ? 
_refine.diff_density_min_esd                     ? 
_refine.diff_density_rms                         ? 
_refine.diff_density_rms_esd                     ? 
_refine.entry_id                                 8URN 
_refine.pdbx_refine_id                           'X-RAY DIFFRACTION' 
_refine.ls_abs_structure_details                 ? 
_refine.ls_abs_structure_Flack                   ? 
_refine.ls_abs_structure_Flack_esd               ? 
_refine.ls_abs_structure_Rogers                  ? 
_refine.ls_abs_structure_Rogers_esd              ? 
_refine.ls_d_res_high                            2.01 
_refine.ls_d_res_low                             28.50 
_refine.ls_extinction_coef                       ? 
_refine.ls_extinction_coef_esd                   ? 
_refine.ls_extinction_expression                 ? 
_refine.ls_extinction_method                     ? 
_refine.ls_goodness_of_fit_all                   ? 
_refine.ls_goodness_of_fit_all_esd               ? 
_refine.ls_goodness_of_fit_obs                   ? 
_refine.ls_goodness_of_fit_obs_esd               ? 
_refine.ls_hydrogen_treatment                    ? 
_refine.ls_matrix_type                           ? 
_refine.ls_number_constraints                    ? 
_refine.ls_number_parameters                     ? 
_refine.ls_number_reflns_all                     ? 
_refine.ls_number_reflns_obs                     13531 
_refine.ls_number_reflns_R_free                  660 
_refine.ls_number_reflns_R_work                  ? 
_refine.ls_number_restraints                     ? 
_refine.ls_percent_reflns_obs                    99.04 
_refine.ls_percent_reflns_R_free                 4.7 
_refine.ls_R_factor_all                          ? 
_refine.ls_R_factor_obs                          0.19145 
_refine.ls_R_factor_R_free                       0.24472 
_refine.ls_R_factor_R_free_error                 ? 
_refine.ls_R_factor_R_free_error_details         ? 
_refine.ls_R_factor_R_work                       0.18897 
_refine.ls_R_Fsqd_factor_obs                     ? 
_refine.ls_R_I_factor_obs                        ? 
_refine.ls_redundancy_reflns_all                 ? 
_refine.ls_redundancy_reflns_obs                 ? 
_refine.ls_restrained_S_all                      ? 
_refine.ls_restrained_S_obs                      ? 
_refine.ls_shift_over_esd_max                    ? 
_refine.ls_shift_over_esd_mean                   ? 
_refine.ls_structure_factor_coef                 ? 
_refine.ls_weighting_details                     ? 
_refine.ls_weighting_scheme                      ? 
_refine.ls_wR_factor_all                         ? 
_refine.ls_wR_factor_obs                         ? 
_refine.ls_wR_factor_R_free                      ? 
_refine.ls_wR_factor_R_work                      ? 
_refine.occupancy_max                            ? 
_refine.occupancy_min                            ? 
_refine.solvent_model_details                    MASK 
_refine.solvent_model_param_bsol                 ? 
_refine.solvent_model_param_ksol                 ? 
_refine.pdbx_R_complete                          ? 
_refine.ls_R_factor_gt                           ? 
_refine.ls_goodness_of_fit_gt                    ? 
_refine.ls_goodness_of_fit_ref                   ? 
_refine.ls_shift_over_su_max                     ? 
_refine.ls_shift_over_su_max_lt                  ? 
_refine.ls_shift_over_su_mean                    ? 
_refine.ls_shift_over_su_mean_lt                 ? 
_refine.pdbx_ls_sigma_I                          ? 
_refine.pdbx_ls_sigma_F                          ? 
_refine.pdbx_ls_sigma_Fsqd                       ? 
_refine.pdbx_data_cutoff_high_absF               ? 
_refine.pdbx_data_cutoff_high_rms_absF           ? 
_refine.pdbx_data_cutoff_low_absF                ? 
_refine.pdbx_isotropic_thermal_model             ? 
_refine.pdbx_ls_cross_valid_method               THROUGHOUT 
_refine.pdbx_method_to_determine_struct          'MOLECULAR REPLACEMENT' 
_refine.pdbx_starting_model                      ? 
_refine.pdbx_stereochemistry_target_values       'MAXIMUM LIKELIHOOD' 
_refine.pdbx_R_Free_selection_details            RANDOM 
_refine.pdbx_stereochem_target_val_spec_case     ? 
_refine.pdbx_overall_ESU_R                       0.150 
_refine.pdbx_overall_ESU_R_Free                  0.154 
_refine.pdbx_solvent_vdw_probe_radii             1.20 
_refine.pdbx_solvent_ion_probe_radii             0.80 
_refine.pdbx_solvent_shrinkage_radii             0.80 
_refine.pdbx_real_space_R                        ? 
_refine.pdbx_density_correlation                 ? 
_refine.pdbx_pd_number_of_powder_patterns        ? 
_refine.pdbx_pd_number_of_points                 ? 
_refine.pdbx_pd_meas_number_of_points            ? 
_refine.pdbx_pd_proc_ls_prof_R_factor            ? 
_refine.pdbx_pd_proc_ls_prof_wR_factor           ? 
_refine.pdbx_pd_Marquardt_correlation_coeff      ? 
_refine.pdbx_pd_Fsqrd_R_factor                   ? 
_refine.pdbx_pd_ls_matrix_band_width             ? 
_refine.pdbx_overall_phase_error                 ? 
_refine.pdbx_overall_SU_R_free_Cruickshank_DPI   ? 
_refine.pdbx_overall_SU_R_free_Blow_DPI          ? 
_refine.pdbx_overall_SU_R_Blow_DPI               ? 
_refine.pdbx_TLS_residual_ADP_flag               ? 
_refine.pdbx_diffrn_id                           1 
_refine.overall_SU_B                             3.870 
_refine.overall_SU_ML                            0.106 
_refine.overall_SU_R_Cruickshank_DPI             ? 
_refine.overall_SU_R_free                        ? 
_refine.overall_FOM_free_R_set                   ? 
_refine.overall_FOM_work_R_set                   ? 
_refine.pdbx_average_fsc_overall                 ? 
_refine.pdbx_average_fsc_work                    ? 
_refine.pdbx_average_fsc_free                    ? 
# 
_refine_hist.pdbx_refine_id                   'X-RAY DIFFRACTION' 
_refine_hist.cycle_id                         1 
_refine_hist.details                          ? 
_refine_hist.d_res_high                       2.01 
_refine_hist.d_res_low                        28.50 
_refine_hist.number_atoms_solvent             55 
_refine_hist.number_atoms_total               1251 
_refine_hist.number_reflns_all                ? 
_refine_hist.number_reflns_obs                ? 
_refine_hist.number_reflns_R_free             ? 
_refine_hist.number_reflns_R_work             ? 
_refine_hist.R_factor_all                     ? 
_refine_hist.R_factor_obs                     ? 
_refine_hist.R_factor_R_free                  ? 
_refine_hist.R_factor_R_work                  ? 
_refine_hist.pdbx_number_residues_total       ? 
_refine_hist.pdbx_B_iso_mean_ligand           ? 
_refine_hist.pdbx_B_iso_mean_solvent          ? 
_refine_hist.pdbx_number_atoms_protein        1191 
_refine_hist.pdbx_number_atoms_nucleic_acid   0 
_refine_hist.pdbx_number_atoms_ligand         5 
_refine_hist.pdbx_number_atoms_lipid          ? 
_refine_hist.pdbx_number_atoms_carb           ? 
_refine_hist.pdbx_pseudo_atom_details         ? 
# 
loop_
_refine_ls_restr.pdbx_refine_id 
_refine_ls_restr.criterion 
_refine_ls_restr.dev_ideal 
_refine_ls_restr.dev_ideal_target 
_refine_ls_restr.number 
_refine_ls_restr.rejects 
_refine_ls_restr.type 
_refine_ls_restr.weight 
_refine_ls_restr.pdbx_restraint_function 
'X-RAY DIFFRACTION' ? 0.007  0.012  1238 ? r_bond_refined_d             ? ? 
'X-RAY DIFFRACTION' ? 0.001  0.016  1210 ? r_bond_other_d               ? ? 
'X-RAY DIFFRACTION' ? 1.459  1.642  1677 ? r_angle_refined_deg          ? ? 
'X-RAY DIFFRACTION' ? 0.498  1.582  2780 ? r_angle_other_deg            ? ? 
'X-RAY DIFFRACTION' ? 6.324  5.000  154  ? r_dihedral_angle_1_deg       ? ? 
'X-RAY DIFFRACTION' ? 5.835  5.000  5    ? r_dihedral_angle_2_deg       ? ? 
'X-RAY DIFFRACTION' ? 13.925 10.000 226  ? r_dihedral_angle_3_deg       ? ? 
'X-RAY DIFFRACTION' ? ?      ?      ?    ? r_dihedral_angle_4_deg       ? ? 
'X-RAY DIFFRACTION' ? 0.079  0.200  194  ? r_chiral_restr               ? ? 
'X-RAY DIFFRACTION' ? 0.008  0.020  1448 ? r_gen_planes_refined         ? ? 
'X-RAY DIFFRACTION' ? 0.001  0.020  276  ? r_gen_planes_other           ? ? 
'X-RAY DIFFRACTION' ? ?      ?      ?    ? r_nbd_refined                ? ? 
'X-RAY DIFFRACTION' ? ?      ?      ?    ? r_nbd_other                  ? ? 
'X-RAY DIFFRACTION' ? ?      ?      ?    ? r_nbtor_refined              ? ? 
'X-RAY DIFFRACTION' ? ?      ?      ?    ? r_nbtor_other                ? ? 
'X-RAY DIFFRACTION' ? ?      ?      ?    ? r_xyhbond_nbd_refined        ? ? 
'X-RAY DIFFRACTION' ? ?      ?      ?    ? r_xyhbond_nbd_other          ? ? 
'X-RAY DIFFRACTION' ? ?      ?      ?    ? r_metal_ion_refined          ? ? 
'X-RAY DIFFRACTION' ? ?      ?      ?    ? r_metal_ion_other            ? ? 
'X-RAY DIFFRACTION' ? ?      ?      ?    ? r_symmetry_vdw_refined       ? ? 
'X-RAY DIFFRACTION' ? ?      ?      ?    ? r_symmetry_vdw_other         ? ? 
'X-RAY DIFFRACTION' ? ?      ?      ?    ? r_symmetry_hbond_refined     ? ? 
'X-RAY DIFFRACTION' ? ?      ?      ?    ? r_symmetry_hbond_other       ? ? 
'X-RAY DIFFRACTION' ? ?      ?      ?    ? r_symmetry_metal_ion_refined ? ? 
'X-RAY DIFFRACTION' ? ?      ?      ?    ? r_symmetry_metal_ion_other   ? ? 
'X-RAY DIFFRACTION' ? 3.694  3.736  616  ? r_mcbond_it                  ? ? 
'X-RAY DIFFRACTION' ? 3.680  3.729  615  ? r_mcbond_other               ? ? 
'X-RAY DIFFRACTION' ? 4.725  6.646  767  ? r_mcangle_it                 ? ? 
'X-RAY DIFFRACTION' ? 4.734  6.651  768  ? r_mcangle_other              ? ? 
'X-RAY DIFFRACTION' ? 5.438  4.426  622  ? r_scbond_it                  ? ? 
'X-RAY DIFFRACTION' ? 5.378  4.431  619  ? r_scbond_other               ? ? 
'X-RAY DIFFRACTION' ? ?      ?      ?    ? r_scangle_it                 ? ? 
'X-RAY DIFFRACTION' ? 8.024  7.834  904  ? r_scangle_other              ? ? 
'X-RAY DIFFRACTION' ? 9.356  37.62  1487 ? r_long_range_B_refined       ? ? 
'X-RAY DIFFRACTION' ? 9.354  37.82  1478 ? r_long_range_B_other         ? ? 
'X-RAY DIFFRACTION' ? ?      ?      ?    ? r_rigid_bond_restr           ? ? 
'X-RAY DIFFRACTION' ? ?      ?      ?    ? r_sphericity_free            ? ? 
'X-RAY DIFFRACTION' ? ?      ?      ?    ? r_sphericity_bonded          ? ? 
# 
_refine_ls_shell.pdbx_refine_id                   'X-RAY DIFFRACTION' 
_refine_ls_shell.d_res_high                       2.01 
_refine_ls_shell.d_res_low                        2.061 
_refine_ls_shell.number_reflns_all                ? 
_refine_ls_shell.number_reflns_obs                ? 
_refine_ls_shell.number_reflns_R_free             39 
_refine_ls_shell.number_reflns_R_work             876 
_refine_ls_shell.percent_reflns_obs               88.75 
_refine_ls_shell.percent_reflns_R_free            ? 
_refine_ls_shell.R_factor_all                     ? 
_refine_ls_shell.R_factor_obs                     ? 
_refine_ls_shell.R_factor_R_free_error            ? 
_refine_ls_shell.R_factor_R_work                  0.254 
_refine_ls_shell.redundancy_reflns_all            ? 
_refine_ls_shell.redundancy_reflns_obs            ? 
_refine_ls_shell.wR_factor_all                    ? 
_refine_ls_shell.wR_factor_obs                    ? 
_refine_ls_shell.wR_factor_R_free                 ? 
_refine_ls_shell.wR_factor_R_work                 ? 
_refine_ls_shell.pdbx_R_complete                  ? 
_refine_ls_shell.pdbx_total_number_of_bins_used   ? 
_refine_ls_shell.pdbx_phase_error                 ? 
_refine_ls_shell.pdbx_fsc_work                    ? 
_refine_ls_shell.pdbx_fsc_free                    ? 
_refine_ls_shell.R_factor_R_free                  0.288 
# 
_struct.entry_id                     8URN 
_struct.title                        'Crystal structure of EscI(51-87)-linker-EtgA(18-152) fusion protein' 
_struct.pdbx_model_details           ? 
_struct.pdbx_formula_weight          ? 
_struct.pdbx_formula_weight_method   ? 
_struct.pdbx_model_type_details      ? 
_struct.pdbx_CASP_flag               N 
# 
_struct_keywords.entry_id        8URN 
_struct_keywords.text            'Peptidoglycan glycosidase, type III secretion system, inner rod protein, HYDROLASE' 
_struct_keywords.pdbx_keywords   HYDROLASE 
# 
loop_
_struct_asym.id 
_struct_asym.pdbx_blank_PDB_chainid_flag 
_struct_asym.pdbx_modified 
_struct_asym.entity_id 
_struct_asym.details 
A N N 1 ? 
B N N 2 ? 
C N N 3 ? 
# 
loop_
_struct_ref.id 
_struct_ref.db_name 
_struct_ref.db_code 
_struct_ref.pdbx_db_accession 
_struct_ref.pdbx_db_isoform 
_struct_ref.entity_id 
_struct_ref.pdbx_seq_one_letter_code 
_struct_ref.pdbx_align_begin 
1 UNP O85634_ECOLX O85634 ? 1 SAAGAAQFLDQLLPKTAGVSSPEQVLIEEIKKRHLAT 51 
2 UNP C7BUG6_ECOLX C7BUG6 ? 1 
;SDCFEITGKAYNIDPLILKAIAWNESKNKNGIKSKINKNGTYDIGIMQINSSHLDLLSKFNISEDDLLNDACINISVAGY
ILASNIKSRGNTWDAVGAYNAGYFNTPNAVELRRQYAMKIYKTYTKLKNNEQIID
;
18 
# 
loop_
_struct_ref_seq.align_id 
_struct_ref_seq.ref_id 
_struct_ref_seq.pdbx_PDB_id_code 
_struct_ref_seq.pdbx_strand_id 
_struct_ref_seq.seq_align_beg 
_struct_ref_seq.pdbx_seq_align_beg_ins_code 
_struct_ref_seq.seq_align_end 
_struct_ref_seq.pdbx_seq_align_end_ins_code 
_struct_ref_seq.pdbx_db_accession 
_struct_ref_seq.db_align_beg 
_struct_ref_seq.pdbx_db_align_beg_ins_code 
_struct_ref_seq.db_align_end 
_struct_ref_seq.pdbx_db_align_end_ins_code 
_struct_ref_seq.pdbx_auth_seq_align_beg 
_struct_ref_seq.pdbx_auth_seq_align_end 
1 1 8URN A 1  ? 37  ? O85634 51 ? 87  ? 51   87   
2 2 8URN A 49 ? 183 ? C7BUG6 18 ? 152 ? 1018 1152 
# 
loop_
_struct_ref_seq_dif.align_id 
_struct_ref_seq_dif.pdbx_pdb_id_code 
_struct_ref_seq_dif.mon_id 
_struct_ref_seq_dif.pdbx_pdb_strand_id 
_struct_ref_seq_dif.seq_num 
_struct_ref_seq_dif.pdbx_pdb_ins_code 
_struct_ref_seq_dif.pdbx_seq_db_name 
_struct_ref_seq_dif.pdbx_seq_db_accession_code 
_struct_ref_seq_dif.db_mon_id 
_struct_ref_seq_dif.pdbx_seq_db_seq_num 
_struct_ref_seq_dif.details 
_struct_ref_seq_dif.pdbx_auth_seq_num 
_struct_ref_seq_dif.pdbx_ordinal 
1 8URN ALA A 38  ? UNP O85634 ? ? linker           88   1  
1 8URN SER A 39  ? UNP O85634 ? ? linker           89   2  
1 8URN GLY A 40  ? UNP O85634 ? ? linker           90   3  
1 8URN GLY A 41  ? UNP O85634 ? ? linker           91   4  
1 8URN SER A 42  ? UNP O85634 ? ? linker           92   5  
1 8URN GLY A 43  ? UNP O85634 ? ? linker           93   6  
1 8URN GLY A 44  ? UNP O85634 ? ? linker           94   7  
1 8URN SER A 45  ? UNP O85634 ? ? linker           95   8  
1 8URN GLY A 46  ? UNP O85634 ? ? linker           96   9  
1 8URN GLY A 47  ? UNP O85634 ? ? linker           97   10 
1 8URN SER A 48  ? UNP O85634 ? ? linker           98   11 
2 8URN HIS A 184 ? UNP C7BUG6 ? ? 'expression tag' 1153 12 
2 8URN HIS A 185 ? UNP C7BUG6 ? ? 'expression tag' 1154 13 
2 8URN HIS A 186 ? UNP C7BUG6 ? ? 'expression tag' 1155 14 
2 8URN HIS A 187 ? UNP C7BUG6 ? ? 'expression tag' 1156 15 
2 8URN HIS A 188 ? UNP C7BUG6 ? ? 'expression tag' 1157 16 
2 8URN HIS A 189 ? UNP C7BUG6 ? ? 'expression tag' 1158 17 
# 
_pdbx_struct_assembly.id                   1 
_pdbx_struct_assembly.details              author_defined_assembly 
_pdbx_struct_assembly.method_details       ? 
_pdbx_struct_assembly.oligomeric_details   monomeric 
_pdbx_struct_assembly.oligomeric_count     1 
# 
_pdbx_struct_assembly_gen.assembly_id       1 
_pdbx_struct_assembly_gen.oper_expression   1 
_pdbx_struct_assembly_gen.asym_id_list      A,B,C 
# 
_pdbx_struct_oper_list.id                   1 
_pdbx_struct_oper_list.type                 'identity operation' 
_pdbx_struct_oper_list.name                 1_555 
_pdbx_struct_oper_list.symmetry_operation   x,y,z 
_pdbx_struct_oper_list.matrix[1][1]         1.0000000000 
_pdbx_struct_oper_list.matrix[1][2]         0.0000000000 
_pdbx_struct_oper_list.matrix[1][3]         0.0000000000 
_pdbx_struct_oper_list.vector[1]            0.0000000000 
_pdbx_struct_oper_list.matrix[2][1]         0.0000000000 
_pdbx_struct_oper_list.matrix[2][2]         1.0000000000 
_pdbx_struct_oper_list.matrix[2][3]         0.0000000000 
_pdbx_struct_oper_list.vector[2]            0.0000000000 
_pdbx_struct_oper_list.matrix[3][1]         0.0000000000 
_pdbx_struct_oper_list.matrix[3][2]         0.0000000000 
_pdbx_struct_oper_list.matrix[3][3]         1.0000000000 
_pdbx_struct_oper_list.vector[3]            0.0000000000 
# 
loop_
_struct_conf.conf_type_id 
_struct_conf.id 
_struct_conf.pdbx_PDB_helix_id 
_struct_conf.beg_label_comp_id 
_struct_conf.beg_label_asym_id 
_struct_conf.beg_label_seq_id 
_struct_conf.pdbx_beg_PDB_ins_code 
_struct_conf.end_label_comp_id 
_struct_conf.end_label_asym_id 
_struct_conf.end_label_seq_id 
_struct_conf.pdbx_end_PDB_ins_code 
_struct_conf.beg_auth_comp_id 
_struct_conf.beg_auth_asym_id 
_struct_conf.beg_auth_seq_id 
_struct_conf.end_auth_comp_id 
_struct_conf.end_auth_asym_id 
_struct_conf.end_auth_seq_id 
_struct_conf.pdbx_PDB_helix_class 
_struct_conf.details 
_struct_conf.pdbx_PDB_helix_length 
HELX_P HELX_P1 AA1 GLN A 7   ? GLN A 11  ? GLN A 57   GLN A 61   5 ? 5  
HELX_P HELX_P2 AA2 SER A 21  ? SER A 39  ? SER A 71   SER A 89   1 ? 19 
HELX_P HELX_P3 AA3 CYS A 51  ? ASN A 60  ? CYS A 1020 ASN A 1029 1 ? 10 
HELX_P HELX_P4 AA4 ASP A 62  ? ASN A 72  ? ASP A 1031 ASN A 1041 1 ? 11 
HELX_P HELX_P5 AA5 HIS A 101 ? LYS A 107 ? HIS A 1070 LYS A 1076 1 ? 7  
HELX_P HELX_P6 AA6 SER A 111 ? ASP A 118 ? SER A 1080 ASP A 1087 1 ? 8  
HELX_P HELX_P7 AA7 ASP A 118 ? GLY A 138 ? ASP A 1087 GLY A 1107 1 ? 21 
HELX_P HELX_P8 AA8 THR A 140 ? ALA A 149 ? THR A 1109 ALA A 1118 1 ? 10 
HELX_P HELX_P9 AA9 ALA A 157 ? ILE A 182 ? ALA A 1126 ILE A 1151 1 ? 26 
# 
_struct_conf_type.id          HELX_P 
_struct_conf_type.criteria    ? 
_struct_conf_type.reference   ? 
# 
_struct_conn.id                            disulf1 
_struct_conn.conn_type_id                  disulf 
_struct_conn.pdbx_leaving_atom_flag        ? 
_struct_conn.pdbx_PDB_id                   ? 
_struct_conn.ptnr1_label_asym_id           A 
_struct_conn.ptnr1_label_comp_id           CYS 
_struct_conn.ptnr1_label_seq_id            51 
_struct_conn.ptnr1_label_atom_id           SG 
_struct_conn.pdbx_ptnr1_label_alt_id       ? 
_struct_conn.pdbx_ptnr1_PDB_ins_code       ? 
_struct_conn.pdbx_ptnr1_standard_comp_id   ? 
_struct_conn.ptnr1_symmetry                1_555 
_struct_conn.ptnr2_label_asym_id           A 
_struct_conn.ptnr2_label_comp_id           CYS 
_struct_conn.ptnr2_label_seq_id            120 
_struct_conn.ptnr2_label_atom_id           SG 
_struct_conn.pdbx_ptnr2_label_alt_id       ? 
_struct_conn.pdbx_ptnr2_PDB_ins_code       ? 
_struct_conn.ptnr1_auth_asym_id            A 
_struct_conn.ptnr1_auth_comp_id            CYS 
_struct_conn.ptnr1_auth_seq_id             1020 
_struct_conn.ptnr2_auth_asym_id            A 
_struct_conn.ptnr2_auth_comp_id            CYS 
_struct_conn.ptnr2_auth_seq_id             1089 
_struct_conn.ptnr2_symmetry                1_555 
_struct_conn.pdbx_ptnr3_label_atom_id      ? 
_struct_conn.pdbx_ptnr3_label_seq_id       ? 
_struct_conn.pdbx_ptnr3_label_comp_id      ? 
_struct_conn.pdbx_ptnr3_label_asym_id      ? 
_struct_conn.pdbx_ptnr3_label_alt_id       ? 
_struct_conn.pdbx_ptnr3_PDB_ins_code       ? 
_struct_conn.details                       ? 
_struct_conn.pdbx_dist_value               2.045 
_struct_conn.pdbx_value_order              ? 
_struct_conn.pdbx_role                     ? 
# 
_struct_conn_type.id          disulf 
_struct_conn_type.criteria    ? 
_struct_conn_type.reference   ? 
# 
_pdbx_modification_feature.ordinal                            1 
_pdbx_modification_feature.label_comp_id                      CYS 
_pdbx_modification_feature.label_asym_id                      A 
_pdbx_modification_feature.label_seq_id                       51 
_pdbx_modification_feature.label_alt_id                       ? 
_pdbx_modification_feature.modified_residue_label_comp_id     CYS 
_pdbx_modification_feature.modified_residue_label_asym_id     A 
_pdbx_modification_feature.modified_residue_label_seq_id      120 
_pdbx_modification_feature.modified_residue_label_alt_id      ? 
_pdbx_modification_feature.auth_comp_id                       CYS 
_pdbx_modification_feature.auth_asym_id                       A 
_pdbx_modification_feature.auth_seq_id                        1020 
_pdbx_modification_feature.PDB_ins_code                       ? 
_pdbx_modification_feature.symmetry                           1_555 
_pdbx_modification_feature.modified_residue_auth_comp_id      CYS 
_pdbx_modification_feature.modified_residue_auth_asym_id      A 
_pdbx_modification_feature.modified_residue_auth_seq_id       1089 
_pdbx_modification_feature.modified_residue_PDB_ins_code      ? 
_pdbx_modification_feature.modified_residue_symmetry          1_555 
_pdbx_modification_feature.comp_id_linking_atom               SG 
_pdbx_modification_feature.modified_residue_id_linking_atom   SG 
_pdbx_modification_feature.modified_residue_id                . 
_pdbx_modification_feature.ref_pcm_id                         . 
_pdbx_modification_feature.ref_comp_id                        . 
_pdbx_modification_feature.type                               None 
_pdbx_modification_feature.category                           'Disulfide bridge' 
# 
_struct_sheet.id               AA1 
_struct_sheet.type             ? 
_struct_sheet.number_strands   2 
_struct_sheet.details          ? 
# 
_struct_sheet_order.sheet_id     AA1 
_struct_sheet_order.range_id_1   1 
_struct_sheet_order.range_id_2   2 
_struct_sheet_order.offset       ? 
_struct_sheet_order.sense        anti-parallel 
# 
loop_
_struct_sheet_range.sheet_id 
_struct_sheet_range.id 
_struct_sheet_range.beg_label_comp_id 
_struct_sheet_range.beg_label_asym_id 
_struct_sheet_range.beg_label_seq_id 
_struct_sheet_range.pdbx_beg_PDB_ins_code 
_struct_sheet_range.end_label_comp_id 
_struct_sheet_range.end_label_asym_id 
_struct_sheet_range.end_label_seq_id 
_struct_sheet_range.pdbx_end_PDB_ins_code 
_struct_sheet_range.beg_auth_comp_id 
_struct_sheet_range.beg_auth_asym_id 
_struct_sheet_range.beg_auth_seq_id 
_struct_sheet_range.end_auth_comp_id 
_struct_sheet_range.end_auth_asym_id 
_struct_sheet_range.end_auth_seq_id 
AA1 1 ASP A 91 ? ILE A 92 ? ASP A 1060 ILE A 1061 
AA1 2 ILE A 97 ? ASN A 98 ? ILE A 1066 ASN A 1067 
# 
_pdbx_struct_sheet_hbond.sheet_id                AA1 
_pdbx_struct_sheet_hbond.range_id_1              1 
_pdbx_struct_sheet_hbond.range_id_2              2 
_pdbx_struct_sheet_hbond.range_1_label_atom_id   N 
_pdbx_struct_sheet_hbond.range_1_label_comp_id   ILE 
_pdbx_struct_sheet_hbond.range_1_label_asym_id   A 
_pdbx_struct_sheet_hbond.range_1_label_seq_id    92 
_pdbx_struct_sheet_hbond.range_1_PDB_ins_code    ? 
_pdbx_struct_sheet_hbond.range_1_auth_atom_id    N 
_pdbx_struct_sheet_hbond.range_1_auth_comp_id    ILE 
_pdbx_struct_sheet_hbond.range_1_auth_asym_id    A 
_pdbx_struct_sheet_hbond.range_1_auth_seq_id     1061 
_pdbx_struct_sheet_hbond.range_2_label_atom_id   O 
_pdbx_struct_sheet_hbond.range_2_label_comp_id   ILE 
_pdbx_struct_sheet_hbond.range_2_label_asym_id   A 
_pdbx_struct_sheet_hbond.range_2_label_seq_id    97 
_pdbx_struct_sheet_hbond.range_2_PDB_ins_code    ? 
_pdbx_struct_sheet_hbond.range_2_auth_atom_id    O 
_pdbx_struct_sheet_hbond.range_2_auth_comp_id    ILE 
_pdbx_struct_sheet_hbond.range_2_auth_asym_id    A 
_pdbx_struct_sheet_hbond.range_2_auth_seq_id     1066 
# 
_pdbx_entry_details.entry_id                   8URN 
_pdbx_entry_details.has_ligand_of_interest     N 
_pdbx_entry_details.compound_details           ? 
_pdbx_entry_details.source_details             ? 
_pdbx_entry_details.nonpolymer_details         ? 
_pdbx_entry_details.sequence_details           ? 
_pdbx_entry_details.has_protein_modification   Y 
# 
_pdbx_validate_torsion.id              1 
_pdbx_validate_torsion.PDB_model_num   1 
_pdbx_validate_torsion.auth_comp_id    ASN 
_pdbx_validate_torsion.auth_asym_id    A 
_pdbx_validate_torsion.auth_seq_id     1117 
_pdbx_validate_torsion.PDB_ins_code    ? 
_pdbx_validate_torsion.label_alt_id    ? 
_pdbx_validate_torsion.phi             -79.38 
_pdbx_validate_torsion.psi             -81.89 
# 
loop_
_pdbx_unobs_or_zero_occ_residues.id 
_pdbx_unobs_or_zero_occ_residues.PDB_model_num 
_pdbx_unobs_or_zero_occ_residues.polymer_flag 
_pdbx_unobs_or_zero_occ_residues.occupancy_flag 
_pdbx_unobs_or_zero_occ_residues.auth_asym_id 
_pdbx_unobs_or_zero_occ_residues.auth_comp_id 
_pdbx_unobs_or_zero_occ_residues.auth_seq_id 
_pdbx_unobs_or_zero_occ_residues.PDB_ins_code 
_pdbx_unobs_or_zero_occ_residues.label_asym_id 
_pdbx_unobs_or_zero_occ_residues.label_comp_id 
_pdbx_unobs_or_zero_occ_residues.label_seq_id 
1  1 Y 1 A SER 51   ? A SER 1   
2  1 Y 1 A ALA 52   ? A ALA 2   
3  1 Y 1 A ALA 53   ? A ALA 3   
4  1 Y 1 A GLY 54   ? A GLY 4   
5  1 Y 1 A ALA 55   ? A ALA 5   
6  1 Y 1 A GLY 91   ? A GLY 41  
7  1 Y 1 A SER 92   ? A SER 42  
8  1 Y 1 A GLY 93   ? A GLY 43  
9  1 Y 1 A GLY 94   ? A GLY 44  
10 1 Y 1 A SER 95   ? A SER 45  
11 1 Y 1 A GLY 96   ? A GLY 46  
12 1 Y 1 A GLY 97   ? A GLY 47  
13 1 Y 1 A SER 98   ? A SER 48  
14 1 Y 1 A SER 1018 ? A SER 49  
15 1 Y 1 A GLU 1042 ? A GLU 73  
16 1 Y 1 A SER 1043 ? A SER 74  
17 1 Y 1 A LYS 1044 ? A LYS 75  
18 1 Y 1 A ASN 1045 ? A ASN 76  
19 1 Y 1 A LYS 1046 ? A LYS 77  
20 1 Y 1 A ASN 1047 ? A ASN 78  
21 1 Y 1 A GLY 1048 ? A GLY 79  
22 1 Y 1 A ILE 1049 ? A ILE 80  
23 1 Y 1 A LYS 1050 ? A LYS 81  
24 1 Y 1 A SER 1051 ? A SER 82  
25 1 Y 1 A LYS 1052 ? A LYS 83  
26 1 Y 1 A GLY 1119 ? A GLY 150 
27 1 Y 1 A TYR 1120 ? A TYR 151 
28 1 Y 1 A PHE 1121 ? A PHE 152 
29 1 Y 1 A ASN 1122 ? A ASN 153 
30 1 Y 1 A THR 1123 ? A THR 154 
31 1 Y 1 A PRO 1124 ? A PRO 155 
32 1 Y 1 A HIS 1153 ? A HIS 184 
33 1 Y 1 A HIS 1154 ? A HIS 185 
34 1 Y 1 A HIS 1155 ? A HIS 186 
35 1 Y 1 A HIS 1156 ? A HIS 187 
36 1 Y 1 A HIS 1157 ? A HIS 188 
37 1 Y 1 A HIS 1158 ? A HIS 189 
# 
loop_
_chem_comp_atom.comp_id 
_chem_comp_atom.atom_id 
_chem_comp_atom.type_symbol 
_chem_comp_atom.pdbx_aromatic_flag 
_chem_comp_atom.pdbx_stereo_config 
_chem_comp_atom.pdbx_ordinal 
ALA N    N N N 1   
ALA CA   C N S 2   
ALA C    C N N 3   
ALA O    O N N 4   
ALA CB   C N N 5   
ALA OXT  O N N 6   
ALA H    H N N 7   
ALA H2   H N N 8   
ALA HA   H N N 9   
ALA HB1  H N N 10  
ALA HB2  H N N 11  
ALA HB3  H N N 12  
ALA HXT  H N N 13  
ARG N    N N N 14  
ARG CA   C N S 15  
ARG C    C N N 16  
ARG O    O N N 17  
ARG CB   C N N 18  
ARG CG   C N N 19  
ARG CD   C N N 20  
ARG NE   N N N 21  
ARG CZ   C N N 22  
ARG NH1  N N N 23  
ARG NH2  N N N 24  
ARG OXT  O N N 25  
ARG H    H N N 26  
ARG H2   H N N 27  
ARG HA   H N N 28  
ARG HB2  H N N 29  
ARG HB3  H N N 30  
ARG HG2  H N N 31  
ARG HG3  H N N 32  
ARG HD2  H N N 33  
ARG HD3  H N N 34  
ARG HE   H N N 35  
ARG HH11 H N N 36  
ARG HH12 H N N 37  
ARG HH21 H N N 38  
ARG HH22 H N N 39  
ARG HXT  H N N 40  
ASN N    N N N 41  
ASN CA   C N S 42  
ASN C    C N N 43  
ASN O    O N N 44  
ASN CB   C N N 45  
ASN CG   C N N 46  
ASN OD1  O N N 47  
ASN ND2  N N N 48  
ASN OXT  O N N 49  
ASN H    H N N 50  
ASN H2   H N N 51  
ASN HA   H N N 52  
ASN HB2  H N N 53  
ASN HB3  H N N 54  
ASN HD21 H N N 55  
ASN HD22 H N N 56  
ASN HXT  H N N 57  
ASP N    N N N 58  
ASP CA   C N S 59  
ASP C    C N N 60  
ASP O    O N N 61  
ASP CB   C N N 62  
ASP CG   C N N 63  
ASP OD1  O N N 64  
ASP OD2  O N N 65  
ASP OXT  O N N 66  
ASP H    H N N 67  
ASP H2   H N N 68  
ASP HA   H N N 69  
ASP HB2  H N N 70  
ASP HB3  H N N 71  
ASP HD2  H N N 72  
ASP HXT  H N N 73  
CYS N    N N N 74  
CYS CA   C N R 75  
CYS C    C N N 76  
CYS O    O N N 77  
CYS CB   C N N 78  
CYS SG   S N N 79  
CYS OXT  O N N 80  
CYS H    H N N 81  
CYS H2   H N N 82  
CYS HA   H N N 83  
CYS HB2  H N N 84  
CYS HB3  H N N 85  
CYS HG   H N N 86  
CYS HXT  H N N 87  
GLN N    N N N 88  
GLN CA   C N S 89  
GLN C    C N N 90  
GLN O    O N N 91  
GLN CB   C N N 92  
GLN CG   C N N 93  
GLN CD   C N N 94  
GLN OE1  O N N 95  
GLN NE2  N N N 96  
GLN OXT  O N N 97  
GLN H    H N N 98  
GLN H2   H N N 99  
GLN HA   H N N 100 
GLN HB2  H N N 101 
GLN HB3  H N N 102 
GLN HG2  H N N 103 
GLN HG3  H N N 104 
GLN HE21 H N N 105 
GLN HE22 H N N 106 
GLN HXT  H N N 107 
GLU N    N N N 108 
GLU CA   C N S 109 
GLU C    C N N 110 
GLU O    O N N 111 
GLU CB   C N N 112 
GLU CG   C N N 113 
GLU CD   C N N 114 
GLU OE1  O N N 115 
GLU OE2  O N N 116 
GLU OXT  O N N 117 
GLU H    H N N 118 
GLU H2   H N N 119 
GLU HA   H N N 120 
GLU HB2  H N N 121 
GLU HB3  H N N 122 
GLU HG2  H N N 123 
GLU HG3  H N N 124 
GLU HE2  H N N 125 
GLU HXT  H N N 126 
GLY N    N N N 127 
GLY CA   C N N 128 
GLY C    C N N 129 
GLY O    O N N 130 
GLY OXT  O N N 131 
GLY H    H N N 132 
GLY H2   H N N 133 
GLY HA2  H N N 134 
GLY HA3  H N N 135 
GLY HXT  H N N 136 
HIS N    N N N 137 
HIS CA   C N S 138 
HIS C    C N N 139 
HIS O    O N N 140 
HIS CB   C N N 141 
HIS CG   C Y N 142 
HIS ND1  N Y N 143 
HIS CD2  C Y N 144 
HIS CE1  C Y N 145 
HIS NE2  N Y N 146 
HIS OXT  O N N 147 
HIS H    H N N 148 
HIS H2   H N N 149 
HIS HA   H N N 150 
HIS HB2  H N N 151 
HIS HB3  H N N 152 
HIS HD1  H N N 153 
HIS HD2  H N N 154 
HIS HE1  H N N 155 
HIS HE2  H N N 156 
HIS HXT  H N N 157 
HOH O    O N N 158 
HOH H1   H N N 159 
HOH H2   H N N 160 
ILE N    N N N 161 
ILE CA   C N S 162 
ILE C    C N N 163 
ILE O    O N N 164 
ILE CB   C N S 165 
ILE CG1  C N N 166 
ILE CG2  C N N 167 
ILE CD1  C N N 168 
ILE OXT  O N N 169 
ILE H    H N N 170 
ILE H2   H N N 171 
ILE HA   H N N 172 
ILE HB   H N N 173 
ILE HG12 H N N 174 
ILE HG13 H N N 175 
ILE HG21 H N N 176 
ILE HG22 H N N 177 
ILE HG23 H N N 178 
ILE HD11 H N N 179 
ILE HD12 H N N 180 
ILE HD13 H N N 181 
ILE HXT  H N N 182 
LEU N    N N N 183 
LEU CA   C N S 184 
LEU C    C N N 185 
LEU O    O N N 186 
LEU CB   C N N 187 
LEU CG   C N N 188 
LEU CD1  C N N 189 
LEU CD2  C N N 190 
LEU OXT  O N N 191 
LEU H    H N N 192 
LEU H2   H N N 193 
LEU HA   H N N 194 
LEU HB2  H N N 195 
LEU HB3  H N N 196 
LEU HG   H N N 197 
LEU HD11 H N N 198 
LEU HD12 H N N 199 
LEU HD13 H N N 200 
LEU HD21 H N N 201 
LEU HD22 H N N 202 
LEU HD23 H N N 203 
LEU HXT  H N N 204 
LYS N    N N N 205 
LYS CA   C N S 206 
LYS C    C N N 207 
LYS O    O N N 208 
LYS CB   C N N 209 
LYS CG   C N N 210 
LYS CD   C N N 211 
LYS CE   C N N 212 
LYS NZ   N N N 213 
LYS OXT  O N N 214 
LYS H    H N N 215 
LYS H2   H N N 216 
LYS HA   H N N 217 
LYS HB2  H N N 218 
LYS HB3  H N N 219 
LYS HG2  H N N 220 
LYS HG3  H N N 221 
LYS HD2  H N N 222 
LYS HD3  H N N 223 
LYS HE2  H N N 224 
LYS HE3  H N N 225 
LYS HZ1  H N N 226 
LYS HZ2  H N N 227 
LYS HZ3  H N N 228 
LYS HXT  H N N 229 
MET N    N N N 230 
MET CA   C N S 231 
MET C    C N N 232 
MET O    O N N 233 
MET CB   C N N 234 
MET CG   C N N 235 
MET SD   S N N 236 
MET CE   C N N 237 
MET OXT  O N N 238 
MET H    H N N 239 
MET H2   H N N 240 
MET HA   H N N 241 
MET HB2  H N N 242 
MET HB3  H N N 243 
MET HG2  H N N 244 
MET HG3  H N N 245 
MET HE1  H N N 246 
MET HE2  H N N 247 
MET HE3  H N N 248 
MET HXT  H N N 249 
PHE N    N N N 250 
PHE CA   C N S 251 
PHE C    C N N 252 
PHE O    O N N 253 
PHE CB   C N N 254 
PHE CG   C Y N 255 
PHE CD1  C Y N 256 
PHE CD2  C Y N 257 
PHE CE1  C Y N 258 
PHE CE2  C Y N 259 
PHE CZ   C Y N 260 
PHE OXT  O N N 261 
PHE H    H N N 262 
PHE H2   H N N 263 
PHE HA   H N N 264 
PHE HB2  H N N 265 
PHE HB3  H N N 266 
PHE HD1  H N N 267 
PHE HD2  H N N 268 
PHE HE1  H N N 269 
PHE HE2  H N N 270 
PHE HZ   H N N 271 
PHE HXT  H N N 272 
PRO N    N N N 273 
PRO CA   C N S 274 
PRO C    C N N 275 
PRO O    O N N 276 
PRO CB   C N N 277 
PRO CG   C N N 278 
PRO CD   C N N 279 
PRO OXT  O N N 280 
PRO H    H N N 281 
PRO HA   H N N 282 
PRO HB2  H N N 283 
PRO HB3  H N N 284 
PRO HG2  H N N 285 
PRO HG3  H N N 286 
PRO HD2  H N N 287 
PRO HD3  H N N 288 
PRO HXT  H N N 289 
SER N    N N N 290 
SER CA   C N S 291 
SER C    C N N 292 
SER O    O N N 293 
SER CB   C N N 294 
SER OG   O N N 295 
SER OXT  O N N 296 
SER H    H N N 297 
SER H2   H N N 298 
SER HA   H N N 299 
SER HB2  H N N 300 
SER HB3  H N N 301 
SER HG   H N N 302 
SER HXT  H N N 303 
SO4 S    S N N 304 
SO4 O1   O N N 305 
SO4 O2   O N N 306 
SO4 O3   O N N 307 
SO4 O4   O N N 308 
THR N    N N N 309 
THR CA   C N S 310 
THR C    C N N 311 
THR O    O N N 312 
THR CB   C N R 313 
THR OG1  O N N 314 
THR CG2  C N N 315 
THR OXT  O N N 316 
THR H    H N N 317 
THR H2   H N N 318 
THR HA   H N N 319 
THR HB   H N N 320 
THR HG1  H N N 321 
THR HG21 H N N 322 
THR HG22 H N N 323 
THR HG23 H N N 324 
THR HXT  H N N 325 
TRP N    N N N 326 
TRP CA   C N S 327 
TRP C    C N N 328 
TRP O    O N N 329 
TRP CB   C N N 330 
TRP CG   C Y N 331 
TRP CD1  C Y N 332 
TRP CD2  C Y N 333 
TRP NE1  N Y N 334 
TRP CE2  C Y N 335 
TRP CE3  C Y N 336 
TRP CZ2  C Y N 337 
TRP CZ3  C Y N 338 
TRP CH2  C Y N 339 
TRP OXT  O N N 340 
TRP H    H N N 341 
TRP H2   H N N 342 
TRP HA   H N N 343 
TRP HB2  H N N 344 
TRP HB3  H N N 345 
TRP HD1  H N N 346 
TRP HE1  H N N 347 
TRP HE3  H N N 348 
TRP HZ2  H N N 349 
TRP HZ3  H N N 350 
TRP HH2  H N N 351 
TRP HXT  H N N 352 
TYR N    N N N 353 
TYR CA   C N S 354 
TYR C    C N N 355 
TYR O    O N N 356 
TYR CB   C N N 357 
TYR CG   C Y N 358 
TYR CD1  C Y N 359 
TYR CD2  C Y N 360 
TYR CE1  C Y N 361 
TYR CE2  C Y N 362 
TYR CZ   C Y N 363 
TYR OH   O N N 364 
TYR OXT  O N N 365 
TYR H    H N N 366 
TYR H2   H N N 367 
TYR HA   H N N 368 
TYR HB2  H N N 369 
TYR HB3  H N N 370 
TYR HD1  H N N 371 
TYR HD2  H N N 372 
TYR HE1  H N N 373 
TYR HE2  H N N 374 
TYR HH   H N N 375 
TYR HXT  H N N 376 
VAL N    N N N 377 
VAL CA   C N S 378 
VAL C    C N N 379 
VAL O    O N N 380 
VAL CB   C N N 381 
VAL CG1  C N N 382 
VAL CG2  C N N 383 
VAL OXT  O N N 384 
VAL H    H N N 385 
VAL H2   H N N 386 
VAL HA   H N N 387 
VAL HB   H N N 388 
VAL HG11 H N N 389 
VAL HG12 H N N 390 
VAL HG13 H N N 391 
VAL HG21 H N N 392 
VAL HG22 H N N 393 
VAL HG23 H N N 394 
VAL HXT  H N N 395 
# 
loop_
_chem_comp_bond.comp_id 
_chem_comp_bond.atom_id_1 
_chem_comp_bond.atom_id_2 
_chem_comp_bond.value_order 
_chem_comp_bond.pdbx_aromatic_flag 
_chem_comp_bond.pdbx_stereo_config 
_chem_comp_bond.pdbx_ordinal 
ALA N   CA   sing N N 1   
ALA N   H    sing N N 2   
ALA N   H2   sing N N 3   
ALA CA  C    sing N N 4   
ALA CA  CB   sing N N 5   
ALA CA  HA   sing N N 6   
ALA C   O    doub N N 7   
ALA C   OXT  sing N N 8   
ALA CB  HB1  sing N N 9   
ALA CB  HB2  sing N N 10  
ALA CB  HB3  sing N N 11  
ALA OXT HXT  sing N N 12  
ARG N   CA   sing N N 13  
ARG N   H    sing N N 14  
ARG N   H2   sing N N 15  
ARG CA  C    sing N N 16  
ARG CA  CB   sing N N 17  
ARG CA  HA   sing N N 18  
ARG C   O    doub N N 19  
ARG C   OXT  sing N N 20  
ARG CB  CG   sing N N 21  
ARG CB  HB2  sing N N 22  
ARG CB  HB3  sing N N 23  
ARG CG  CD   sing N N 24  
ARG CG  HG2  sing N N 25  
ARG CG  HG3  sing N N 26  
ARG CD  NE   sing N N 27  
ARG CD  HD2  sing N N 28  
ARG CD  HD3  sing N N 29  
ARG NE  CZ   sing N N 30  
ARG NE  HE   sing N N 31  
ARG CZ  NH1  sing N N 32  
ARG CZ  NH2  doub N N 33  
ARG NH1 HH11 sing N N 34  
ARG NH1 HH12 sing N N 35  
ARG NH2 HH21 sing N N 36  
ARG NH2 HH22 sing N N 37  
ARG OXT HXT  sing N N 38  
ASN N   CA   sing N N 39  
ASN N   H    sing N N 40  
ASN N   H2   sing N N 41  
ASN CA  C    sing N N 42  
ASN CA  CB   sing N N 43  
ASN CA  HA   sing N N 44  
ASN C   O    doub N N 45  
ASN C   OXT  sing N N 46  
ASN CB  CG   sing N N 47  
ASN CB  HB2  sing N N 48  
ASN CB  HB3  sing N N 49  
ASN CG  OD1  doub N N 50  
ASN CG  ND2  sing N N 51  
ASN ND2 HD21 sing N N 52  
ASN ND2 HD22 sing N N 53  
ASN OXT HXT  sing N N 54  
ASP N   CA   sing N N 55  
ASP N   H    sing N N 56  
ASP N   H2   sing N N 57  
ASP CA  C    sing N N 58  
ASP CA  CB   sing N N 59  
ASP CA  HA   sing N N 60  
ASP C   O    doub N N 61  
ASP C   OXT  sing N N 62  
ASP CB  CG   sing N N 63  
ASP CB  HB2  sing N N 64  
ASP CB  HB3  sing N N 65  
ASP CG  OD1  doub N N 66  
ASP CG  OD2  sing N N 67  
ASP OD2 HD2  sing N N 68  
ASP OXT HXT  sing N N 69  
CYS N   CA   sing N N 70  
CYS N   H    sing N N 71  
CYS N   H2   sing N N 72  
CYS CA  C    sing N N 73  
CYS CA  CB   sing N N 74  
CYS CA  HA   sing N N 75  
CYS C   O    doub N N 76  
CYS C   OXT  sing N N 77  
CYS CB  SG   sing N N 78  
CYS CB  HB2  sing N N 79  
CYS CB  HB3  sing N N 80  
CYS SG  HG   sing N N 81  
CYS OXT HXT  sing N N 82  
GLN N   CA   sing N N 83  
GLN N   H    sing N N 84  
GLN N   H2   sing N N 85  
GLN CA  C    sing N N 86  
GLN CA  CB   sing N N 87  
GLN CA  HA   sing N N 88  
GLN C   O    doub N N 89  
GLN C   OXT  sing N N 90  
GLN CB  CG   sing N N 91  
GLN CB  HB2  sing N N 92  
GLN CB  HB3  sing N N 93  
GLN CG  CD   sing N N 94  
GLN CG  HG2  sing N N 95  
GLN CG  HG3  sing N N 96  
GLN CD  OE1  doub N N 97  
GLN CD  NE2  sing N N 98  
GLN NE2 HE21 sing N N 99  
GLN NE2 HE22 sing N N 100 
GLN OXT HXT  sing N N 101 
GLU N   CA   sing N N 102 
GLU N   H    sing N N 103 
GLU N   H2   sing N N 104 
GLU CA  C    sing N N 105 
GLU CA  CB   sing N N 106 
GLU CA  HA   sing N N 107 
GLU C   O    doub N N 108 
GLU C   OXT  sing N N 109 
GLU CB  CG   sing N N 110 
GLU CB  HB2  sing N N 111 
GLU CB  HB3  sing N N 112 
GLU CG  CD   sing N N 113 
GLU CG  HG2  sing N N 114 
GLU CG  HG3  sing N N 115 
GLU CD  OE1  doub N N 116 
GLU CD  OE2  sing N N 117 
GLU OE2 HE2  sing N N 118 
GLU OXT HXT  sing N N 119 
GLY N   CA   sing N N 120 
GLY N   H    sing N N 121 
GLY N   H2   sing N N 122 
GLY CA  C    sing N N 123 
GLY CA  HA2  sing N N 124 
GLY CA  HA3  sing N N 125 
GLY C   O    doub N N 126 
GLY C   OXT  sing N N 127 
GLY OXT HXT  sing N N 128 
HIS N   CA   sing N N 129 
HIS N   H    sing N N 130 
HIS N   H2   sing N N 131 
HIS CA  C    sing N N 132 
HIS CA  CB   sing N N 133 
HIS CA  HA   sing N N 134 
HIS C   O    doub N N 135 
HIS C   OXT  sing N N 136 
HIS CB  CG   sing N N 137 
HIS CB  HB2  sing N N 138 
HIS CB  HB3  sing N N 139 
HIS CG  ND1  sing Y N 140 
HIS CG  CD2  doub Y N 141 
HIS ND1 CE1  doub Y N 142 
HIS ND1 HD1  sing N N 143 
HIS CD2 NE2  sing Y N 144 
HIS CD2 HD2  sing N N 145 
HIS CE1 NE2  sing Y N 146 
HIS CE1 HE1  sing N N 147 
HIS NE2 HE2  sing N N 148 
HIS OXT HXT  sing N N 149 
HOH O   H1   sing N N 150 
HOH O   H2   sing N N 151 
ILE N   CA   sing N N 152 
ILE N   H    sing N N 153 
ILE N   H2   sing N N 154 
ILE CA  C    sing N N 155 
ILE CA  CB   sing N N 156 
ILE CA  HA   sing N N 157 
ILE C   O    doub N N 158 
ILE C   OXT  sing N N 159 
ILE CB  CG1  sing N N 160 
ILE CB  CG2  sing N N 161 
ILE CB  HB   sing N N 162 
ILE CG1 CD1  sing N N 163 
ILE CG1 HG12 sing N N 164 
ILE CG1 HG13 sing N N 165 
ILE CG2 HG21 sing N N 166 
ILE CG2 HG22 sing N N 167 
ILE CG2 HG23 sing N N 168 
ILE CD1 HD11 sing N N 169 
ILE CD1 HD12 sing N N 170 
ILE CD1 HD13 sing N N 171 
ILE OXT HXT  sing N N 172 
LEU N   CA   sing N N 173 
LEU N   H    sing N N 174 
LEU N   H2   sing N N 175 
LEU CA  C    sing N N 176 
LEU CA  CB   sing N N 177 
LEU CA  HA   sing N N 178 
LEU C   O    doub N N 179 
LEU C   OXT  sing N N 180 
LEU CB  CG   sing N N 181 
LEU CB  HB2  sing N N 182 
LEU CB  HB3  sing N N 183 
LEU CG  CD1  sing N N 184 
LEU CG  CD2  sing N N 185 
LEU CG  HG   sing N N 186 
LEU CD1 HD11 sing N N 187 
LEU CD1 HD12 sing N N 188 
LEU CD1 HD13 sing N N 189 
LEU CD2 HD21 sing N N 190 
LEU CD2 HD22 sing N N 191 
LEU CD2 HD23 sing N N 192 
LEU OXT HXT  sing N N 193 
LYS N   CA   sing N N 194 
LYS N   H    sing N N 195 
LYS N   H2   sing N N 196 
LYS CA  C    sing N N 197 
LYS CA  CB   sing N N 198 
LYS CA  HA   sing N N 199 
LYS C   O    doub N N 200 
LYS C   OXT  sing N N 201 
LYS CB  CG   sing N N 202 
LYS CB  HB2  sing N N 203 
LYS CB  HB3  sing N N 204 
LYS CG  CD   sing N N 205 
LYS CG  HG2  sing N N 206 
LYS CG  HG3  sing N N 207 
LYS CD  CE   sing N N 208 
LYS CD  HD2  sing N N 209 
LYS CD  HD3  sing N N 210 
LYS CE  NZ   sing N N 211 
LYS CE  HE2  sing N N 212 
LYS CE  HE3  sing N N 213 
LYS NZ  HZ1  sing N N 214 
LYS NZ  HZ2  sing N N 215 
LYS NZ  HZ3  sing N N 216 
LYS OXT HXT  sing N N 217 
MET N   CA   sing N N 218 
MET N   H    sing N N 219 
MET N   H2   sing N N 220 
MET CA  C    sing N N 221 
MET CA  CB   sing N N 222 
MET CA  HA   sing N N 223 
MET C   O    doub N N 224 
MET C   OXT  sing N N 225 
MET CB  CG   sing N N 226 
MET CB  HB2  sing N N 227 
MET CB  HB3  sing N N 228 
MET CG  SD   sing N N 229 
MET CG  HG2  sing N N 230 
MET CG  HG3  sing N N 231 
MET SD  CE   sing N N 232 
MET CE  HE1  sing N N 233 
MET CE  HE2  sing N N 234 
MET CE  HE3  sing N N 235 
MET OXT HXT  sing N N 236 
PHE N   CA   sing N N 237 
PHE N   H    sing N N 238 
PHE N   H2   sing N N 239 
PHE CA  C    sing N N 240 
PHE CA  CB   sing N N 241 
PHE CA  HA   sing N N 242 
PHE C   O    doub N N 243 
PHE C   OXT  sing N N 244 
PHE CB  CG   sing N N 245 
PHE CB  HB2  sing N N 246 
PHE CB  HB3  sing N N 247 
PHE CG  CD1  doub Y N 248 
PHE CG  CD2  sing Y N 249 
PHE CD1 CE1  sing Y N 250 
PHE CD1 HD1  sing N N 251 
PHE CD2 CE2  doub Y N 252 
PHE CD2 HD2  sing N N 253 
PHE CE1 CZ   doub Y N 254 
PHE CE1 HE1  sing N N 255 
PHE CE2 CZ   sing Y N 256 
PHE CE2 HE2  sing N N 257 
PHE CZ  HZ   sing N N 258 
PHE OXT HXT  sing N N 259 
PRO N   CA   sing N N 260 
PRO N   CD   sing N N 261 
PRO N   H    sing N N 262 
PRO CA  C    sing N N 263 
PRO CA  CB   sing N N 264 
PRO CA  HA   sing N N 265 
PRO C   O    doub N N 266 
PRO C   OXT  sing N N 267 
PRO CB  CG   sing N N 268 
PRO CB  HB2  sing N N 269 
PRO CB  HB3  sing N N 270 
PRO CG  CD   sing N N 271 
PRO CG  HG2  sing N N 272 
PRO CG  HG3  sing N N 273 
PRO CD  HD2  sing N N 274 
PRO CD  HD3  sing N N 275 
PRO OXT HXT  sing N N 276 
SER N   CA   sing N N 277 
SER N   H    sing N N 278 
SER N   H2   sing N N 279 
SER CA  C    sing N N 280 
SER CA  CB   sing N N 281 
SER CA  HA   sing N N 282 
SER C   O    doub N N 283 
SER C   OXT  sing N N 284 
SER CB  OG   sing N N 285 
SER CB  HB2  sing N N 286 
SER CB  HB3  sing N N 287 
SER OG  HG   sing N N 288 
SER OXT HXT  sing N N 289 
SO4 S   O1   doub N N 290 
SO4 S   O2   doub N N 291 
SO4 S   O3   sing N N 292 
SO4 S   O4   sing N N 293 
THR N   CA   sing N N 294 
THR N   H    sing N N 295 
THR N   H2   sing N N 296 
THR CA  C    sing N N 297 
THR CA  CB   sing N N 298 
THR CA  HA   sing N N 299 
THR C   O    doub N N 300 
THR C   OXT  sing N N 301 
THR CB  OG1  sing N N 302 
THR CB  CG2  sing N N 303 
THR CB  HB   sing N N 304 
THR OG1 HG1  sing N N 305 
THR CG2 HG21 sing N N 306 
THR CG2 HG22 sing N N 307 
THR CG2 HG23 sing N N 308 
THR OXT HXT  sing N N 309 
TRP N   CA   sing N N 310 
TRP N   H    sing N N 311 
TRP N   H2   sing N N 312 
TRP CA  C    sing N N 313 
TRP CA  CB   sing N N 314 
TRP CA  HA   sing N N 315 
TRP C   O    doub N N 316 
TRP C   OXT  sing N N 317 
TRP CB  CG   sing N N 318 
TRP CB  HB2  sing N N 319 
TRP CB  HB3  sing N N 320 
TRP CG  CD1  doub Y N 321 
TRP CG  CD2  sing Y N 322 
TRP CD1 NE1  sing Y N 323 
TRP CD1 HD1  sing N N 324 
TRP CD2 CE2  doub Y N 325 
TRP CD2 CE3  sing Y N 326 
TRP NE1 CE2  sing Y N 327 
TRP NE1 HE1  sing N N 328 
TRP CE2 CZ2  sing Y N 329 
TRP CE3 CZ3  doub Y N 330 
TRP CE3 HE3  sing N N 331 
TRP CZ2 CH2  doub Y N 332 
TRP CZ2 HZ2  sing N N 333 
TRP CZ3 CH2  sing Y N 334 
TRP CZ3 HZ3  sing N N 335 
TRP CH2 HH2  sing N N 336 
TRP OXT HXT  sing N N 337 
TYR N   CA   sing N N 338 
TYR N   H    sing N N 339 
TYR N   H2   sing N N 340 
TYR CA  C    sing N N 341 
TYR CA  CB   sing N N 342 
TYR CA  HA   sing N N 343 
TYR C   O    doub N N 344 
TYR C   OXT  sing N N 345 
TYR CB  CG   sing N N 346 
TYR CB  HB2  sing N N 347 
TYR CB  HB3  sing N N 348 
TYR CG  CD1  doub Y N 349 
TYR CG  CD2  sing Y N 350 
TYR CD1 CE1  sing Y N 351 
TYR CD1 HD1  sing N N 352 
TYR CD2 CE2  doub Y N 353 
TYR CD2 HD2  sing N N 354 
TYR CE1 CZ   doub Y N 355 
TYR CE1 HE1  sing N N 356 
TYR CE2 CZ   sing Y N 357 
TYR CE2 HE2  sing N N 358 
TYR CZ  OH   sing N N 359 
TYR OH  HH   sing N N 360 
TYR OXT HXT  sing N N 361 
VAL N   CA   sing N N 362 
VAL N   H    sing N N 363 
VAL N   H2   sing N N 364 
VAL CA  C    sing N N 365 
VAL CA  CB   sing N N 366 
VAL CA  HA   sing N N 367 
VAL C   O    doub N N 368 
VAL C   OXT  sing N N 369 
VAL CB  CG1  sing N N 370 
VAL CB  CG2  sing N N 371 
VAL CB  HB   sing N N 372 
VAL CG1 HG11 sing N N 373 
VAL CG1 HG12 sing N N 374 
VAL CG1 HG13 sing N N 375 
VAL CG2 HG21 sing N N 376 
VAL CG2 HG22 sing N N 377 
VAL CG2 HG23 sing N N 378 
VAL OXT HXT  sing N N 379 
# 
_pdbx_audit_support.funding_organization   
'National Institutes of Health/National Institute Of Allergy and Infectious Diseases (NIH/NIAID)' 
_pdbx_audit_support.country                'United States' 
_pdbx_audit_support.grant_number           1R21AI148875 
_pdbx_audit_support.ordinal                1 
# 
_pdbx_initial_refinement_model.id               1 
_pdbx_initial_refinement_model.entity_id_list   ? 
_pdbx_initial_refinement_model.type             'experimental model' 
_pdbx_initial_refinement_model.source_name      PDB 
_pdbx_initial_refinement_model.accession_code   4XP8 
_pdbx_initial_refinement_model.details          ? 
# 
_atom_sites.entry_id                    8URN 
_atom_sites.Cartn_transf_matrix[1][1]   ? 
_atom_sites.Cartn_transf_matrix[1][2]   ? 
_atom_sites.Cartn_transf_matrix[1][3]   ? 
_atom_sites.Cartn_transf_matrix[2][1]   ? 
_atom_sites.Cartn_transf_matrix[2][2]   ? 
_atom_sites.Cartn_transf_matrix[2][3]   ? 
_atom_sites.Cartn_transf_matrix[3][1]   ? 
_atom_sites.Cartn_transf_matrix[3][2]   ? 
_atom_sites.Cartn_transf_matrix[3][3]   ? 
_atom_sites.Cartn_transf_vector[1]      ? 
_atom_sites.Cartn_transf_vector[2]      ? 
_atom_sites.Cartn_transf_vector[3]      ? 
_atom_sites.Cartn_transform_axes        ? 
_atom_sites.fract_transf_matrix[1][1]   0.01054099 
_atom_sites.fract_transf_matrix[1][2]   -0.00006247 
_atom_sites.fract_transf_matrix[1][3]   -0.00008181 
_atom_sites.fract_transf_matrix[2][1]   0.00030304 
_atom_sites.fract_transf_matrix[2][2]   0.00888710 
_atom_sites.fract_transf_matrix[2][3]   0.03225884 
_atom_sites.fract_transf_matrix[3][1]   0.00713901 
_atom_sites.fract_transf_matrix[3][2]   -0.01297171 
_atom_sites.fract_transf_matrix[3][3]   0.00350656 
_atom_sites.fract_transf_vector[1]      0.191887 
_atom_sites.fract_transf_vector[2]      -0.111383 
_atom_sites.fract_transf_vector[3]      0.202203 
_atom_sites.solution_primary            ? 
_atom_sites.solution_secondary          ? 
_atom_sites.solution_hydrogens          ? 
_atom_sites.special_details             ? 
# 
loop_
_atom_type.symbol 
C 
N 
O 
S 
# 
loop_
_atom_site.group_PDB 
_atom_site.id 
_atom_site.type_symbol 
_atom_site.label_atom_id 
_atom_site.label_alt_id 
_atom_site.label_comp_id 
_atom_site.label_asym_id 
_atom_site.label_entity_id 
_atom_site.label_seq_id 
_atom_site.pdbx_PDB_ins_code 
_atom_site.Cartn_x 
_atom_site.Cartn_y 
_atom_site.Cartn_z 
_atom_site.occupancy 
_atom_site.B_iso_or_equiv 
_atom_site.pdbx_formal_charge 
_atom_site.auth_seq_id 
_atom_site.auth_comp_id 
_atom_site.auth_asym_id 
_atom_site.auth_atom_id 
_atom_site.pdbx_PDB_model_num 
ATOM   1    N N   . ALA A 1 6   ? 1.855   -8.880  21.491  1.00 80.19  ? 56   ALA A N   1 
ATOM   2    C CA  . ALA A 1 6   ? 0.514   -8.388  21.900  1.00 74.47  ? 56   ALA A CA  1 
ATOM   3    C C   . ALA A 1 6   ? -0.551  -9.097  21.062  1.00 68.02  ? 56   ALA A C   1 
ATOM   4    O O   . ALA A 1 6   ? -0.313  -10.201 20.577  1.00 66.72  ? 56   ALA A O   1 
ATOM   5    C CB  . ALA A 1 6   ? 0.448   -6.884  21.769  1.00 74.13  ? 56   ALA A CB  1 
ATOM   6    N N   . GLN A 1 7   ? -1.745  -8.497  20.960  1.00 65.15  ? 57   GLN A N   1 
ATOM   7    C CA  . GLN A 1 7   ? -2.721  -8.943  19.980  1.00 66.16  ? 57   GLN A CA  1 
ATOM   8    C C   . GLN A 1 7   ? -2.105  -8.685  18.609  1.00 51.41  ? 57   GLN A C   1 
ATOM   9    O O   . GLN A 1 7   ? -1.254  -7.803  18.445  1.00 45.88  ? 57   GLN A O   1 
ATOM   10   C CB  . GLN A 1 7   ? -4.082  -8.238  20.113  1.00 72.51  ? 57   GLN A CB  1 
ATOM   11   C CG  . GLN A 1 7   ? -5.306  -9.151  19.942  1.00 81.48  ? 57   GLN A CG  1 
ATOM   12   C CD  . GLN A 1 7   ? -5.705  -9.554  18.532  1.00 93.42  ? 57   GLN A CD  1 
ATOM   13   O OE1 . GLN A 1 7   ? -5.746  -8.736  17.604  1.00 75.78  ? 57   GLN A OE1 1 
ATOM   14   N NE2 . GLN A 1 7   ? -6.052  -10.831 18.369  1.00 78.42  ? 57   GLN A NE2 1 
ATOM   15   N N   . PHE A 1 8   ? -2.541  -9.500  17.655  1.00 48.85  ? 58   PHE A N   1 
ATOM   16   C CA  . PHE A 1 8   ? -2.066  -9.462  16.289  1.00 46.42  ? 58   PHE A CA  1 
ATOM   17   C C   . PHE A 1 8   ? -1.999  -8.021  15.776  1.00 39.73  ? 58   PHE A C   1 
ATOM   18   O O   . PHE A 1 8   ? -0.955  -7.543  15.323  1.00 41.44  ? 58   PHE A O   1 
ATOM   19   C CB  . PHE A 1 8   ? -3.023  -10.323 15.466  1.00 49.87  ? 58   PHE A CB  1 
ATOM   20   C CG  . PHE A 1 8   ? -2.811  -10.220 13.983  1.00 44.31  ? 58   PHE A CG  1 
ATOM   21   C CD1 . PHE A 1 8   ? -1.535  -10.303 13.447  1.00 45.56  ? 58   PHE A CD1 1 
ATOM   22   C CD2 . PHE A 1 8   ? -3.882  -10.020 13.131  1.00 50.97  ? 58   PHE A CD2 1 
ATOM   23   C CE1 . PHE A 1 8   ? -1.339  -10.219 12.079  1.00 44.76  ? 58   PHE A CE1 1 
ATOM   24   C CE2 . PHE A 1 8   ? -3.675  -9.913  11.765  1.00 47.14  ? 58   PHE A CE2 1 
ATOM   25   C CZ  . PHE A 1 8   ? -2.409  -10.027 11.245  1.00 39.81  ? 58   PHE A CZ  1 
ATOM   26   N N   . LEU A 1 9   ? -3.121  -7.317  15.884  1.00 38.86  ? 59   LEU A N   1 
ATOM   27   C CA  . LEU A 1 9   ? -3.220  -5.987  15.312  1.00 45.68  ? 59   LEU A CA  1 
ATOM   28   C C   . LEU A 1 9   ? -2.220  -5.024  15.946  1.00 43.84  ? 59   LEU A C   1 
ATOM   29   O O   . LEU A 1 9   ? -1.971  -3.967  15.370  1.00 44.43  ? 59   LEU A O   1 
ATOM   30   C CB  . LEU A 1 9   ? -4.662  -5.487  15.442  1.00 45.03  ? 59   LEU A CB  1 
ATOM   31   C CG  . LEU A 1 9   ? -5.678  -6.172  14.533  1.00 46.87  ? 59   LEU A CG  1 
ATOM   32   C CD1 . LEU A 1 9   ? -7.009  -5.450  14.592  1.00 49.43  ? 59   LEU A CD1 1 
ATOM   33   C CD2 . LEU A 1 9   ? -5.177  -6.248  13.098  1.00 48.54  ? 59   LEU A CD2 1 
ATOM   34   N N   . ASP A 1 10  ? -1.582  -5.413  17.064  1.00 52.12  ? 60   ASP A N   1 
ATOM   35   C CA  . ASP A 1 10  ? -0.594  -4.570  17.731  1.00 44.63  ? 60   ASP A CA  1 
ATOM   36   C C   . ASP A 1 10  ? 0.839   -5.035  17.498  1.00 42.44  ? 60   ASP A C   1 
ATOM   37   O O   . ASP A 1 10  ? 1.772   -4.362  17.922  1.00 49.31  ? 60   ASP A O   1 
ATOM   38   C CB  . ASP A 1 10  ? -0.893  -4.460  19.232  1.00 51.21  ? 60   ASP A CB  1 
ATOM   39   C CG  . ASP A 1 10  ? -2.100  -3.579  19.476  1.00 48.93  ? 60   ASP A CG  1 
ATOM   40   O OD1 . ASP A 1 10  ? -2.168  -2.537  18.827  1.00 58.55  ? 60   ASP A OD1 1 
ATOM   41   O OD2 . ASP A 1 10  ? -2.957  -3.932  20.284  1.00 53.20  ? 60   ASP A OD2 1 
ATOM   42   N N   . GLN A 1 11  ? 1.047   -6.115  16.757  1.00 42.35  ? 61   GLN A N   1 
ATOM   43   C CA  . GLN A 1 11  ? 2.405   -6.548  16.466  1.00 42.25  ? 61   GLN A CA  1 
ATOM   44   C C   . GLN A 1 11  ? 2.958   -5.819  15.255  1.00 43.00  ? 61   GLN A C   1 
ATOM   45   O O   . GLN A 1 11  ? 2.214   -5.342  14.397  1.00 41.18  ? 61   GLN A O   1 
ATOM   46   C CB  . GLN A 1 11  ? 2.401   -8.056  16.227  1.00 48.18  ? 61   GLN A CB  1 
ATOM   47   C CG  . GLN A 1 11  ? 1.916   -8.797  17.465  1.00 50.85  ? 61   GLN A CG  1 
ATOM   48   C CD  . GLN A 1 11  ? 1.515   -10.229 17.226  1.00 50.39  ? 61   GLN A CD  1 
ATOM   49   O OE1 . GLN A 1 11  ? 1.785   -10.820 16.184  1.00 47.91  ? 61   GLN A OE1 1 
ATOM   50   N NE2 . GLN A 1 11  ? 0.880   -10.803 18.232  1.00 51.47  ? 61   GLN A NE2 1 
ATOM   51   N N   . LEU A 1 12  ? 4.283   -5.780  15.200  1.00 45.37  ? 62   LEU A N   1 
ATOM   52   C CA  . LEU A 1 12  ? 5.014   -4.935  14.282  1.00 45.22  ? 62   LEU A CA  1 
ATOM   53   C C   . LEU A 1 12  ? 5.038   -5.555  12.893  1.00 49.33  ? 62   LEU A C   1 
ATOM   54   O O   . LEU A 1 12  ? 5.184   -6.767  12.744  1.00 42.48  ? 62   LEU A O   1 
ATOM   55   C CB  . LEU A 1 12  ? 6.446   -4.790  14.782  1.00 43.65  ? 62   LEU A CB  1 
ATOM   56   C CG  . LEU A 1 12  ? 6.596   -4.157  16.163  1.00 49.52  ? 62   LEU A CG  1 
ATOM   57   C CD1 . LEU A 1 12  ? 8.073   -3.901  16.440  1.00 54.12  ? 62   LEU A CD1 1 
ATOM   58   C CD2 . LEU A 1 12  ? 5.808   -2.859  16.253  1.00 48.60  ? 62   LEU A CD2 1 
ATOM   59   N N   . LEU A 1 13  ? 4.931   -4.688  11.882  1.00 45.67  ? 63   LEU A N   1 
ATOM   60   C CA  . LEU A 1 13  ? 5.122   -5.092  10.498  1.00 46.46  ? 63   LEU A CA  1 
ATOM   61   C C   . LEU A 1 13  ? 6.586   -5.446  10.289  1.00 41.74  ? 63   LEU A C   1 
ATOM   62   O O   . LEU A 1 13  ? 7.448   -4.670  10.682  1.00 47.36  ? 63   LEU A O   1 
ATOM   63   C CB  . LEU A 1 13  ? 4.714   -3.921  9.597   1.00 41.78  ? 63   LEU A CB  1 
ATOM   64   C CG  . LEU A 1 13  ? 3.227   -3.594  9.646   1.00 40.01  ? 63   LEU A CG  1 
ATOM   65   C CD1 . LEU A 1 13  ? 2.904   -2.390  8.778   1.00 41.26  ? 63   LEU A CD1 1 
ATOM   66   C CD2 . LEU A 1 13  ? 2.429   -4.819  9.219   1.00 34.84  ? 63   LEU A CD2 1 
ATOM   67   N N   . PRO A 1 14  ? 6.909   -6.577  9.633   1.00 43.86  ? 64   PRO A N   1 
ATOM   68   C CA  . PRO A 1 14  ? 8.302   -6.949  9.364   1.00 41.28  ? 64   PRO A CA  1 
ATOM   69   C C   . PRO A 1 14  ? 8.955   -6.023  8.343   1.00 44.21  ? 64   PRO A C   1 
ATOM   70   O O   . PRO A 1 14  ? 8.325   -5.661  7.342   1.00 43.23  ? 64   PRO A O   1 
ATOM   71   C CB  . PRO A 1 14  ? 8.190   -8.350  8.749   1.00 45.38  ? 64   PRO A CB  1 
ATOM   72   C CG  . PRO A 1 14  ? 6.817   -8.327  8.097   1.00 49.59  ? 64   PRO A CG  1 
ATOM   73   C CD  . PRO A 1 14  ? 5.952   -7.535  9.056   1.00 45.41  ? 64   PRO A CD  1 
ATOM   74   N N   . LYS A 1 15  ? 10.175  -5.574  8.674   1.00 40.17  ? 65   LYS A N   1 
ATOM   75   C CA  . LYS A 1 15  ? 11.062  -4.855  7.777   1.00 45.09  ? 65   LYS A CA  1 
ATOM   76   C C   . LYS A 1 15  ? 10.383  -3.593  7.242   1.00 41.16  ? 65   LYS A C   1 
ATOM   77   O O   . LYS A 1 15  ? 10.545  -3.253  6.073   1.00 44.17  ? 65   LYS A O   1 
ATOM   78   C CB  . LYS A 1 15  ? 11.488  -5.784  6.635   1.00 53.17  ? 65   LYS A CB  1 
ATOM   79   C CG  . LYS A 1 15  ? 12.047  -7.144  7.050   1.00 58.31  ? 65   LYS A CG  1 
ATOM   80   C CD  . LYS A 1 15  ? 13.562  -7.214  7.037   1.00 69.37  ? 65   LYS A CD  1 
ATOM   81   C CE  . LYS A 1 15  ? 14.209  -6.424  8.157   1.00 79.69  ? 65   LYS A CE  1 
ATOM   82   N NZ  . LYS A 1 15  ? 15.662  -6.245  7.924   1.00 84.97  ? 65   LYS A NZ  1 
ATOM   83   N N   . THR A 1 16  ? 9.652   -2.893  8.107   1.00 38.69  ? 66   THR A N   1 
ATOM   84   C CA  . THR A 1 16  ? 8.842   -1.750  7.696   1.00 45.84  ? 66   THR A CA  1 
ATOM   85   C C   . THR A 1 16  ? 8.863   -0.664  8.774   1.00 44.61  ? 66   THR A C   1 
ATOM   86   O O   . THR A 1 16  ? 8.446   -0.895  9.898   1.00 49.32  ? 66   THR A O   1 
ATOM   87   C CB  . THR A 1 16  ? 7.368   -2.136  7.507   1.00 39.33  ? 66   THR A CB  1 
ATOM   88   O OG1 . THR A 1 16  ? 7.251   -3.077  6.436   1.00 35.90  ? 66   THR A OG1 1 
ATOM   89   C CG2 . THR A 1 16  ? 6.499   -0.916  7.290   1.00 37.66  ? 66   THR A CG2 1 
ATOM   90   N N   . ALA A 1 17  ? 9.304   0.536   8.415   1.00 44.41  ? 67   ALA A N   1 
ATOM   91   C CA  . ALA A 1 17  ? 9.370   1.625   9.374   1.00 45.98  ? 67   ALA A CA  1 
ATOM   92   C C   . ALA A 1 17  ? 8.384   2.738   9.026   1.00 40.79  ? 67   ALA A C   1 
ATOM   93   O O   . ALA A 1 17  ? 8.133   3.583   9.861   1.00 41.34  ? 67   ALA A O   1 
ATOM   94   C CB  . ALA A 1 17  ? 10.783  2.159   9.394   1.00 48.91  ? 67   ALA A CB  1 
ATOM   95   N N   . GLY A 1 18  ? 7.944   2.830   7.763   1.00 38.85  ? 68   GLY A N   1 
ATOM   96   C CA  . GLY A 1 18  ? 7.292   4.036   7.267   1.00 38.21  ? 68   GLY A CA  1 
ATOM   97   C C   . GLY A 1 18  ? 8.228   5.248   7.141   1.00 37.93  ? 68   GLY A C   1 
ATOM   98   O O   . GLY A 1 18  ? 9.451   5.150   7.152   1.00 34.13  ? 68   GLY A O   1 
ATOM   99   N N   . VAL A 1 19  ? 7.610   6.407   6.951   1.00 32.55  ? 69   VAL A N   1 
ATOM   100  C CA  . VAL A 1 19  ? 8.294   7.665   6.730   1.00 33.21  ? 69   VAL A CA  1 
ATOM   101  C C   . VAL A 1 19  ? 7.570   8.723   7.564   1.00 37.13  ? 69   VAL A C   1 
ATOM   102  O O   . VAL A 1 19  ? 6.379   8.587   7.873   1.00 35.55  ? 69   VAL A O   1 
ATOM   103  C CB  . VAL A 1 19  ? 8.332   8.068   5.241   1.00 35.31  ? 69   VAL A CB  1 
ATOM   104  C CG1 . VAL A 1 19  ? 9.337   7.261   4.445   1.00 38.91  ? 69   VAL A CG1 1 
ATOM   105  C CG2 . VAL A 1 19  ? 6.954   8.028   4.569   1.00 36.62  ? 69   VAL A CG2 1 
ATOM   106  N N   . SER A 1 20  ? 8.281   9.812   7.864   1.00 36.64  ? 70   SER A N   1 
ATOM   107  C CA  . SER A 1 20  ? 7.733   10.868  8.690   1.00 40.21  ? 70   SER A CA  1 
ATOM   108  C C   . SER A 1 20  ? 6.705   11.673  7.892   1.00 36.19  ? 70   SER A C   1 
ATOM   109  O O   . SER A 1 20  ? 5.738   12.121  8.463   1.00 36.68  ? 70   SER A O   1 
ATOM   110  C CB  . SER A 1 20  ? 8.843   11.710  9.272   1.00 45.84  ? 70   SER A CB  1 
ATOM   111  O OG  . SER A 1 20  ? 9.578   12.348  8.244   1.00 52.07  ? 70   SER A OG  1 
ATOM   112  N N   . SER A 1 21  ? 6.870   11.803  6.565   1.00 31.68  ? 71   SER A N   1 
ATOM   113  C CA  . SER A 1 21  ? 5.936   12.561  5.760   1.00 31.62  ? 71   SER A CA  1 
ATOM   114  C C   . SER A 1 21  ? 5.502   11.773  4.520   1.00 32.99  ? 71   SER A C   1 
ATOM   115  O O   . SER A 1 21  ? 6.083   11.905  3.447   1.00 30.91  ? 71   SER A O   1 
ATOM   116  C CB  . SER A 1 21  ? 6.523   13.885  5.347   1.00 35.98  ? 71   SER A CB  1 
ATOM   117  O OG  . SER A 1 21  ? 5.513   14.598  4.667   1.00 37.77  ? 71   SER A OG  1 
ATOM   118  N N   . PRO A 1 22  ? 4.460   10.929  4.618   1.00 30.39  ? 72   PRO A N   1 
ATOM   119  C CA  . PRO A 1 22  ? 3.938   10.233  3.436   1.00 29.27  ? 72   PRO A CA  1 
ATOM   120  C C   . PRO A 1 22  ? 3.677   11.175  2.252   1.00 30.12  ? 72   PRO A C   1 
ATOM   121  O O   . PRO A 1 22  ? 4.024   10.851  1.118   1.00 28.10  ? 72   PRO A O   1 
ATOM   122  C CB  . PRO A 1 22  ? 2.647   9.589   3.982   1.00 30.09  ? 72   PRO A CB  1 
ATOM   123  C CG  . PRO A 1 22  ? 2.976   9.355   5.440   1.00 31.20  ? 72   PRO A CG  1 
ATOM   124  C CD  . PRO A 1 22  ? 3.741   10.597  5.858   1.00 29.50  ? 72   PRO A CD  1 
ATOM   125  N N   . GLU A 1 23  ? 3.127   12.373  2.495   1.00 29.27  ? 73   GLU A N   1 
ATOM   126  C CA  . GLU A 1 23  ? 2.728   13.252  1.400   1.00 36.37  ? 73   GLU A CA  1 
ATOM   127  C C   . GLU A 1 23  ? 3.932   13.699  0.585   1.00 32.60  ? 73   GLU A C   1 
ATOM   128  O O   . GLU A 1 23  ? 3.887   13.724  -0.633  1.00 32.96  ? 73   GLU A O   1 
ATOM   129  C CB  . GLU A 1 23  ? 2.021   14.515  1.884   1.00 40.69  ? 73   GLU A CB  1 
ATOM   130  C CG  . GLU A 1 23  ? 0.595   14.224  2.312   1.00 56.30  ? 73   GLU A CG  1 
ATOM   131  C CD  . GLU A 1 23  ? -0.364  15.399  2.307   1.00 60.44  ? 73   GLU A CD  1 
ATOM   132  O OE1 . GLU A 1 23  ? -1.573  15.138  2.437   1.00 75.63  ? 73   GLU A OE1 1 
ATOM   133  O OE2 . GLU A 1 23  ? 0.099   16.555  2.160   1.00 59.23  ? 73   GLU A OE2 1 
ATOM   134  N N   . GLN A 1 24  ? 5.007   14.027  1.279   1.00 32.87  ? 74   GLN A N   1 
ATOM   135  C CA  . GLN A 1 24  ? 6.228   14.495  0.641   1.00 35.32  ? 74   GLN A CA  1 
ATOM   136  C C   . GLN A 1 24  ? 6.808   13.389  -0.238  1.00 30.82  ? 74   GLN A C   1 
ATOM   137  O O   . GLN A 1 24  ? 7.184   13.626  -1.381  1.00 34.28  ? 74   GLN A O   1 
ATOM   138  C CB  . GLN A 1 24  ? 7.201   14.973  1.724   1.00 39.38  ? 74   GLN A CB  1 
ATOM   139  C CG  . GLN A 1 24  ? 8.494   15.562  1.197   1.00 48.43  ? 74   GLN A CG  1 
ATOM   140  C CD  . GLN A 1 24  ? 8.296   16.674  0.184   1.00 58.52  ? 74   GLN A CD  1 
ATOM   141  O OE1 . GLN A 1 24  ? 7.361   17.475  0.255   1.00 57.17  ? 74   GLN A OE1 1 
ATOM   142  N NE2 . GLN A 1 24  ? 9.177   16.713  -0.803  1.00 57.41  ? 74   GLN A NE2 1 
ATOM   143  N N   . VAL A 1 25  ? 6.765   12.153  0.246   1.00 30.52  ? 75   VAL A N   1 
ATOM   144  C CA  . VAL A 1 25  ? 7.274   11.039  -0.532  1.00 30.13  ? 75   VAL A CA  1 
ATOM   145  C C   . VAL A 1 25  ? 6.419   10.825  -1.771  1.00 31.07  ? 75   VAL A C   1 
ATOM   146  O O   . VAL A 1 25  ? 6.939   10.546  -2.855  1.00 30.00  ? 75   VAL A O   1 
ATOM   147  C CB  . VAL A 1 25  ? 7.401   9.778   0.334   1.00 33.45  ? 75   VAL A CB  1 
ATOM   148  C CG1 . VAL A 1 25  ? 7.817   8.590   -0.506  1.00 32.98  ? 75   VAL A CG1 1 
ATOM   149  C CG2 . VAL A 1 25  ? 8.377   10.020  1.492   1.00 34.23  ? 75   VAL A CG2 1 
ATOM   150  N N   . LEU A 1 26  ? 5.100   10.907  -1.625  1.00 29.06  ? 76   LEU A N   1 
ATOM   151  C CA  . LEU A 1 26  ? 4.250   10.689  -2.783  1.00 28.83  ? 76   LEU A CA  1 
ATOM   152  C C   . LEU A 1 26  ? 4.576   11.707  -3.870  1.00 28.13  ? 76   LEU A C   1 
ATOM   153  O O   . LEU A 1 26  ? 4.600   11.349  -5.042  1.00 29.39  ? 76   LEU A O   1 
ATOM   154  C CB  . LEU A 1 26  ? 2.776   10.814  -2.397  1.00 29.45  ? 76   LEU A CB  1 
ATOM   155  C CG  . LEU A 1 26  ? 1.763   10.671  -3.535  1.00 29.08  ? 76   LEU A CG  1 
ATOM   156  C CD1 . LEU A 1 26  ? 1.853   9.301   -4.154  1.00 29.72  ? 76   LEU A CD1 1 
ATOM   157  C CD2 . LEU A 1 26  ? 0.344   10.902  -3.030  1.00 31.96  ? 76   LEU A CD2 1 
ATOM   158  N N   . ILE A 1 27  ? 4.686   12.988  -3.506  1.00 29.66  ? 77   ILE A N   1 
ATOM   159  C CA  . ILE A 1 27  ? 5.015   14.023  -4.480  1.00 30.85  ? 77   ILE A CA  1 
ATOM   160  C C   . ILE A 1 27  ? 6.268   13.646  -5.269  1.00 29.37  ? 77   ILE A C   1 
ATOM   161  O O   . ILE A 1 27  ? 6.264   13.754  -6.502  1.00 30.47  ? 77   ILE A O   1 
ATOM   162  C CB  . ILE A 1 27  ? 5.167   15.408  -3.822  1.00 32.63  ? 77   ILE A CB  1 
ATOM   163  C CG1 . ILE A 1 27  ? 3.821   15.871  -3.253  1.00 30.14  ? 77   ILE A CG1 1 
ATOM   164  C CG2 . ILE A 1 27  ? 5.749   16.413  -4.824  1.00 36.26  ? 77   ILE A CG2 1 
ATOM   165  C CD1 . ILE A 1 27  ? 3.878   17.074  -2.343  1.00 34.87  ? 77   ILE A CD1 1 
ATOM   166  N N   . GLU A 1 28  ? 7.300   13.202  -4.560  1.00 33.39  ? 78   GLU A N   1 
ATOM   167  C CA  . GLU A 1 28  ? 8.584   12.866  -5.155  1.00 37.98  ? 78   GLU A CA  1 
ATOM   168  C C   . GLU A 1 28  ? 8.425   11.652  -6.067  1.00 40.55  ? 78   GLU A C   1 
ATOM   169  O O   . GLU A 1 28  ? 8.955   11.640  -7.177  1.00 35.01  ? 78   GLU A O   1 
ATOM   170  C CB  . GLU A 1 28  ? 9.613   12.595  -4.056  1.00 40.56  ? 78   GLU A CB  1 
ATOM   171  C CG  . GLU A 1 28  ? 9.996   13.856  -3.292  1.00 53.85  ? 78   GLU A CG  1 
ATOM   172  C CD  . GLU A 1 28  ? 10.825  13.741  -2.013  1.00 60.38  ? 78   GLU A CD  1 
ATOM   173  O OE1 . GLU A 1 28  ? 11.152  12.611  -1.580  1.00 61.83  ? 78   GLU A OE1 1 
ATOM   174  O OE2 . GLU A 1 28  ? 11.140  14.812  -1.434  1.00 64.74  ? 78   GLU A OE2 1 
ATOM   175  N N   . GLU A 1 29  ? 7.650   10.650  -5.622  1.00 36.83  ? 79   GLU A N   1 
ATOM   176  C CA  . GLU A 1 29  ? 7.503   9.413   -6.376  1.00 30.58  ? 79   GLU A CA  1 
ATOM   177  C C   . GLU A 1 29  ? 6.725   9.648   -7.661  1.00 31.52  ? 79   GLU A C   1 
ATOM   178  O O   . GLU A 1 29  ? 7.018   9.026   -8.675  1.00 32.97  ? 79   GLU A O   1 
ATOM   179  C CB  . GLU A 1 29  ? 6.839   8.310   -5.549  1.00 30.71  ? 79   GLU A CB  1 
ATOM   180  C CG  . GLU A 1 29  ? 7.745   7.736   -4.473  1.00 33.60  ? 79   GLU A CG  1 
ATOM   181  C CD  . GLU A 1 29  ? 9.062   7.176   -5.001  1.00 41.96  ? 79   GLU A CD  1 
ATOM   182  O OE1 . GLU A 1 29  ? 9.029   6.132   -5.695  1.00 42.24  ? 79   GLU A OE1 1 
ATOM   183  O OE2 . GLU A 1 29  ? 10.124  7.806   -4.752  1.00 45.82  ? 79   GLU A OE2 1 
ATOM   184  N N   . ILE A 1 30  ? 5.680   10.471  -7.601  1.00 29.79  ? 80   ILE A N   1 
ATOM   185  C CA  . ILE A 1 30  ? 4.871   10.699  -8.780  1.00 32.82  ? 80   ILE A CA  1 
ATOM   186  C C   . ILE A 1 30  ? 5.713   11.456  -9.809  1.00 33.39  ? 80   ILE A C   1 
ATOM   187  O O   . ILE A 1 30  ? 5.658   11.144  -10.989 1.00 33.82  ? 80   ILE A O   1 
ATOM   188  C CB  . ILE A 1 30  ? 3.535   11.391  -8.438  1.00 36.70  ? 80   ILE A CB  1 
ATOM   189  C CG1 . ILE A 1 30  ? 2.703   10.519  -7.499  1.00 40.90  ? 80   ILE A CG1 1 
ATOM   190  C CG2 . ILE A 1 30  ? 2.738   11.708  -9.695  1.00 38.01  ? 80   ILE A CG2 1 
ATOM   191  C CD1 . ILE A 1 30  ? 2.328   9.187   -8.081  1.00 42.78  ? 80   ILE A CD1 1 
ATOM   192  N N   . LYS A 1 31  ? 6.494   12.442  -9.358  1.00 34.18  ? 81   LYS A N   1 
ATOM   193  C CA  . LYS A 1 31  ? 7.417   13.169  -10.228 1.00 38.85  ? 81   LYS A CA  1 
ATOM   194  C C   . LYS A 1 31  ? 8.341   12.197  -10.975 1.00 34.56  ? 81   LYS A C   1 
ATOM   195  O O   . LYS A 1 31  ? 8.495   12.289  -12.184 1.00 35.10  ? 81   LYS A O   1 
ATOM   196  C CB  . LYS A 1 31  ? 8.272   14.142  -9.401  1.00 44.34  ? 81   LYS A CB  1 
ATOM   197  C CG  . LYS A 1 31  ? 8.880   15.277  -10.218 1.00 55.84  ? 81   LYS A CG  1 
ATOM   198  C CD  . LYS A 1 31  ? 9.665   16.302  -9.424  1.00 65.54  ? 81   LYS A CD  1 
ATOM   199  C CE  . LYS A 1 31  ? 10.230  17.400  -10.309 1.00 69.44  ? 81   LYS A CE  1 
ATOM   200  N NZ  . LYS A 1 31  ? 11.665  17.654  -10.030 1.00 74.27  ? 81   LYS A NZ  1 
ATOM   201  N N   . LYS A 1 32  ? 8.969   11.288  -10.230 1.00 33.02  ? 82   LYS A N   1 
ATOM   202  C CA  . LYS A 1 32  ? 9.910   10.349  -10.791 1.00 35.93  ? 82   LYS A CA  1 
ATOM   203  C C   . LYS A 1 32  ? 9.235   9.441   -11.797 1.00 35.62  ? 82   LYS A C   1 
ATOM   204  O O   . LYS A 1 32  ? 9.845   9.067   -12.789 1.00 35.66  ? 82   LYS A O   1 
ATOM   205  C CB  . LYS A 1 32  ? 10.522  9.488   -9.698  1.00 43.41  ? 82   LYS A CB  1 
ATOM   206  C CG  . LYS A 1 32  ? 11.581  10.173  -8.856  1.00 48.33  ? 82   LYS A CG  1 
ATOM   207  C CD  . LYS A 1 32  ? 12.213  9.185   -7.916  1.00 55.69  ? 82   LYS A CD  1 
ATOM   208  C CE  . LYS A 1 32  ? 13.162  9.834   -6.933  1.00 63.51  ? 82   LYS A CE  1 
ATOM   209  N NZ  . LYS A 1 32  ? 13.915  8.795   -6.190  1.00 66.47  ? 82   LYS A NZ  1 
ATOM   210  N N   A ARG A 1 33  ? 7.964   9.092   -11.567 0.59 34.92  ? 83   ARG A N   1 
ATOM   211  N N   B ARG A 1 33  ? 7.975   9.081   -11.509 0.41 35.88  ? 83   ARG A N   1 
ATOM   212  C CA  A ARG A 1 33  ? 7.306   8.164   -12.468 0.59 34.09  ? 83   ARG A CA  1 
ATOM   213  C CA  B ARG A 1 33  ? 7.211   8.204   -12.377 0.41 35.98  ? 83   ARG A CA  1 
ATOM   214  C C   A ARG A 1 33  ? 6.799   8.893   -13.722 0.59 32.93  ? 83   ARG A C   1 
ATOM   215  C C   B ARG A 1 33  ? 6.888   8.920   -13.688 0.41 34.43  ? 83   ARG A C   1 
ATOM   216  O O   A ARG A 1 33  ? 6.780   8.317   -14.809 0.59 29.61  ? 83   ARG A O   1 
ATOM   217  O O   B ARG A 1 33  ? 7.109   8.351   -14.753 0.41 33.29  ? 83   ARG A O   1 
ATOM   218  C CB  A ARG A 1 33  ? 6.239   7.372   -11.706 0.59 35.91  ? 83   ARG A CB  1 
ATOM   219  C CB  B ARG A 1 33  ? 5.945   7.714   -11.668 0.41 39.14  ? 83   ARG A CB  1 
ATOM   220  C CG  A ARG A 1 33  ? 5.386   6.481   -12.589 0.59 34.88  ? 83   ARG A CG  1 
ATOM   221  C CG  B ARG A 1 33  ? 5.126   6.723   -12.482 0.41 38.88  ? 83   ARG A CG  1 
ATOM   222  C CD  A ARG A 1 33  ? 6.196   5.503   -13.426 0.59 33.88  ? 83   ARG A CD  1 
ATOM   223  C CD  B ARG A 1 33  ? 5.994   5.731   -13.239 0.41 40.07  ? 83   ARG A CD  1 
ATOM   224  N NE  A ARG A 1 33  ? 5.274   4.759   -14.256 0.59 33.29  ? 83   ARG A NE  1 
ATOM   225  N NE  B ARG A 1 33  ? 7.060   5.136   -12.445 0.41 39.63  ? 83   ARG A NE  1 
ATOM   226  C CZ  A ARG A 1 33  ? 5.579   3.686   -14.950 0.59 32.35  ? 83   ARG A CZ  1 
ATOM   227  C CZ  B ARG A 1 33  ? 7.884   4.201   -12.907 0.41 36.37  ? 83   ARG A CZ  1 
ATOM   228  N NH1 A ARG A 1 33  ? 6.834   3.284   -14.995 0.59 33.45  ? 83   ARG A NH1 1 
ATOM   229  N NH1 B ARG A 1 33  ? 7.626   3.619   -14.065 0.41 38.29  ? 83   ARG A NH1 1 
ATOM   230  N NH2 A ARG A 1 33  ? 4.623   3.032   -15.587 0.59 27.87  ? 83   ARG A NH2 1 
ATOM   231  N NH2 B ARG A 1 33  ? 8.933   3.826   -12.202 0.41 31.29  ? 83   ARG A NH2 1 
ATOM   232  N N   . HIS A 1 34  ? 6.375   10.158  -13.609 1.00 32.87  ? 84   HIS A N   1 
ATOM   233  C CA  . HIS A 1 34  ? 6.044   10.933  -14.808 1.00 33.06  ? 84   HIS A CA  1 
ATOM   234  C C   . HIS A 1 34  ? 7.255   11.133  -15.718 1.00 33.70  ? 84   HIS A C   1 
ATOM   235  O O   . HIS A 1 34  ? 7.131   11.079  -16.948 1.00 35.63  ? 84   HIS A O   1 
ATOM   236  C CB  . HIS A 1 34  ? 5.476   12.303  -14.443 1.00 38.79  ? 84   HIS A CB  1 
ATOM   237  C CG  . HIS A 1 34  ? 4.105   12.191  -13.911 1.00 40.53  ? 84   HIS A CG  1 
ATOM   238  N ND1 . HIS A 1 34  ? 3.446   13.237  -13.311 1.00 45.31  ? 84   HIS A ND1 1 
ATOM   239  C CD2 . HIS A 1 34  ? 3.270   11.139  -13.856 1.00 45.33  ? 84   HIS A CD2 1 
ATOM   240  C CE1 . HIS A 1 34  ? 2.225   12.834  -12.954 1.00 45.56  ? 84   HIS A CE1 1 
ATOM   241  N NE2 . HIS A 1 34  ? 2.109   11.564  -13.257 1.00 43.44  ? 84   HIS A NE2 1 
ATOM   242  N N   . LEU A 1 35  ? 8.417   11.352  -15.106 1.00 33.05  ? 85   LEU A N   1 
ATOM   243  C CA  . LEU A 1 35  ? 9.646   11.507  -15.860 1.00 40.42  ? 85   LEU A CA  1 
ATOM   244  C C   . LEU A 1 35  ? 10.015  10.179  -16.535 1.00 44.10  ? 85   LEU A C   1 
ATOM   245  O O   . LEU A 1 35  ? 10.478  10.167  -17.679 1.00 38.05  ? 85   LEU A O   1 
ATOM   246  C CB  . LEU A 1 35  ? 10.755  11.984  -14.909 1.00 42.73  ? 85   LEU A CB  1 
ATOM   247  C CG  . LEU A 1 35  ? 11.870  12.806  -15.563 1.00 53.28  ? 85   LEU A CG  1 
ATOM   248  C CD1 . LEU A 1 35  ? 11.303  14.000  -16.327 1.00 53.16  ? 85   LEU A CD1 1 
ATOM   249  C CD2 . LEU A 1 35  ? 12.867  13.298  -14.519 1.00 56.59  ? 85   LEU A CD2 1 
ATOM   250  N N   . ALA A 1 36  ? 9.795   9.047   -15.852 1.00 37.03  ? 86   ALA A N   1 
ATOM   251  C CA  . ALA A 1 36  ? 10.259  7.786   -16.408 1.00 36.16  ? 86   ALA A CA  1 
ATOM   252  C C   . ALA A 1 36  ? 9.383   7.436   -17.603 1.00 36.65  ? 86   ALA A C   1 
ATOM   253  O O   . ALA A 1 36  ? 9.887   7.012   -18.633 1.00 38.51  ? 86   ALA A O   1 
ATOM   254  C CB  . ALA A 1 36  ? 10.335  6.708   -15.360 1.00 38.11  ? 86   ALA A CB  1 
ATOM   255  N N   . THR A 1 37  ? 8.092   7.733   -17.517 1.00 33.25  ? 87   THR A N   1 
ATOM   256  C CA  . THR A 1 37  ? 7.205   7.565   -18.651 1.00 37.70  ? 87   THR A CA  1 
ATOM   257  C C   . THR A 1 37  ? 7.659   8.476   -19.802 1.00 46.82  ? 87   THR A C   1 
ATOM   258  O O   . THR A 1 37  ? 7.593   8.081   -20.956 1.00 51.02  ? 87   THR A O   1 
ATOM   259  C CB  . THR A 1 37  ? 5.748   7.776   -18.229 1.00 38.93  ? 87   THR A CB  1 
ATOM   260  O OG1 . THR A 1 37  ? 5.375   6.680   -17.384 1.00 44.25  ? 87   THR A OG1 1 
ATOM   261  C CG2 . THR A 1 37  ? 4.785   7.834   -19.388 1.00 43.99  ? 87   THR A CG2 1 
ATOM   262  N N   . ALA A 1 38  ? 8.099   9.705   -19.495 1.00 44.82  ? 88   ALA A N   1 
ATOM   263  C CA  . ALA A 1 38  ? 8.463   10.671  -20.527 1.00 51.22  ? 88   ALA A CA  1 
ATOM   264  C C   . ALA A 1 38  ? 9.796   10.301  -21.172 1.00 44.27  ? 88   ALA A C   1 
ATOM   265  O O   . ALA A 1 38  ? 10.029  10.631  -22.321 1.00 53.01  ? 88   ALA A O   1 
ATOM   266  C CB  . ALA A 1 38  ? 8.542   12.061  -19.941 1.00 51.58  ? 88   ALA A CB  1 
ATOM   267  N N   . SER A 1 39  ? 10.674  9.618   -20.436 1.00 48.17  ? 89   SER A N   1 
ATOM   268  C CA  . SER A 1 39  ? 12.023  9.372   -20.903 1.00 53.95  ? 89   SER A CA  1 
ATOM   269  C C   . SER A 1 39  ? 12.031  8.289   -21.980 1.00 55.69  ? 89   SER A C   1 
ATOM   270  O O   . SER A 1 39  ? 13.088  8.036   -22.544 1.00 58.19  ? 89   SER A O   1 
ATOM   271  C CB  . SER A 1 39  ? 12.946  9.019   -19.757 1.00 61.17  ? 89   SER A CB  1 
ATOM   272  O OG  . SER A 1 39  ? 12.857  7.638   -19.434 1.00 68.21  ? 89   SER A OG  1 
ATOM   273  N N   . GLY A 1 40  ? 10.882  7.626   -22.194 1.00 64.25  ? 90   GLY A N   1 
ATOM   274  C CA  . GLY A 1 40  ? 10.656  6.724   -23.321 1.00 72.70  ? 90   GLY A CA  1 
ATOM   275  C C   . GLY A 1 40  ? 11.718  5.640   -23.459 1.00 70.39  ? 90   GLY A C   1 
ATOM   276  O O   . GLY A 1 40  ? 11.906  4.899   -22.469 1.00 78.84  ? 90   GLY A O   1 
ATOM   277  N N   . ASP A 1 50  ? 11.518  -2.721  -10.668 1.00 57.78  ? 1019 ASP A N   1 
ATOM   278  C CA  . ASP A 1 50  ? 10.196  -3.308  -10.321 1.00 54.18  ? 1019 ASP A CA  1 
ATOM   279  C C   . ASP A 1 50  ? 9.470   -2.340  -9.385  1.00 51.59  ? 1019 ASP A C   1 
ATOM   280  O O   . ASP A 1 50  ? 10.067  -1.862  -8.435  1.00 41.58  ? 1019 ASP A O   1 
ATOM   281  C CB  . ASP A 1 50  ? 10.364  -4.658  -9.636  1.00 56.44  ? 1019 ASP A CB  1 
ATOM   282  C CG  . ASP A 1 50  ? 9.052   -5.220  -9.117  1.00 63.10  ? 1019 ASP A CG  1 
ATOM   283  O OD1 . ASP A 1 50  ? 8.872   -5.253  -7.877  1.00 53.86  ? 1019 ASP A OD1 1 
ATOM   284  O OD2 . ASP A 1 50  ? 8.220   -5.608  -9.960  1.00 73.43  ? 1019 ASP A OD2 1 
ATOM   285  N N   . CYS A 1 51  ? 8.180   -2.094  -9.629  1.00 44.41  ? 1020 CYS A N   1 
ATOM   286  C CA  . CYS A 1 51  ? 7.513   -0.994  -8.966  1.00 43.90  ? 1020 CYS A CA  1 
ATOM   287  C C   . CYS A 1 51  ? 7.250   -1.330  -7.506  1.00 36.99  ? 1020 CYS A C   1 
ATOM   288  O O   . CYS A 1 51  ? 7.354   -0.443  -6.670  1.00 38.24  ? 1020 CYS A O   1 
ATOM   289  C CB  . CYS A 1 51  ? 6.328   -0.511  -9.794  1.00 48.64  ? 1020 CYS A CB  1 
ATOM   290  S SG  . CYS A 1 51  ? 6.933   0.576   -11.126 1.00 64.84  ? 1020 CYS A SG  1 
ATOM   291  N N   . PHE A 1 52  ? 7.067   -2.614  -7.165  1.00 34.30  ? 1021 PHE A N   1 
ATOM   292  C CA  . PHE A 1 52  ? 6.926   -2.988  -5.767  1.00 32.43  ? 1021 PHE A CA  1 
ATOM   293  C C   . PHE A 1 52  ? 8.188   -2.633  -4.995  1.00 33.59  ? 1021 PHE A C   1 
ATOM   294  O O   . PHE A 1 52  ? 8.115   -2.222  -3.827  1.00 31.72  ? 1021 PHE A O   1 
ATOM   295  C CB  . PHE A 1 52  ? 6.576   -4.462  -5.607  1.00 32.92  ? 1021 PHE A CB  1 
ATOM   296  C CG  . PHE A 1 52  ? 5.204   -4.830  -6.102  1.00 33.34  ? 1021 PHE A CG  1 
ATOM   297  C CD1 . PHE A 1 52  ? 4.072   -4.388  -5.443  1.00 31.77  ? 1021 PHE A CD1 1 
ATOM   298  C CD2 . PHE A 1 52  ? 5.049   -5.593  -7.252  1.00 36.59  ? 1021 PHE A CD2 1 
ATOM   299  C CE1 . PHE A 1 52  ? 2.811   -4.740  -5.896  1.00 32.50  ? 1021 PHE A CE1 1 
ATOM   300  C CE2 . PHE A 1 52  ? 3.785   -5.886  -7.740  1.00 33.89  ? 1021 PHE A CE2 1 
ATOM   301  C CZ  . PHE A 1 52  ? 2.670   -5.474  -7.049  1.00 34.82  ? 1021 PHE A CZ  1 
ATOM   302  N N   . GLU A 1 53  ? 9.355   -2.829  -5.633  1.00 37.38  ? 1022 GLU A N   1 
ATOM   303  C CA  . GLU A 1 53  ? 10.638  -2.594  -4.975  1.00 37.21  ? 1022 GLU A CA  1 
ATOM   304  C C   . GLU A 1 53  ? 10.860  -1.101  -4.789  1.00 31.47  ? 1022 GLU A C   1 
ATOM   305  O O   . GLU A 1 53  ? 11.311  -0.663  -3.742  1.00 35.30  ? 1022 GLU A O   1 
ATOM   306  C CB  . GLU A 1 53  ? 11.806  -3.123  -5.816  1.00 42.25  ? 1022 GLU A CB  1 
ATOM   307  C CG  . GLU A 1 53  ? 11.725  -4.609  -6.076  1.00 54.79  ? 1022 GLU A CG  1 
ATOM   308  C CD  . GLU A 1 53  ? 11.754  -5.446  -4.813  1.00 61.67  ? 1022 GLU A CD  1 
ATOM   309  O OE1 . GLU A 1 53  ? 12.252  -4.934  -3.790  1.00 68.49  ? 1022 GLU A OE1 1 
ATOM   310  O OE2 . GLU A 1 53  ? 11.258  -6.594  -4.846  1.00 75.28  ? 1022 GLU A OE2 1 
ATOM   311  N N   . ILE A 1 54  ? 10.564  -0.330  -5.840  1.00 35.33  ? 1023 ILE A N   1 
ATOM   312  C CA  . ILE A 1 54  ? 10.797  1.107   -5.844  1.00 37.62  ? 1023 ILE A CA  1 
ATOM   313  C C   . ILE A 1 54  ? 9.945   1.748   -4.741  1.00 32.25  ? 1023 ILE A C   1 
ATOM   314  O O   . ILE A 1 54  ? 10.420  2.611   -3.990  1.00 34.83  ? 1023 ILE A O   1 
ATOM   315  C CB  . ILE A 1 54  ? 10.508  1.663   -7.251  1.00 41.69  ? 1023 ILE A CB  1 
ATOM   316  C CG1 . ILE A 1 54  ? 11.560  1.197   -8.262  1.00 43.35  ? 1023 ILE A CG1 1 
ATOM   317  C CG2 . ILE A 1 54  ? 10.369  3.178   -7.273  1.00 43.20  ? 1023 ILE A CG2 1 
ATOM   318  C CD1 . ILE A 1 54  ? 11.186  1.535   -9.684  1.00 44.26  ? 1023 ILE A CD1 1 
ATOM   319  N N   . THR A 1 55  ? 8.699   1.287   -4.620  1.00 30.37  ? 1024 THR A N   1 
ATOM   320  C CA  . THR A 1 55  ? 7.759   1.878   -3.676  1.00 29.90  ? 1024 THR A CA  1 
ATOM   321  C C   . THR A 1 55  ? 8.108   1.424   -2.270  1.00 26.72  ? 1024 THR A C   1 
ATOM   322  O O   . THR A 1 55  ? 8.087   2.215   -1.319  1.00 27.06  ? 1024 THR A O   1 
ATOM   323  C CB  . THR A 1 55  ? 6.314   1.530   -4.036  1.00 27.97  ? 1024 THR A CB  1 
ATOM   324  O OG1 . THR A 1 55  ? 6.064   2.118   -5.309  1.00 31.29  ? 1024 THR A OG1 1 
ATOM   325  C CG2 . THR A 1 55  ? 5.298   2.002   -3.021  1.00 26.32  ? 1024 THR A CG2 1 
ATOM   326  N N   . GLY A 1 56  ? 8.424   0.144   -2.123  1.00 31.15  ? 1025 GLY A N   1 
ATOM   327  C CA  . GLY A 1 56  ? 8.788   -0.350  -0.807  1.00 29.77  ? 1025 GLY A CA  1 
ATOM   328  C C   . GLY A 1 56  ? 9.970   0.428   -0.228  1.00 30.46  ? 1025 GLY A C   1 
ATOM   329  O O   . GLY A 1 56  ? 10.023  0.756   0.962   1.00 31.46  ? 1025 GLY A O   1 
ATOM   330  N N   . LYS A 1 57  ? 10.952  0.691   -1.069  1.00 31.58  ? 1026 LYS A N   1 
ATOM   331  C CA  . LYS A 1 57  ? 12.115  1.438   -0.612  1.00 36.27  ? 1026 LYS A CA  1 
ATOM   332  C C   . LYS A 1 57  ? 11.750  2.905   -0.351  1.00 35.10  ? 1026 LYS A C   1 
ATOM   333  O O   . LYS A 1 57  ? 12.230  3.505   0.607   1.00 33.19  ? 1026 LYS A O   1 
ATOM   334  C CB  . LYS A 1 57  ? 13.248  1.261   -1.630  1.00 40.48  ? 1026 LYS A CB  1 
ATOM   335  C CG  . LYS A 1 57  ? 14.486  2.121   -1.374  1.00 54.76  ? 1026 LYS A CG  1 
ATOM   336  C CD  . LYS A 1 57  ? 15.637  1.809   -2.340  1.00 62.93  ? 1026 LYS A CD  1 
ATOM   337  C CE  . LYS A 1 57  ? 16.744  2.845   -2.336  1.00 67.13  ? 1026 LYS A CE  1 
ATOM   338  N NZ  . LYS A 1 57  ? 17.576  2.726   -1.117  1.00 77.41  ? 1026 LYS A NZ  1 
ATOM   339  N N   . ALA A 1 58  ? 10.896  3.518   -1.184  1.00 33.87  ? 1027 ALA A N   1 
ATOM   340  C CA  . ALA A 1 58  ? 10.608  4.937   -0.998  1.00 30.81  ? 1027 ALA A CA  1 
ATOM   341  C C   . ALA A 1 58  ? 9.839   5.181   0.304   1.00 32.19  ? 1027 ALA A C   1 
ATOM   342  O O   . ALA A 1 58  ? 10.072  6.179   0.970   1.00 34.78  ? 1027 ALA A O   1 
ATOM   343  C CB  . ALA A 1 58  ? 9.853   5.484   -2.181  1.00 33.58  ? 1027 ALA A CB  1 
ATOM   344  N N   . TYR A 1 59  ? 8.938   4.269   0.700   1.00 29.59  ? 1028 TYR A N   1 
ATOM   345  C CA  . TYR A 1 59  ? 8.134   4.506   1.887   1.00 28.38  ? 1028 TYR A CA  1 
ATOM   346  C C   . TYR A 1 59  ? 8.581   3.659   3.069   1.00 29.67  ? 1028 TYR A C   1 
ATOM   347  O O   . TYR A 1 59  ? 7.911   3.681   4.083   1.00 28.91  ? 1028 TYR A O   1 
ATOM   348  C CB  . TYR A 1 59  ? 6.673   4.220   1.557   1.00 29.15  ? 1028 TYR A CB  1 
ATOM   349  C CG  . TYR A 1 59  ? 6.007   5.132   0.547   1.00 27.86  ? 1028 TYR A CG  1 
ATOM   350  C CD1 . TYR A 1 59  ? 5.408   6.329   0.927   1.00 31.35  ? 1028 TYR A CD1 1 
ATOM   351  C CD2 . TYR A 1 59  ? 5.939   4.771   -0.783  1.00 26.45  ? 1028 TYR A CD2 1 
ATOM   352  C CE1 . TYR A 1 59  ? 4.731   7.124   0.011   1.00 28.13  ? 1028 TYR A CE1 1 
ATOM   353  C CE2 . TYR A 1 59  ? 5.275   5.550   -1.710  1.00 27.75  ? 1028 TYR A CE2 1 
ATOM   354  C CZ  . TYR A 1 59  ? 4.678   6.727   -1.311  1.00 29.43  ? 1028 TYR A CZ  1 
ATOM   355  O OH  . TYR A 1 59  ? 4.037   7.443   -2.271  1.00 29.19  ? 1028 TYR A OH  1 
ATOM   356  N N   . ASN A 1 60  ? 9.713   2.944   2.936   1.00 34.18  ? 1029 ASN A N   1 
ATOM   357  C CA  . ASN A 1 60  ? 10.186  1.998   3.933   1.00 32.37  ? 1029 ASN A CA  1 
ATOM   358  C C   . ASN A 1 60  ? 9.067   1.044   4.323   1.00 30.34  ? 1029 ASN A C   1 
ATOM   359  O O   . ASN A 1 60  ? 8.738   0.925   5.486   1.00 29.17  ? 1029 ASN A O   1 
ATOM   360  C CB  . ASN A 1 60  ? 10.723  2.659   5.201   1.00 37.15  ? 1029 ASN A CB  1 
ATOM   361  C CG  . ASN A 1 60  ? 11.814  3.640   4.869   1.00 36.39  ? 1029 ASN A CG  1 
ATOM   362  O OD1 . ASN A 1 60  ? 12.681  3.312   4.091   1.00 35.78  ? 1029 ASN A OD1 1 
ATOM   363  N ND2 . ASN A 1 60  ? 11.712  4.867   5.349   1.00 42.99  ? 1029 ASN A ND2 1 
ATOM   364  N N   . ILE A 1 61  ? 8.523   0.356   3.323   1.00 29.93  ? 1030 ILE A N   1 
ATOM   365  C CA  . ILE A 1 61  ? 7.616   -0.744  3.532   1.00 28.69  ? 1030 ILE A CA  1 
ATOM   366  C C   . ILE A 1 61  ? 8.247   -1.970  2.855   1.00 31.90  ? 1030 ILE A C   1 
ATOM   367  O O   . ILE A 1 61  ? 8.736   -1.886  1.731   1.00 31.02  ? 1030 ILE A O   1 
ATOM   368  C CB  . ILE A 1 61  ? 6.213   -0.441  2.963   1.00 29.58  ? 1030 ILE A CB  1 
ATOM   369  C CG1 . ILE A 1 61  ? 5.576   0.811   3.576   1.00 32.90  ? 1030 ILE A CG1 1 
ATOM   370  C CG2 . ILE A 1 61  ? 5.314   -1.650  3.150   1.00 32.76  ? 1030 ILE A CG2 1 
ATOM   371  C CD1 . ILE A 1 61  ? 4.408   1.340   2.780   1.00 32.38  ? 1030 ILE A CD1 1 
ATOM   372  N N   . ASP A 1 62  ? 8.134   -3.122  3.524   1.00 32.72  ? 1031 ASP A N   1 
ATOM   373  C CA  . ASP A 1 62  ? 8.572   -4.369  2.946   1.00 32.40  ? 1031 ASP A CA  1 
ATOM   374  C C   . ASP A 1 62  ? 7.795   -4.595  1.655   1.00 29.38  ? 1031 ASP A C   1 
ATOM   375  O O   . ASP A 1 62  ? 6.585   -4.711  1.695   1.00 29.05  ? 1031 ASP A O   1 
ATOM   376  C CB  . ASP A 1 62  ? 8.336   -5.503  3.927   1.00 38.80  ? 1031 ASP A CB  1 
ATOM   377  C CG  . ASP A 1 62  ? 8.938   -6.829  3.493   1.00 41.32  ? 1031 ASP A CG  1 
ATOM   378  O OD1 . ASP A 1 62  ? 8.804   -7.166  2.312   1.00 37.89  ? 1031 ASP A OD1 1 
ATOM   379  O OD2 . ASP A 1 62  ? 9.469   -7.533  4.373   1.00 52.23  ? 1031 ASP A OD2 1 
ATOM   380  N N   . PRO A 1 63  ? 8.451   -4.687  0.483   1.00 33.84  ? 1032 PRO A N   1 
ATOM   381  C CA  . PRO A 1 63  ? 7.741   -4.891  -0.781  1.00 32.13  ? 1032 PRO A CA  1 
ATOM   382  C C   . PRO A 1 63  ? 6.827   -6.100  -0.859  1.00 32.05  ? 1032 PRO A C   1 
ATOM   383  O O   . PRO A 1 63  ? 5.902   -6.131  -1.690  1.00 28.69  ? 1032 PRO A O   1 
ATOM   384  C CB  . PRO A 1 63  ? 8.838   -5.075  -1.829  1.00 34.56  ? 1032 PRO A CB  1 
ATOM   385  C CG  . PRO A 1 63  ? 10.155  -5.123  -1.053  1.00 41.80  ? 1032 PRO A CG  1 
ATOM   386  C CD  . PRO A 1 63  ? 9.903   -4.505  0.302   1.00 37.02  ? 1032 PRO A CD  1 
ATOM   387  N N   . LEU A 1 64  ? 7.087   -7.105  -0.006  1.00 31.48  ? 1033 LEU A N   1 
ATOM   388  C CA  . LEU A 1 64  ? 6.251   -8.294  -0.024  1.00 32.98  ? 1033 LEU A CA  1 
ATOM   389  C C   . LEU A 1 64  ? 4.899   -8.037  0.625   1.00 30.63  ? 1033 LEU A C   1 
ATOM   390  O O   . LEU A 1 64  ? 3.956   -8.769  0.336   1.00 29.43  ? 1033 LEU A O   1 
ATOM   391  C CB  . LEU A 1 64  ? 6.959   -9.465  0.649   1.00 35.72  ? 1033 LEU A CB  1 
ATOM   392  C CG  . LEU A 1 64  ? 8.250   -9.924  -0.029  1.00 39.26  ? 1033 LEU A CG  1 
ATOM   393  C CD1 . LEU A 1 64  ? 8.842   -11.112 0.712   1.00 43.14  ? 1033 LEU A CD1 1 
ATOM   394  C CD2 . LEU A 1 64  ? 8.008   -10.253 -1.499  1.00 35.58  ? 1033 LEU A CD2 1 
ATOM   395  N N   . ILE A 1 65  ? 4.795   -7.009  1.479   1.00 27.49  ? 1034 ILE A N   1 
ATOM   396  C CA  . ILE A 1 65  ? 3.506   -6.640  2.032   1.00 28.63  ? 1034 ILE A CA  1 
ATOM   397  C C   . ILE A 1 65  ? 2.685   -6.023  0.903   1.00 29.05  ? 1034 ILE A C   1 
ATOM   398  O O   . ILE A 1 65  ? 1.492   -6.265  0.797   1.00 28.88  ? 1034 ILE A O   1 
ATOM   399  C CB  . ILE A 1 65  ? 3.656   -5.687  3.237   1.00 32.45  ? 1034 ILE A CB  1 
ATOM   400  C CG1 . ILE A 1 65  ? 4.308   -6.386  4.435   1.00 38.40  ? 1034 ILE A CG1 1 
ATOM   401  C CG2 . ILE A 1 65  ? 2.303   -5.098  3.638   1.00 35.32  ? 1034 ILE A CG2 1 
ATOM   402  C CD1 . ILE A 1 65  ? 4.718   -5.441  5.584   1.00 37.72  ? 1034 ILE A CD1 1 
ATOM   403  N N   . LEU A 1 66  ? 3.320   -5.168  0.101   1.00 27.27  ? 1035 LEU A N   1 
ATOM   404  C CA  . LEU A 1 66  ? 2.640   -4.575  -1.040  1.00 29.49  ? 1035 LEU A CA  1 
ATOM   405  C C   . LEU A 1 66  ? 2.185   -5.676  -1.993  1.00 29.23  ? 1035 LEU A C   1 
ATOM   406  O O   . LEU A 1 66  ? 1.047   -5.657  -2.448  1.00 28.61  ? 1035 LEU A O   1 
ATOM   407  C CB  . LEU A 1 66  ? 3.577   -3.581  -1.732  1.00 29.36  ? 1035 LEU A CB  1 
ATOM   408  C CG  . LEU A 1 66  ? 4.144   -2.467  -0.853  1.00 30.47  ? 1035 LEU A CG  1 
ATOM   409  C CD1 . LEU A 1 66  ? 5.181   -1.630  -1.575  1.00 33.75  ? 1035 LEU A CD1 1 
ATOM   410  C CD2 . LEU A 1 66  ? 3.039   -1.577  -0.341  1.00 33.71  ? 1035 LEU A CD2 1 
ATOM   411  N N   . LYS A 1 67  ? 3.058   -6.651  -2.280  1.00 29.39  ? 1036 LYS A N   1 
ATOM   412  C CA  . LYS A 1 67  ? 2.702   -7.749  -3.174  1.00 30.40  ? 1036 LYS A CA  1 
ATOM   413  C C   . LYS A 1 67  ? 1.552   -8.563  -2.610  1.00 30.78  ? 1036 LYS A C   1 
ATOM   414  O O   . LYS A 1 67  ? 0.629   -8.920  -3.357  1.00 31.76  ? 1036 LYS A O   1 
ATOM   415  C CB  . LYS A 1 67  ? 3.865   -8.699  -3.453  1.00 32.15  ? 1036 LYS A CB  1 
ATOM   416  C CG  . LYS A 1 67  ? 4.937   -8.078  -4.317  1.00 41.38  ? 1036 LYS A CG  1 
ATOM   417  C CD  . LYS A 1 67  ? 6.112   -8.992  -4.652  1.00 47.46  ? 1036 LYS A CD  1 
ATOM   418  C CE  . LYS A 1 67  ? 7.050   -8.323  -5.636  1.00 49.34  ? 1036 LYS A CE  1 
ATOM   419  N NZ  . LYS A 1 67  ? 8.272   -9.119  -5.855  1.00 54.89  ? 1036 LYS A NZ  1 
ATOM   420  N N   . ALA A 1 68  ? 1.581   -8.793  -1.290  1.00 30.38  ? 1037 ALA A N   1 
ATOM   421  C CA  . ALA A 1 68  ? 0.525   -9.545  -0.625  1.00 28.27  ? 1037 ALA A CA  1 
ATOM   422  C C   . ALA A 1 68  ? -0.832  -8.866  -0.809  1.00 29.20  ? 1037 ALA A C   1 
ATOM   423  O O   . ALA A 1 68  ? -1.850  -9.537  -1.014  1.00 29.06  ? 1037 ALA A O   1 
ATOM   424  C CB  . ALA A 1 68  ? 0.847   -9.724  0.841   1.00 31.03  ? 1037 ALA A CB  1 
ATOM   425  N N   . ILE A 1 69  ? -0.844  -7.532  -0.750  1.00 30.82  ? 1038 ILE A N   1 
ATOM   426  C CA  . ILE A 1 69  ? -2.064  -6.759  -0.980  1.00 30.89  ? 1038 ILE A CA  1 
ATOM   427  C C   . ILE A 1 69  ? -2.511  -6.894  -2.439  1.00 31.42  ? 1038 ILE A C   1 
ATOM   428  O O   . ILE A 1 69  ? -3.674  -7.200  -2.682  1.00 31.36  ? 1038 ILE A O   1 
ATOM   429  C CB  . ILE A 1 69  ? -1.866  -5.292  -0.536  1.00 31.92  ? 1038 ILE A CB  1 
ATOM   430  C CG1 . ILE A 1 69  ? -1.790  -5.203  0.992   1.00 29.88  ? 1038 ILE A CG1 1 
ATOM   431  C CG2 . ILE A 1 69  ? -2.974  -4.395  -1.094  1.00 31.57  ? 1038 ILE A CG2 1 
ATOM   432  C CD1 . ILE A 1 69  ? -1.323  -3.863  1.504   1.00 28.73  ? 1038 ILE A CD1 1 
ATOM   433  N N   . ALA A 1 70  ? -1.582  -6.740  -3.395  1.00 28.68  ? 1039 ALA A N   1 
ATOM   434  C CA  . ALA A 1 70  ? -1.867  -6.925  -4.815  1.00 28.86  ? 1039 ALA A CA  1 
ATOM   435  C C   . ALA A 1 70  ? -2.485  -8.292  -5.095  1.00 35.26  ? 1039 ALA A C   1 
ATOM   436  O O   . ALA A 1 70  ? -3.427  -8.390  -5.875  1.00 30.82  ? 1039 ALA A O   1 
ATOM   437  C CB  . ALA A 1 70  ? -0.610  -6.774  -5.619  1.00 32.69  ? 1039 ALA A CB  1 
ATOM   438  N N   . TRP A 1 71  ? -1.930  -9.349  -4.490  1.00 35.44  ? 1040 TRP A N   1 
ATOM   439  C CA  . TRP A 1 71  ? -2.329  -10.711 -4.833  1.00 42.40  ? 1040 TRP A CA  1 
ATOM   440  C C   . TRP A 1 71  ? -3.549  -11.190 -4.048  1.00 45.56  ? 1040 TRP A C   1 
ATOM   441  O O   . TRP A 1 71  ? -4.065  -12.252 -4.345  1.00 45.16  ? 1040 TRP A O   1 
ATOM   442  C CB  . TRP A 1 71  ? -1.135  -11.665 -4.711  1.00 42.86  ? 1040 TRP A CB  1 
ATOM   443  C CG  . TRP A 1 71  ? -0.013  -11.237 -5.625  1.00 48.95  ? 1040 TRP A CG  1 
ATOM   444  C CD1 . TRP A 1 71  ? -0.079  -10.255 -6.573  1.00 51.98  ? 1040 TRP A CD1 1 
ATOM   445  C CD2 . TRP A 1 71  ? 1.344   -11.713 -5.653  1.00 61.90  ? 1040 TRP A CD2 1 
ATOM   446  N NE1 . TRP A 1 71  ? 1.128   -10.077 -7.180  1.00 51.44  ? 1040 TRP A NE1 1 
ATOM   447  C CE2 . TRP A 1 71  ? 2.019   -10.963 -6.648  1.00 59.98  ? 1040 TRP A CE2 1 
ATOM   448  C CE3 . TRP A 1 71  ? 2.052   -12.694 -4.952  1.00 69.34  ? 1040 TRP A CE3 1 
ATOM   449  C CZ2 . TRP A 1 71  ? 3.361   -11.156 -6.947  1.00 55.67  ? 1040 TRP A CZ2 1 
ATOM   450  C CZ3 . TRP A 1 71  ? 3.379   -12.891 -5.263  1.00 69.10  ? 1040 TRP A CZ3 1 
ATOM   451  C CH2 . TRP A 1 71  ? 4.026   -12.121 -6.230  1.00 63.55  ? 1040 TRP A CH2 1 
ATOM   452  N N   . ASN A 1 72  ? -4.099  -10.387 -3.134  1.00 44.46  ? 1041 ASN A N   1 
ATOM   453  C CA  . ASN A 1 72  ? -5.360  -10.776 -2.535  1.00 45.33  ? 1041 ASN A CA  1 
ATOM   454  C C   . ASN A 1 72  ? -6.506  -10.168 -3.353  1.00 42.92  ? 1041 ASN A C   1 
ATOM   455  O O   . ASN A 1 72  ? -7.387  -9.617  -2.695  1.00 53.96  ? 1041 ASN A O   1 
ATOM   456  C CB  . ASN A 1 72  ? -5.358  -10.505 -1.023  1.00 47.63  ? 1041 ASN A CB  1 
ATOM   457  C CG  . ASN A 1 72  ? -4.777  -11.699 -0.273  1.00 50.66  ? 1041 ASN A CG  1 
ATOM   458  O OD1 . ASN A 1 72  ? -5.508  -12.610 0.111   1.00 44.92  ? 1041 ASN A OD1 1 
ATOM   459  N ND2 . ASN A 1 72  ? -3.464  -11.752 -0.113  1.00 45.38  ? 1041 ASN A ND2 1 
ATOM   460  N N   . ILE A 1 84  ? -17.615 -3.491  -5.451  1.00 50.10  ? 1053 ILE A N   1 
ATOM   461  C CA  . ILE A 1 84  ? -18.227 -2.431  -4.590  1.00 52.67  ? 1053 ILE A CA  1 
ATOM   462  C C   . ILE A 1 84  ? -18.198 -2.885  -3.126  1.00 54.33  ? 1053 ILE A C   1 
ATOM   463  O O   . ILE A 1 84  ? -18.540 -4.016  -2.826  1.00 62.00  ? 1053 ILE A O   1 
ATOM   464  C CB  . ILE A 1 84  ? -19.652 -2.059  -5.071  1.00 54.14  ? 1053 ILE A CB  1 
ATOM   465  C CG1 . ILE A 1 84  ? -19.650 -1.508  -6.508  1.00 57.35  ? 1053 ILE A CG1 1 
ATOM   466  C CG2 . ILE A 1 84  ? -20.310 -1.064  -4.116  1.00 48.24  ? 1053 ILE A CG2 1 
ATOM   467  C CD1 . ILE A 1 84  ? -19.688 -2.564  -7.603  1.00 59.61  ? 1053 ILE A CD1 1 
ATOM   468  N N   . ASN A 1 85  ? -17.775 -1.992  -2.222  1.00 43.21  ? 1054 ASN A N   1 
ATOM   469  C CA  . ASN A 1 85  ? -17.668 -2.267  -0.795  1.00 42.38  ? 1054 ASN A CA  1 
ATOM   470  C C   . ASN A 1 85  ? -18.987 -1.944  -0.107  1.00 46.66  ? 1054 ASN A C   1 
ATOM   471  O O   . ASN A 1 85  ? -19.836 -1.235  -0.655  1.00 43.83  ? 1054 ASN A O   1 
ATOM   472  C CB  . ASN A 1 85  ? -16.531 -1.446  -0.167  1.00 36.74  ? 1054 ASN A CB  1 
ATOM   473  C CG  . ASN A 1 85  ? -15.218 -1.703  -0.870  1.00 35.69  ? 1054 ASN A CG  1 
ATOM   474  O OD1 . ASN A 1 85  ? -14.867 -2.855  -1.063  1.00 44.74  ? 1054 ASN A OD1 1 
ATOM   475  N ND2 . ASN A 1 85  ? -14.540 -0.672  -1.363  1.00 34.38  ? 1054 ASN A ND2 1 
ATOM   476  N N   . LYS A 1 86  ? -19.080 -2.364  1.156   1.00 45.27  ? 1055 LYS A N   1 
ATOM   477  C CA  . LYS A 1 86  ? -20.290 -2.262  1.952   1.00 49.71  ? 1055 LYS A CA  1 
ATOM   478  C C   . LYS A 1 86  ? -20.733 -0.815  2.094   1.00 46.57  ? 1055 LYS A C   1 
ATOM   479  O O   . LYS A 1 86  ? -21.927 -0.496  2.096   1.00 50.12  ? 1055 LYS A O   1 
ATOM   480  C CB  . LYS A 1 86  ? -20.049 -2.859  3.347   1.00 56.89  ? 1055 LYS A CB  1 
ATOM   481  C CG  . LYS A 1 86  ? -21.121 -3.826  3.819   1.00 60.10  ? 1055 LYS A CG  1 
ATOM   482  C CD  . LYS A 1 86  ? -20.739 -4.578  5.088   1.00 69.62  ? 1055 LYS A CD  1 
ATOM   483  C CE  . LYS A 1 86  ? -21.519 -5.860  5.298   1.00 70.94  ? 1055 LYS A CE  1 
ATOM   484  N NZ  . LYS A 1 86  ? -21.128 -6.910  4.326   1.00 71.72  ? 1055 LYS A NZ  1 
ATOM   485  N N   . ASN A 1 87  ? -19.767 0.084   2.219   1.00 37.07  ? 1056 ASN A N   1 
ATOM   486  C CA  . ASN A 1 87  ? -20.084 1.480   2.433   1.00 32.43  ? 1056 ASN A CA  1 
ATOM   487  C C   . ASN A 1 87  ? -20.289 2.223   1.105   1.00 29.91  ? 1056 ASN A C   1 
ATOM   488  O O   . ASN A 1 87  ? -20.447 3.433   1.095   1.00 31.76  ? 1056 ASN A O   1 
ATOM   489  C CB  . ASN A 1 87  ? -18.999 2.138   3.274   1.00 38.79  ? 1056 ASN A CB  1 
ATOM   490  C CG  . ASN A 1 87  ? -17.644 2.145   2.582   1.00 34.52  ? 1056 ASN A CG  1 
ATOM   491  O OD1 . ASN A 1 87  ? -17.479 1.661   1.467   1.00 28.87  ? 1056 ASN A OD1 1 
ATOM   492  N ND2 . ASN A 1 87  ? -16.670 2.718   3.260   1.00 37.60  ? 1056 ASN A ND2 1 
ATOM   493  N N   . GLY A 1 88  ? -20.299 1.527   -0.026  1.00 32.88  ? 1057 GLY A N   1 
ATOM   494  C CA  . GLY A 1 88  ? -20.597 2.187   -1.287  1.00 31.91  ? 1057 GLY A CA  1 
ATOM   495  C C   . GLY A 1 88  ? -19.368 2.728   -2.026  1.00 32.00  ? 1057 GLY A C   1 
ATOM   496  O O   . GLY A 1 88  ? -19.509 3.226   -3.139  1.00 30.53  ? 1057 GLY A O   1 
ATOM   497  N N   . THR A 1 89  ? -18.177 2.611   -1.426  1.00 30.35  ? 1058 THR A N   1 
ATOM   498  C CA  . THR A 1 89  ? -16.944 2.898   -2.128  1.00 28.62  ? 1058 THR A CA  1 
ATOM   499  C C   . THR A 1 89  ? -16.623 1.704   -2.999  1.00 30.21  ? 1058 THR A C   1 
ATOM   500  O O   . THR A 1 89  ? -17.287 0.675   -2.923  1.00 31.41  ? 1058 THR A O   1 
ATOM   501  C CB  . THR A 1 89  ? -15.774 3.186   -1.172  1.00 26.29  ? 1058 THR A CB  1 
ATOM   502  O OG1 . THR A 1 89  ? -15.514 2.060   -0.334  1.00 26.40  ? 1058 THR A OG1 1 
ATOM   503  C CG2 . THR A 1 89  ? -15.999 4.387   -0.308  1.00 28.79  ? 1058 THR A CG2 1 
ATOM   504  N N   . TYR A 1 90  ? -15.583 1.853   -3.828  1.00 29.74  ? 1059 TYR A N   1 
ATOM   505  C CA  . TYR A 1 90  ? -15.109 0.783   -4.690  1.00 28.95  ? 1059 TYR A CA  1 
ATOM   506  C C   . TYR A 1 90  ? -13.582 0.842   -4.808  1.00 31.91  ? 1059 TYR A C   1 
ATOM   507  O O   . TYR A 1 90  ? -12.953 1.852   -4.490  1.00 27.32  ? 1059 TYR A O   1 
ATOM   508  C CB  . TYR A 1 90  ? -15.780 0.864   -6.072  1.00 27.66  ? 1059 TYR A CB  1 
ATOM   509  C CG  . TYR A 1 90  ? -15.556 2.146   -6.849  1.00 28.16  ? 1059 TYR A CG  1 
ATOM   510  C CD1 . TYR A 1 90  ? -16.362 3.261   -6.652  1.00 31.15  ? 1059 TYR A CD1 1 
ATOM   511  C CD2 . TYR A 1 90  ? -14.519 2.243   -7.765  1.00 31.19  ? 1059 TYR A CD2 1 
ATOM   512  C CE1 . TYR A 1 90  ? -16.145 4.441   -7.342  1.00 30.70  ? 1059 TYR A CE1 1 
ATOM   513  C CE2 . TYR A 1 90  ? -14.289 3.415   -8.460  1.00 30.37  ? 1059 TYR A CE2 1 
ATOM   514  C CZ  . TYR A 1 90  ? -15.102 4.511   -8.252  1.00 31.55  ? 1059 TYR A CZ  1 
ATOM   515  O OH  . TYR A 1 90  ? -14.854 5.611   -8.978  1.00 31.98  ? 1059 TYR A OH  1 
ATOM   516  N N   . ASP A 1 91  ? -13.011 -0.214  -5.396  1.00 28.70  ? 1060 ASP A N   1 
ATOM   517  C CA  . ASP A 1 91  ? -11.575 -0.435  -5.410  1.00 31.16  ? 1060 ASP A CA  1 
ATOM   518  C C   . ASP A 1 91  ? -11.042 -0.253  -6.827  1.00 32.35  ? 1060 ASP A C   1 
ATOM   519  O O   . ASP A 1 91  ? -11.709 -0.625  -7.788  1.00 29.38  ? 1060 ASP A O   1 
ATOM   520  C CB  . ASP A 1 91  ? -11.279 -1.833  -4.867  1.00 33.76  ? 1060 ASP A CB  1 
ATOM   521  C CG  . ASP A 1 91  ? -11.518 -1.985  -3.376  1.00 36.53  ? 1060 ASP A CG  1 
ATOM   522  O OD1 . ASP A 1 91  ? -11.857 -0.985  -2.715  1.00 40.37  ? 1060 ASP A OD1 1 
ATOM   523  O OD2 . ASP A 1 91  ? -11.346 -3.116  -2.872  1.00 38.78  ? 1060 ASP A OD2 1 
ATOM   524  N N   . ILE A 1 92  ? -9.826  0.295   -6.946  1.00 27.72  ? 1061 ILE A N   1 
ATOM   525  C CA  . ILE A 1 92  ? -9.313  0.774   -8.208  1.00 27.92  ? 1061 ILE A CA  1 
ATOM   526  C C   . ILE A 1 92  ? -7.915  0.214   -8.454  1.00 28.56  ? 1061 ILE A C   1 
ATOM   527  O O   . ILE A 1 92  ? -6.976  0.521   -7.719  1.00 28.13  ? 1061 ILE A O   1 
ATOM   528  C CB  . ILE A 1 92  ? -9.278  2.310   -8.225  1.00 26.51  ? 1061 ILE A CB  1 
ATOM   529  C CG1 . ILE A 1 92  ? -10.647 2.916   -7.906  1.00 30.42  ? 1061 ILE A CG1 1 
ATOM   530  C CG2 . ILE A 1 92  ? -8.768  2.781   -9.572  1.00 28.78  ? 1061 ILE A CG2 1 
ATOM   531  C CD1 . ILE A 1 92  ? -10.643 4.372   -7.559  1.00 30.48  ? 1061 ILE A CD1 1 
ATOM   532  N N   . GLY A 1 93  ? -7.774  -0.532  -9.555  1.00 28.77  ? 1062 GLY A N   1 
ATOM   533  C CA  . GLY A 1 93  ? -6.476  -0.918  -10.076 1.00 30.29  ? 1062 GLY A CA  1 
ATOM   534  C C   . GLY A 1 93  ? -5.839  -2.040  -9.269  1.00 27.66  ? 1062 GLY A C   1 
ATOM   535  O O   . GLY A 1 93  ? -6.474  -2.637  -8.411  1.00 26.47  ? 1062 GLY A O   1 
ATOM   536  N N   . ILE A 1 94  ? -4.554  -2.229  -9.511  1.00 30.13  ? 1063 ILE A N   1 
ATOM   537  C CA  . ILE A 1 94  ? -3.830  -3.418  -9.075  1.00 31.75  ? 1063 ILE A CA  1 
ATOM   538  C C   . ILE A 1 94  ? -3.799  -3.489  -7.545  1.00 28.93  ? 1063 ILE A C   1 
ATOM   539  O O   . ILE A 1 94  ? -3.892  -4.565  -6.988  1.00 29.73  ? 1063 ILE A O   1 
ATOM   540  C CB  . ILE A 1 94  ? -2.422  -3.449  -9.724  1.00 34.03  ? 1063 ILE A CB  1 
ATOM   541  C CG1 . ILE A 1 94  ? -1.603  -4.647  -9.249  1.00 42.91  ? 1063 ILE A CG1 1 
ATOM   542  C CG2 . ILE A 1 94  ? -1.619  -2.201  -9.472  1.00 33.66  ? 1063 ILE A CG2 1 
ATOM   543  C CD1 . ILE A 1 94  ? -0.365  -4.889  -10.088 1.00 49.04  ? 1063 ILE A CD1 1 
ATOM   544  N N   . MET A 1 95  ? -3.697  -2.350  -6.849  1.00 27.31  ? 1064 MET A N   1 
ATOM   545  C CA  . MET A 1 95  ? -3.573  -2.368  -5.394  1.00 28.79  ? 1064 MET A CA  1 
ATOM   546  C C   . MET A 1 95  ? -4.917  -2.088  -4.721  1.00 28.86  ? 1064 MET A C   1 
ATOM   547  O O   . MET A 1 95  ? -4.962  -1.876  -3.518  1.00 30.66  ? 1064 MET A O   1 
ATOM   548  C CB  . MET A 1 95  ? -2.567  -1.336  -4.912  1.00 25.24  ? 1064 MET A CB  1 
ATOM   549  C CG  . MET A 1 95  ? -1.179  -1.612  -5.359  1.00 27.61  ? 1064 MET A CG  1 
ATOM   550  S SD  . MET A 1 95  ? -0.487  -3.128  -4.638  1.00 31.90  ? 1064 MET A SD  1 
ATOM   551  C CE  . MET A 1 95  ? -0.151  -2.528  -2.993  1.00 30.67  ? 1064 MET A CE  1 
ATOM   552  N N   . GLN A 1 96  ? -5.996  -2.064  -5.513  1.00 30.96  ? 1065 GLN A N   1 
ATOM   553  C CA  . GLN A 1 96  ? -7.356  -1.921  -5.026  1.00 33.86  ? 1065 GLN A CA  1 
ATOM   554  C C   . GLN A 1 96  ? -7.483  -0.672  -4.149  1.00 29.42  ? 1065 GLN A C   1 
ATOM   555  O O   . GLN A 1 96  ? -7.974  -0.711  -3.016  1.00 29.48  ? 1065 GLN A O   1 
ATOM   556  C CB  . GLN A 1 96  ? -7.770  -3.274  -4.435  1.00 37.77  ? 1065 GLN A CB  1 
ATOM   557  C CG  . GLN A 1 96  ? -8.000  -4.339  -5.539  1.00 43.11  ? 1065 GLN A CG  1 
ATOM   558  C CD  . GLN A 1 96  ? -9.190  -4.060  -6.450  1.00 53.88  ? 1065 GLN A CD  1 
ATOM   559  O OE1 . GLN A 1 96  ? -10.294 -4.550  -6.195  1.00 61.44  ? 1065 GLN A OE1 1 
ATOM   560  N NE2 . GLN A 1 96  ? -9.004  -3.277  -7.521  1.00 45.87  ? 1065 GLN A NE2 1 
ATOM   561  N N   . ILE A 1 97  ? -7.051  0.451   -4.714  1.00 29.10  ? 1066 ILE A N   1 
ATOM   562  C CA  . ILE A 1 97  ? -7.110  1.732   -4.024  1.00 28.08  ? 1066 ILE A CA  1 
ATOM   563  C C   . ILE A 1 97  ? -8.585  2.047   -3.792  1.00 27.56  ? 1066 ILE A C   1 
ATOM   564  O O   . ILE A 1 97  ? -9.340  2.008   -4.740  1.00 24.48  ? 1066 ILE A O   1 
ATOM   565  C CB  . ILE A 1 97  ? -6.475  2.834   -4.880  1.00 26.27  ? 1066 ILE A CB  1 
ATOM   566  C CG1 . ILE A 1 97  ? -5.021  2.524   -5.257  1.00 32.39  ? 1066 ILE A CG1 1 
ATOM   567  C CG2 . ILE A 1 97  ? -6.617  4.180   -4.202  1.00 26.52  ? 1066 ILE A CG2 1 
ATOM   568  C CD1 . ILE A 1 97  ? -4.157  2.158   -4.111  1.00 32.51  ? 1066 ILE A CD1 1 
ATOM   569  N N   . ASN A 1 98  ? -8.976  2.355   -2.551  1.00 27.68  ? 1067 ASN A N   1 
ATOM   570  C CA  . ASN A 1 98  ? -10.336 2.734   -2.244  1.00 28.90  ? 1067 ASN A CA  1 
ATOM   571  C C   . ASN A 1 98  ? -10.650 4.110   -2.842  1.00 29.40  ? 1067 ASN A C   1 
ATOM   572  O O   . ASN A 1 98  ? -9.883  5.052   -2.691  1.00 25.31  ? 1067 ASN A O   1 
ATOM   573  C CB  . ASN A 1 98  ? -10.552 2.687   -0.730  1.00 31.63  ? 1067 ASN A CB  1 
ATOM   574  C CG  . ASN A 1 98  ? -11.997 2.898   -0.335  1.00 32.72  ? 1067 ASN A CG  1 
ATOM   575  O OD1 . ASN A 1 98  ? -12.492 4.018   -0.346  1.00 32.08  ? 1067 ASN A OD1 1 
ATOM   576  N ND2 . ASN A 1 98  ? -12.658 1.832   0.051   1.00 31.31  ? 1067 ASN A ND2 1 
ATOM   577  N N   . SER A 1 99  ? -11.839 4.212   -3.466  1.00 25.13  ? 1068 SER A N   1 
ATOM   578  C CA  . SER A 1 99  ? -12.365 5.400   -4.106  1.00 24.39  ? 1068 SER A CA  1 
ATOM   579  C C   . SER A 1 99  ? -12.505 6.614   -3.174  1.00 23.86  ? 1068 SER A C   1 
ATOM   580  O O   . SER A 1 99  ? -12.534 7.753   -3.654  1.00 24.07  ? 1068 SER A O   1 
ATOM   581  C CB  . SER A 1 99  ? -13.668 5.040   -4.773  1.00 26.99  ? 1068 SER A CB  1 
ATOM   582  O OG  . SER A 1 99  ? -14.680 4.705   -3.820  1.00 29.31  ? 1068 SER A OG  1 
ATOM   583  N N   . SER A 1 100 ? -12.553 6.401   -1.859  1.00 24.89  ? 1069 SER A N   1 
ATOM   584  C CA  . SER A 1 100 ? -12.603 7.529   -0.930  1.00 30.87  ? 1069 SER A CA  1 
ATOM   585  C C   . SER A 1 100 ? -11.334 8.378   -1.013  1.00 34.21  ? 1069 SER A C   1 
ATOM   586  O O   . SER A 1 100 ? -11.328 9.516   -0.503  1.00 27.45  ? 1069 SER A O   1 
ATOM   587  C CB  . SER A 1 100 ? -12.776 7.072   0.484   1.00 30.40  ? 1069 SER A CB  1 
ATOM   588  O OG  . SER A 1 100 ? -11.672 6.227   0.846   1.00 28.69  ? 1069 SER A OG  1 
ATOM   589  N N   . HIS A 1 101 ? -10.269 7.846   -1.654  1.00 27.62  ? 1070 HIS A N   1 
ATOM   590  C CA  . HIS A 1 101 ? -9.029  8.618   -1.702  1.00 30.04  ? 1070 HIS A CA  1 
ATOM   591  C C   . HIS A 1 101 ? -9.004  9.575   -2.877  1.00 28.51  ? 1070 HIS A C   1 
ATOM   592  O O   . HIS A 1 101 ? -8.034  10.314  -3.005  1.00 28.35  ? 1070 HIS A O   1 
ATOM   593  C CB  . HIS A 1 101 ? -7.787  7.704   -1.779  1.00 27.00  ? 1070 HIS A CB  1 
ATOM   594  C CG  . HIS A 1 101 ? -7.634  6.874   -0.546  1.00 28.46  ? 1070 HIS A CG  1 
ATOM   595  N ND1 . HIS A 1 101 ? -7.328  7.416   0.686   1.00 31.23  ? 1070 HIS A ND1 1 
ATOM   596  C CD2 . HIS A 1 101 ? -7.771  5.541   -0.344  1.00 26.12  ? 1070 HIS A CD2 1 
ATOM   597  C CE1 . HIS A 1 101 ? -7.345  6.444   1.602   1.00 31.18  ? 1070 HIS A CE1 1 
ATOM   598  N NE2 . HIS A 1 101 ? -7.601  5.288   0.986   1.00 27.92  ? 1070 HIS A NE2 1 
ATOM   599  N N   . LEU A 1 102 ? -9.942  9.465   -3.834  1.00 27.24  ? 1071 LEU A N   1 
ATOM   600  C CA  . LEU A 1 102 ? -9.752  10.157  -5.099  1.00 29.84  ? 1071 LEU A CA  1 
ATOM   601  C C   . LEU A 1 102 ? -9.722  11.674  -4.901  1.00 33.45  ? 1071 LEU A C   1 
ATOM   602  O O   . LEU A 1 102 ? -9.038  12.371  -5.648  1.00 32.31  ? 1071 LEU A O   1 
ATOM   603  C CB  . LEU A 1 102 ? -10.836 9.777   -6.101  1.00 31.45  ? 1071 LEU A CB  1 
ATOM   604  C CG  . LEU A 1 102 ? -10.743 8.344   -6.637  1.00 30.82  ? 1071 LEU A CG  1 
ATOM   605  C CD1 . LEU A 1 102 ? -11.999 8.003   -7.446  1.00 33.65  ? 1071 LEU A CD1 1 
ATOM   606  C CD2 . LEU A 1 102 ? -9.509  8.184   -7.479  1.00 31.75  ? 1071 LEU A CD2 1 
ATOM   607  N N   . ASP A 1 103 ? -10.512 12.181  -3.958  1.00 33.53  ? 1072 ASP A N   1 
ATOM   608  C CA  . ASP A 1 103 ? -10.604 13.628  -3.773  1.00 36.50  ? 1072 ASP A CA  1 
ATOM   609  C C   . ASP A 1 103 ? -9.248  14.195  -3.314  1.00 33.67  ? 1072 ASP A C   1 
ATOM   610  O O   . ASP A 1 103 ? -8.734  15.134  -3.930  1.00 38.05  ? 1072 ASP A O   1 
ATOM   611  C CB  . ASP A 1 103 ? -11.700 13.995  -2.770  1.00 39.53  ? 1072 ASP A CB  1 
ATOM   612  C CG  . ASP A 1 103 ? -11.865 15.501  -2.610  1.00 43.75  ? 1072 ASP A CG  1 
ATOM   613  O OD1 . ASP A 1 103 ? -11.994 16.198  -3.639  1.00 49.00  ? 1072 ASP A OD1 1 
ATOM   614  O OD2 . ASP A 1 103 ? -11.917 15.948  -1.471  1.00 51.95  ? 1072 ASP A OD2 1 
ATOM   615  N N   . LEU A 1 104 ? -8.659  13.578  -2.284  1.00 34.67  ? 1073 LEU A N   1 
ATOM   616  C CA  . LEU A 1 104 ? -7.296  13.873  -1.844  1.00 38.47  ? 1073 LEU A CA  1 
ATOM   617  C C   . LEU A 1 104 ? -6.299  13.717  -2.992  1.00 35.54  ? 1073 LEU A C   1 
ATOM   618  O O   . LEU A 1 104 ? -5.514  14.618  -3.236  1.00 36.06  ? 1073 LEU A O   1 
ATOM   619  C CB  . LEU A 1 104 ? -6.945  12.975  -0.656  1.00 42.49  ? 1073 LEU A CB  1 
ATOM   620  C CG  . LEU A 1 104 ? -5.521  13.105  -0.102  1.00 51.29  ? 1073 LEU A CG  1 
ATOM   621  C CD1 . LEU A 1 104 ? -5.313  14.450  0.592   1.00 52.85  ? 1073 LEU A CD1 1 
ATOM   622  C CD2 . LEU A 1 104 ? -5.227  11.976  0.873   1.00 56.59  ? 1073 LEU A CD2 1 
ATOM   623  N N   . LEU A 1 105 ? -6.350  12.615  -3.752  1.00 30.95  ? 1074 LEU A N   1 
ATOM   624  C CA  . LEU A 1 105 ? -5.407  12.393  -4.842  1.00 29.56  ? 1074 LEU A CA  1 
ATOM   625  C C   . LEU A 1 105 ? -5.491  13.459  -5.944  1.00 34.64  ? 1074 LEU A C   1 
ATOM   626  O O   . LEU A 1 105 ? -4.483  13.722  -6.612  1.00 31.90  ? 1074 LEU A O   1 
ATOM   627  C CB  . LEU A 1 105 ? -5.583  10.974  -5.399  1.00 30.42  ? 1074 LEU A CB  1 
ATOM   628  C CG  . LEU A 1 105 ? -5.211  9.882   -4.398  1.00 31.73  ? 1074 LEU A CG  1 
ATOM   629  C CD1 . LEU A 1 105 ? -5.578  8.510   -4.925  1.00 32.62  ? 1074 LEU A CD1 1 
ATOM   630  C CD2 . LEU A 1 105 ? -3.729  9.956   -4.051  1.00 32.22  ? 1074 LEU A CD2 1 
ATOM   631  N N   . SER A 1 106 ? -6.667  14.065  -6.172  1.00 35.43  ? 1075 SER A N   1 
ATOM   632  C CA  . SER A 1 106 ? -6.801  15.105  -7.193  1.00 39.24  ? 1075 SER A CA  1 
ATOM   633  C C   . SER A 1 106 ? -5.927  16.314  -6.849  1.00 38.80  ? 1075 SER A C   1 
ATOM   634  O O   . SER A 1 106 ? -5.396  16.953  -7.750  1.00 46.10  ? 1075 SER A O   1 
ATOM   635  C CB  . SER A 1 106 ? -8.244  15.565  -7.415  1.00 40.80  ? 1075 SER A CB  1 
ATOM   636  O OG  . SER A 1 106 ? -8.768  16.078  -6.200  1.00 44.92  ? 1075 SER A OG  1 
ATOM   637  N N   . LYS A 1 107 ? -5.685  16.553  -5.558  1.00 39.72  ? 1076 LYS A N   1 
ATOM   638  C CA  . LYS A 1 107 ? -4.814  17.646  -5.126  1.00 41.53  ? 1076 LYS A CA  1 
ATOM   639  C C   . LYS A 1 107 ? -3.350  17.406  -5.505  1.00 43.90  ? 1076 LYS A C   1 
ATOM   640  O O   . LYS A 1 107 ? -2.541  18.322  -5.462  1.00 42.65  ? 1076 LYS A O   1 
ATOM   641  C CB  . LYS A 1 107 ? -5.000  17.829  -3.627  1.00 41.87  ? 1076 LYS A CB  1 
ATOM   642  C CG  . LYS A 1 107 ? -6.426  18.229  -3.259  1.00 47.71  ? 1076 LYS A CG  1 
ATOM   643  C CD  . LYS A 1 107 ? -6.625  18.555  -1.799  1.00 62.39  ? 1076 LYS A CD  1 
ATOM   644  C CE  . LYS A 1 107 ? -6.919  17.335  -0.954  1.00 70.59  ? 1076 LYS A CE  1 
ATOM   645  N NZ  . LYS A 1 107 ? -6.957  17.641  0.498   1.00 79.02  ? 1076 LYS A NZ  1 
ATOM   646  N N   . PHE A 1 108 ? -3.016  16.154  -5.847  1.00 39.30  ? 1077 PHE A N   1 
ATOM   647  C CA  . PHE A 1 108 ? -1.686  15.758  -6.267  1.00 35.23  ? 1077 PHE A CA  1 
ATOM   648  C C   . PHE A 1 108 ? -1.688  15.546  -7.767  1.00 34.04  ? 1077 PHE A C   1 
ATOM   649  O O   . PHE A 1 108 ? -0.726  15.022  -8.318  1.00 36.49  ? 1077 PHE A O   1 
ATOM   650  C CB  . PHE A 1 108 ? -1.296  14.450  -5.585  1.00 32.64  ? 1077 PHE A CB  1 
ATOM   651  C CG  . PHE A 1 108 ? -1.063  14.550  -4.102  1.00 32.19  ? 1077 PHE A CG  1 
ATOM   652  C CD1 . PHE A 1 108 ? 0.180   14.930  -3.614  1.00 38.91  ? 1077 PHE A CD1 1 
ATOM   653  C CD2 . PHE A 1 108 ? -2.051  14.206  -3.199  1.00 38.08  ? 1077 PHE A CD2 1 
ATOM   654  C CE1 . PHE A 1 108 ? 0.418   14.997  -2.252  1.00 42.69  ? 1077 PHE A CE1 1 
ATOM   655  C CE2 . PHE A 1 108 ? -1.823  14.286  -1.837  1.00 39.57  ? 1077 PHE A CE2 1 
ATOM   656  C CZ  . PHE A 1 108 ? -0.587  14.685  -1.366  1.00 47.78  ? 1077 PHE A CZ  1 
ATOM   657  N N   . ASN A 1 109 ? -2.820  15.890  -8.391  1.00 40.74  ? 1078 ASN A N   1 
ATOM   658  C CA  . ASN A 1 109 ? -3.015  15.706  -9.818  1.00 42.02  ? 1078 ASN A CA  1 
ATOM   659  C C   . ASN A 1 109 ? -2.952  14.221  -10.200 1.00 35.82  ? 1078 ASN A C   1 
ATOM   660  O O   . ASN A 1 109 ? -2.374  13.828  -11.221 1.00 38.35  ? 1078 ASN A O   1 
ATOM   661  C CB  . ASN A 1 109 ? -2.017  16.564  -10.605 1.00 49.63  ? 1078 ASN A CB  1 
ATOM   662  C CG  . ASN A 1 109 ? -2.470  16.738  -12.037 1.00 52.19  ? 1078 ASN A CG  1 
ATOM   663  O OD1 . ASN A 1 109 ? -3.656  16.945  -12.275 1.00 49.10  ? 1078 ASN A OD1 1 
ATOM   664  N ND2 . ASN A 1 109 ? -1.557  16.575  -12.979 1.00 56.77  ? 1078 ASN A ND2 1 
ATOM   665  N N   . ILE A 1 110 ? -3.543  13.380  -9.358  1.00 36.42  ? 1079 ILE A N   1 
ATOM   666  C CA  . ILE A 1 110 ? -3.644  11.961  -9.642  1.00 36.07  ? 1079 ILE A CA  1 
ATOM   667  C C   . ILE A 1 110 ? -5.133  11.707  -9.855  1.00 32.29  ? 1079 ILE A C   1 
ATOM   668  O O   . ILE A 1 110 ? -5.947  11.978  -8.982  1.00 34.84  ? 1079 ILE A O   1 
ATOM   669  C CB  . ILE A 1 110 ? -3.062  11.114  -8.481  1.00 34.98  ? 1079 ILE A CB  1 
ATOM   670  C CG1 . ILE A 1 110 ? -1.599  11.462  -8.188  1.00 35.94  ? 1079 ILE A CG1 1 
ATOM   671  C CG2 . ILE A 1 110 ? -3.265  9.622   -8.721  1.00 32.49  ? 1079 ILE A CG2 1 
ATOM   672  C CD1 . ILE A 1 110 ? -1.078  10.960  -6.846  1.00 38.65  ? 1079 ILE A CD1 1 
ATOM   673  N N   . SER A 1 111 ? -5.462  11.207  -11.036 1.00 31.43  ? 1080 SER A N   1 
ATOM   674  C CA  . SER A 1 111 ? -6.825  10.940  -11.410 1.00 34.60  ? 1080 SER A CA  1 
ATOM   675  C C   . SER A 1 111 ? -7.059  9.444   -11.285 1.00 37.61  ? 1080 SER A C   1 
ATOM   676  O O   . SER A 1 111 ? -6.093  8.660   -11.295 1.00 34.27  ? 1080 SER A O   1 
ATOM   677  C CB  . SER A 1 111 ? -7.041  11.366  -12.820 1.00 36.90  ? 1080 SER A CB  1 
ATOM   678  O OG  . SER A 1 111 ? -6.211  10.580  -13.652 1.00 37.45  ? 1080 SER A OG  1 
ATOM   679  N N   . GLU A 1 112 ? -8.346  9.100   -11.323 1.00 32.74  ? 1081 GLU A N   1 
ATOM   680  C CA  . GLU A 1 112 ? -8.803  7.723   -11.372 1.00 35.22  ? 1081 GLU A CA  1 
ATOM   681  C C   . GLU A 1 112 ? -8.223  7.020   -12.601 1.00 35.92  ? 1081 GLU A C   1 
ATOM   682  O O   . GLU A 1 112 ? -7.754  5.881   -12.528 1.00 29.24  ? 1081 GLU A O   1 
ATOM   683  C CB  . GLU A 1 112 ? -10.338 7.679   -11.360 1.00 34.42  ? 1081 GLU A CB  1 
ATOM   684  C CG  . GLU A 1 112 ? -10.861 6.255   -11.280 1.00 38.96  ? 1081 GLU A CG  1 
ATOM   685  C CD  . GLU A 1 112 ? -12.355 6.089   -11.015 1.00 46.65  ? 1081 GLU A CD  1 
ATOM   686  O OE1 . GLU A 1 112 ? -13.088 7.074   -11.118 1.00 51.84  ? 1081 GLU A OE1 1 
ATOM   687  O OE2 . GLU A 1 112 ? -12.776 4.951   -10.720 1.00 48.29  ? 1081 GLU A OE2 1 
ATOM   688  N N   . ASP A 1 113 ? -8.194  7.714   -13.737 1.00 32.65  ? 1082 ASP A N   1 
ATOM   689  C CA  . ASP A 1 113 ? -7.596  7.153   -14.934 1.00 37.85  ? 1082 ASP A CA  1 
ATOM   690  C C   . ASP A 1 113 ? -6.119  6.802   -14.729 1.00 35.77  ? 1082 ASP A C   1 
ATOM   691  O O   . ASP A 1 113 ? -5.696  5.758   -15.215 1.00 33.67  ? 1082 ASP A O   1 
ATOM   692  C CB  . ASP A 1 113 ? -7.715  8.092   -16.133 1.00 44.80  ? 1082 ASP A CB  1 
ATOM   693  C CG  . ASP A 1 113 ? -9.091  8.037   -16.756 1.00 59.61  ? 1082 ASP A CG  1 
ATOM   694  O OD1 . ASP A 1 113 ? -9.798  7.024   -16.518 1.00 64.75  ? 1082 ASP A OD1 1 
ATOM   695  O OD2 . ASP A 1 113 ? -9.456  9.016   -17.435 1.00 70.94  ? 1082 ASP A OD2 1 
ATOM   696  N N   . ASP A 1 114 ? -5.336  7.692   -14.105 1.00 35.56  ? 1083 ASP A N   1 
ATOM   697  C CA  . ASP A 1 114 ? -3.939  7.398   -13.789 1.00 36.87  ? 1083 ASP A CA  1 
ATOM   698  C C   . ASP A 1 114 ? -3.810  6.127   -12.959 1.00 31.85  ? 1083 ASP A C   1 
ATOM   699  O O   . ASP A 1 114 ? -2.907  5.352   -13.211 1.00 33.34  ? 1083 ASP A O   1 
ATOM   700  C CB  . ASP A 1 114 ? -3.276  8.509   -12.966 1.00 40.44  ? 1083 ASP A CB  1 
ATOM   701  C CG  . ASP A 1 114 ? -3.205  9.830   -13.706 1.00 45.80  ? 1083 ASP A CG  1 
ATOM   702  O OD1 . ASP A 1 114 ? -3.170  9.759   -14.949 1.00 46.21  ? 1083 ASP A OD1 1 
ATOM   703  O OD2 . ASP A 1 114 ? -3.285  10.919  -13.036 1.00 44.90  ? 1083 ASP A OD2 1 
ATOM   704  N N   . LEU A 1 115 ? -4.677  5.950   -11.934 1.00 27.65  ? 1084 LEU A N   1 
ATOM   705  C CA  . LEU A 1 115 ? -4.635  4.770   -11.077 1.00 26.84  ? 1084 LEU A CA  1 
ATOM   706  C C   . LEU A 1 115 ? -4.972  3.506   -11.851 1.00 27.90  ? 1084 LEU A C   1 
ATOM   707  O O   . LEU A 1 115 ? -4.538  2.432   -11.442 1.00 29.28  ? 1084 LEU A O   1 
ATOM   708  C CB  . LEU A 1 115 ? -5.632  4.916   -9.930  1.00 29.00  ? 1084 LEU A CB  1 
ATOM   709  C CG  . LEU A 1 115 ? -5.387  6.018   -8.917  1.00 26.84  ? 1084 LEU A CG  1 
ATOM   710  C CD1 . LEU A 1 115 ? -6.475  6.017   -7.854  1.00 31.95  ? 1084 LEU A CD1 1 
ATOM   711  C CD2 . LEU A 1 115 ? -4.004  5.879   -8.280  1.00 32.14  ? 1084 LEU A CD2 1 
ATOM   712  N N   . LEU A 1 116 ? -5.771  3.639   -12.929 1.00 30.46  ? 1085 LEU A N   1 
ATOM   713  C CA  . LEU A 1 116 ? -6.212  2.505   -13.727 1.00 31.67  ? 1085 LEU A CA  1 
ATOM   714  C C   . LEU A 1 116 ? -5.192  2.160   -14.815 1.00 31.24  ? 1085 LEU A C   1 
ATOM   715  O O   . LEU A 1 116 ? -5.032  0.996   -15.160 1.00 40.14  ? 1085 LEU A O   1 
ATOM   716  C CB  . LEU A 1 116 ? -7.567  2.805   -14.364 1.00 35.55  ? 1085 LEU A CB  1 
ATOM   717  C CG  . LEU A 1 116 ? -8.789  2.584   -13.470 1.00 41.44  ? 1085 LEU A CG  1 
ATOM   718  C CD1 . LEU A 1 116 ? -10.042 3.159   -14.110 1.00 42.34  ? 1085 LEU A CD1 1 
ATOM   719  C CD2 . LEU A 1 116 ? -8.990  1.103   -13.195 1.00 43.96  ? 1085 LEU A CD2 1 
ATOM   720  N N   . ASN A 1 117 ? -4.530  3.150   -15.405 1.00 29.53  ? 1086 ASN A N   1 
ATOM   721  C CA  . ASN A 1 117 ? -3.729  2.872   -16.589 1.00 30.92  ? 1086 ASN A CA  1 
ATOM   722  C C   . ASN A 1 117 ? -2.238  2.828   -16.273 1.00 32.81  ? 1086 ASN A C   1 
ATOM   723  O O   . ASN A 1 117 ? -1.439  2.579   -17.184 1.00 28.22  ? 1086 ASN A O   1 
ATOM   724  C CB  . ASN A 1 117 ? -3.955  3.929   -17.672 1.00 37.96  ? 1086 ASN A CB  1 
ATOM   725  C CG  . ASN A 1 117 ? -5.382  3.877   -18.163 1.00 38.84  ? 1086 ASN A CG  1 
ATOM   726  O OD1 . ASN A 1 117 ? -5.905  2.812   -18.494 1.00 45.78  ? 1086 ASN A OD1 1 
ATOM   727  N ND2 . ASN A 1 117 ? -6.039  5.009   -18.102 1.00 43.77  ? 1086 ASN A ND2 1 
ATOM   728  N N   . ASP A 1 118 ? -1.858  3.115   -15.019 1.00 29.08  ? 1087 ASP A N   1 
ATOM   729  C CA  . ASP A 1 118 ? -0.444  3.078   -14.661 1.00 30.83  ? 1087 ASP A CA  1 
ATOM   730  C C   . ASP A 1 118 ? -0.257  2.313   -13.354 1.00 30.57  ? 1087 ASP A C   1 
ATOM   731  O O   . ASP A 1 118 ? -0.471  2.862   -12.281 1.00 25.63  ? 1087 ASP A O   1 
ATOM   732  C CB  . ASP A 1 118 ? 0.142   4.497   -14.624 1.00 31.93  ? 1087 ASP A CB  1 
ATOM   733  C CG  . ASP A 1 118 ? 1.651   4.513   -14.571 1.00 35.66  ? 1087 ASP A CG  1 
ATOM   734  O OD1 . ASP A 1 118 ? 2.219   3.594   -13.943 1.00 41.02  ? 1087 ASP A OD1 1 
ATOM   735  O OD2 . ASP A 1 118 ? 2.258   5.432   -15.172 1.00 48.03  ? 1087 ASP A OD2 1 
ATOM   736  N N   . ALA A 1 119 ? 0.169   1.053   -13.457 1.00 29.04  ? 1088 ALA A N   1 
ATOM   737  C CA  . ALA A 1 119 ? 0.331   0.198   -12.295 1.00 30.58  ? 1088 ALA A CA  1 
ATOM   738  C C   . ALA A 1 119 ? 1.331   0.804   -11.318 1.00 30.37  ? 1088 ALA A C   1 
ATOM   739  O O   . ALA A 1 119 ? 1.119   0.704   -10.102 1.00 27.21  ? 1088 ALA A O   1 
ATOM   740  C CB  . ALA A 1 119 ? 0.774   -1.182  -12.694 1.00 28.51  ? 1088 ALA A CB  1 
ATOM   741  N N   . CYS A 1 120 ? 2.410   1.417   -11.836 1.00 25.83  ? 1089 CYS A N   1 
ATOM   742  C CA  . CYS A 1 120 ? 3.419   2.022   -10.971 1.00 30.50  ? 1089 CYS A CA  1 
ATOM   743  C C   . CYS A 1 120 ? 2.911   3.194   -10.136 1.00 28.86  ? 1089 CYS A C   1 
ATOM   744  O O   . CYS A 1 120 ? 3.314   3.322   -8.982  1.00 26.98  ? 1089 CYS A O   1 
ATOM   745  C CB  . CYS A 1 120 ? 4.633   2.466   -11.762 1.00 40.45  ? 1089 CYS A CB  1 
ATOM   746  S SG  . CYS A 1 120 ? 5.422   0.994   -12.439 1.00 47.88  ? 1089 CYS A SG  1 
ATOM   747  N N   . ILE A 1 121 ? 2.079   4.043   -10.724 1.00 27.42  ? 1090 ILE A N   1 
ATOM   748  C CA  . ILE A 1 121 ? 1.410   5.094   -9.968  1.00 28.17  ? 1090 ILE A CA  1 
ATOM   749  C C   . ILE A 1 121 ? 0.456   4.476   -8.943  1.00 26.19  ? 1090 ILE A C   1 
ATOM   750  O O   . ILE A 1 121 ? 0.394   4.943   -7.826  1.00 26.35  ? 1090 ILE A O   1 
ATOM   751  C CB  . ILE A 1 121 ? 0.691   6.069   -10.921 1.00 27.82  ? 1090 ILE A CB  1 
ATOM   752  C CG1 . ILE A 1 121 ? 1.709   6.906   -11.713 1.00 33.59  ? 1090 ILE A CG1 1 
ATOM   753  C CG2 . ILE A 1 121 ? -0.291  6.958   -10.186 1.00 25.90  ? 1090 ILE A CG2 1 
ATOM   754  C CD1 . ILE A 1 121 ? 1.073   7.830   -12.713 1.00 40.09  ? 1090 ILE A CD1 1 
ATOM   755  N N   . ASN A 1 122 ? -0.312  3.460   -9.337  1.00 24.76  ? 1091 ASN A N   1 
ATOM   756  C CA  . ASN A 1 122 ? -1.227  2.772   -8.436  1.00 26.45  ? 1091 ASN A CA  1 
ATOM   757  C C   . ASN A 1 122 ? -0.477  2.269   -7.197  1.00 28.28  ? 1091 ASN A C   1 
ATOM   758  O O   . ASN A 1 122 ? -0.842  2.546   -6.044  1.00 23.34  ? 1091 ASN A O   1 
ATOM   759  C CB  . ASN A 1 122 ? -1.937  1.641   -9.173  1.00 25.54  ? 1091 ASN A CB  1 
ATOM   760  C CG  . ASN A 1 122 ? -3.073  1.062   -8.375  1.00 27.80  ? 1091 ASN A CG  1 
ATOM   761  O OD1 . ASN A 1 122 ? -2.845  0.267   -7.459  1.00 27.24  ? 1091 ASN A OD1 1 
ATOM   762  N ND2 . ASN A 1 122 ? -4.293  1.417   -8.755  1.00 29.33  ? 1091 ASN A ND2 1 
ATOM   763  N N   . ILE A 1 123 ? 0.643   1.591   -7.435  1.00 25.84  ? 1092 ILE A N   1 
ATOM   764  C CA  . ILE A 1 123 ? 1.442   1.070   -6.339  1.00 24.72  ? 1092 ILE A CA  1 
ATOM   765  C C   . ILE A 1 123 ? 2.070   2.174   -5.482  1.00 25.13  ? 1092 ILE A C   1 
ATOM   766  O O   . ILE A 1 123 ? 2.137   1.995   -4.277  1.00 25.81  ? 1092 ILE A O   1 
ATOM   767  C CB  . ILE A 1 123 ? 2.479   0.079   -6.870  1.00 26.99  ? 1092 ILE A CB  1 
ATOM   768  C CG1 . ILE A 1 123 ? 1.839   -1.154  -7.504  1.00 26.41  ? 1092 ILE A CG1 1 
ATOM   769  C CG2 . ILE A 1 123 ? 3.470   -0.259  -5.795  1.00 25.35  ? 1092 ILE A CG2 1 
ATOM   770  C CD1 . ILE A 1 123 ? 2.804   -1.934  -8.402  1.00 28.26  ? 1092 ILE A CD1 1 
ATOM   771  N N   . SER A 1 124 ? 2.557   3.265   -6.076  1.00 25.90  ? 1093 SER A N   1 
ATOM   772  C CA  . SER A 1 124 ? 3.084   4.395   -5.328  1.00 29.50  ? 1093 SER A CA  1 
ATOM   773  C C   . SER A 1 124 ? 2.015   4.998   -4.428  1.00 28.43  ? 1093 SER A C   1 
ATOM   774  O O   . SER A 1 124 ? 2.298   5.357   -3.287  1.00 25.40  ? 1093 SER A O   1 
ATOM   775  C CB  . SER A 1 124 ? 3.639   5.492   -6.207  1.00 29.29  ? 1093 SER A CB  1 
ATOM   776  O OG  . SER A 1 124 ? 4.705   5.031   -7.007  1.00 40.99  ? 1093 SER A OG  1 
ATOM   777  N N   . VAL A 1 125 ? 0.792   5.091   -4.956  1.00 24.63  ? 1094 VAL A N   1 
ATOM   778  C CA  . VAL A 1 125 ? -0.329  5.549   -4.160  1.00 24.10  ? 1094 VAL A CA  1 
ATOM   779  C C   . VAL A 1 125 ? -0.638  4.585   -3.022  1.00 23.98  ? 1094 VAL A C   1 
ATOM   780  O O   . VAL A 1 125 ? -0.921  5.024   -1.907  1.00 26.68  ? 1094 VAL A O   1 
ATOM   781  C CB  . VAL A 1 125 ? -1.559  5.855   -5.035  1.00 24.48  ? 1094 VAL A CB  1 
ATOM   782  C CG1 . VAL A 1 125 ? -2.799  6.095   -4.208  1.00 25.40  ? 1094 VAL A CG1 1 
ATOM   783  C CG2 . VAL A 1 125 ? -1.282  7.078   -5.888  1.00 27.13  ? 1094 VAL A CG2 1 
ATOM   784  N N   . ALA A 1 126 ? -0.622  3.284   -3.274  1.00 23.57  ? 1095 ALA A N   1 
ATOM   785  C CA  . ALA A 1 126 ? -0.873  2.336   -2.209  1.00 24.20  ? 1095 ALA A CA  1 
ATOM   786  C C   . ALA A 1 126 ? 0.161   2.518   -1.103  1.00 26.02  ? 1095 ALA A C   1 
ATOM   787  O O   . ALA A 1 126 ? -0.191  2.409   0.076   1.00 28.00  ? 1095 ALA A O   1 
ATOM   788  C CB  . ALA A 1 126 ? -0.850  0.933   -2.737  1.00 27.95  ? 1095 ALA A CB  1 
ATOM   789  N N   . GLY A 1 127 ? 1.429   2.744   -1.499  1.00 26.34  ? 1096 GLY A N   1 
ATOM   790  C CA  . GLY A 1 127 ? 2.511   2.992   -0.555  1.00 26.10  ? 1096 GLY A CA  1 
ATOM   791  C C   . GLY A 1 127 ? 2.222   4.208   0.326   1.00 27.60  ? 1096 GLY A C   1 
ATOM   792  O O   . GLY A 1 127 ? 2.412   4.168   1.543   1.00 25.71  ? 1096 GLY A O   1 
ATOM   793  N N   . TYR A 1 128 ? 1.767   5.294   -0.317  1.00 26.19  ? 1097 TYR A N   1 
ATOM   794  C CA  . TYR A 1 128 ? 1.338   6.490   0.380   1.00 24.47  ? 1097 TYR A CA  1 
ATOM   795  C C   . TYR A 1 128 ? 0.235   6.185   1.392   1.00 23.93  ? 1097 TYR A C   1 
ATOM   796  O O   . TYR A 1 128 ? 0.304   6.668   2.526   1.00 22.85  ? 1097 TYR A O   1 
ATOM   797  C CB  . TYR A 1 128 ? 0.896   7.567   -0.611  1.00 25.19  ? 1097 TYR A CB  1 
ATOM   798  C CG  . TYR A 1 128 ? 0.109   8.682   0.049   1.00 27.93  ? 1097 TYR A CG  1 
ATOM   799  C CD1 . TYR A 1 128 ? 0.738   9.651   0.827   1.00 31.91  ? 1097 TYR A CD1 1 
ATOM   800  C CD2 . TYR A 1 128 ? -1.270  8.722   -0.043  1.00 33.49  ? 1097 TYR A CD2 1 
ATOM   801  C CE1 . TYR A 1 128 ? 0.022   10.649  1.471   1.00 31.59  ? 1097 TYR A CE1 1 
ATOM   802  C CE2 . TYR A 1 128 ? -2.005  9.703   0.612   1.00 38.00  ? 1097 TYR A CE2 1 
ATOM   803  C CZ  . TYR A 1 128 ? -1.351  10.681  1.343   1.00 36.97  ? 1097 TYR A CZ  1 
ATOM   804  O OH  . TYR A 1 128 ? -2.089  11.622  1.972   1.00 41.37  ? 1097 TYR A OH  1 
ATOM   805  N N   . ILE A 1 129 ? -0.781  5.412   0.997   1.00 21.75  ? 1098 ILE A N   1 
ATOM   806  C CA  . ILE A 1 129 ? -1.905  5.134   1.884   1.00 24.55  ? 1098 ILE A CA  1 
ATOM   807  C C   . ILE A 1 129 ? -1.450  4.300   3.088   1.00 28.93  ? 1098 ILE A C   1 
ATOM   808  O O   . ILE A 1 129 ? -1.806  4.601   4.226   1.00 28.02  ? 1098 ILE A O   1 
ATOM   809  C CB  . ILE A 1 129 ? -3.087  4.469   1.141   1.00 25.01  ? 1098 ILE A CB  1 
ATOM   810  C CG1 . ILE A 1 129 ? -3.593  5.400   0.045   1.00 26.04  ? 1098 ILE A CG1 1 
ATOM   811  C CG2 . ILE A 1 129 ? -4.191  4.101   2.127   1.00 26.13  ? 1098 ILE A CG2 1 
ATOM   812  C CD1 . ILE A 1 129 ? -4.468  4.759   -0.941  1.00 30.25  ? 1098 ILE A CD1 1 
ATOM   813  N N   A LEU A 1 130 ? -0.667  3.252   2.835   0.47 26.39  ? 1099 LEU A N   1 
ATOM   814  N N   B LEU A 1 130 ? -0.693  3.228   2.831   0.53 27.06  ? 1099 LEU A N   1 
ATOM   815  C CA  A LEU A 1 130 ? -0.222  2.407   3.924   0.47 25.74  ? 1099 LEU A CA  1 
ATOM   816  C CA  B LEU A 1 130 ? -0.171  2.409   3.910   0.53 27.05  ? 1099 LEU A CA  1 
ATOM   817  C C   A LEU A 1 130 ? 0.758   3.169   4.821   0.47 24.55  ? 1099 LEU A C   1 
ATOM   818  C C   B LEU A 1 130 ? 0.697   3.247   4.833   0.53 25.12  ? 1099 LEU A C   1 
ATOM   819  O O   A LEU A 1 130 ? 0.741   2.991   6.034   0.47 28.31  ? 1099 LEU A O   1 
ATOM   820  O O   B LEU A 1 130 ? 0.559   3.164   6.047   0.53 29.04  ? 1099 LEU A O   1 
ATOM   821  C CB  A LEU A 1 130 ? 0.352   1.113   3.340   0.47 24.76  ? 1099 LEU A CB  1 
ATOM   822  C CB  B LEU A 1 130 ? 0.631   1.243   3.336   0.53 27.50  ? 1099 LEU A CB  1 
ATOM   823  C CG  A LEU A 1 130 ? 0.836   0.105   4.370   0.47 26.70  ? 1099 LEU A CG  1 
ATOM   824  C CG  B LEU A 1 130 ? -0.226  0.180   2.675   0.53 30.25  ? 1099 LEU A CG  1 
ATOM   825  C CD1 A LEU A 1 130 ? -0.228  -0.141  5.413   0.47 27.75  ? 1099 LEU A CD1 1 
ATOM   826  C CD1 B LEU A 1 130 ? 0.601   -0.694  1.743   0.53 32.18  ? 1099 LEU A CD1 1 
ATOM   827  C CD2 A LEU A 1 130 ? 1.240   -1.206  3.713   0.47 28.21  ? 1099 LEU A CD2 1 
ATOM   828  C CD2 B LEU A 1 130 ? -0.924  -0.653  3.725   0.53 28.20  ? 1099 LEU A CD2 1 
ATOM   829  N N   . ALA A 1 131 ? 1.577   4.054   4.245   1.00 24.74  ? 1100 ALA A N   1 
ATOM   830  C CA  . ALA A 1 131 ? 2.467   4.898   5.012   1.00 27.16  ? 1100 ALA A CA  1 
ATOM   831  C C   . ALA A 1 131 ? 1.691   5.863   5.906   1.00 26.78  ? 1100 ALA A C   1 
ATOM   832  O O   . ALA A 1 131 ? 2.087   6.082   7.045   1.00 26.94  ? 1100 ALA A O   1 
ATOM   833  C CB  . ALA A 1 131 ? 3.407   5.636   4.106   1.00 26.54  ? 1100 ALA A CB  1 
ATOM   834  N N   . SER A 1 132 ? 0.603   6.439   5.400   1.00 24.95  ? 1101 SER A N   1 
ATOM   835  C CA  . SER A 1 132 ? -0.279  7.257   6.213   1.00 26.16  ? 1101 SER A CA  1 
ATOM   836  C C   . SER A 1 132 ? -0.887  6.460   7.354   1.00 27.13  ? 1101 SER A C   1 
ATOM   837  O O   . SER A 1 132 ? -1.046  6.987   8.466   1.00 27.14  ? 1101 SER A O   1 
ATOM   838  C CB  . SER A 1 132 ? -1.365  7.906   5.407   1.00 29.92  ? 1101 SER A CB  1 
ATOM   839  O OG  . SER A 1 132 ? -0.766  8.620   4.356   1.00 33.87  ? 1101 SER A OG  1 
ATOM   840  N N   . ASN A 1 133 ? -1.258  5.220   7.063   1.00 27.63  ? 1102 ASN A N   1 
ATOM   841  C CA  . ASN A 1 133 ? -1.846  4.354   8.076   1.00 29.87  ? 1102 ASN A CA  1 
ATOM   842  C C   . ASN A 1 133 ? -0.836  4.052   9.183   1.00 30.32  ? 1102 ASN A C   1 
ATOM   843  O O   . ASN A 1 133 ? -1.209  4.071   10.365  1.00 29.01  ? 1102 ASN A O   1 
ATOM   844  C CB  . ASN A 1 133 ? -2.391  3.056   7.488   1.00 31.65  ? 1102 ASN A CB  1 
ATOM   845  C CG  . ASN A 1 133 ? -3.652  3.305   6.688   1.00 33.47  ? 1102 ASN A CG  1 
ATOM   846  O OD1 . ASN A 1 133 ? -4.174  4.416   6.655   1.00 31.63  ? 1102 ASN A OD1 1 
ATOM   847  N ND2 . ASN A 1 133 ? -4.122  2.278   6.021   1.00 34.34  ? 1102 ASN A ND2 1 
ATOM   848  N N   . ILE A 1 134 ? 0.412   3.787   8.790   1.00 27.08  ? 1103 ILE A N   1 
ATOM   849  C CA  . ILE A 1 134 ? 1.515   3.554   9.721   1.00 26.97  ? 1103 ILE A CA  1 
ATOM   850  C C   . ILE A 1 134 ? 1.771   4.794   10.594  1.00 28.89  ? 1103 ILE A C   1 
ATOM   851  O O   . ILE A 1 134 ? 1.908   4.697   11.814  1.00 28.00  ? 1103 ILE A O   1 
ATOM   852  C CB  . ILE A 1 134 ? 2.773   3.107   8.959   1.00 25.98  ? 1103 ILE A CB  1 
ATOM   853  C CG1 . ILE A 1 134 ? 2.627   1.679   8.435   1.00 30.08  ? 1103 ILE A CG1 1 
ATOM   854  C CG2 . ILE A 1 134 ? 4.029   3.279   9.813   1.00 28.53  ? 1103 ILE A CG2 1 
ATOM   855  C CD1 . ILE A 1 134 ? 3.592   1.327   7.341   1.00 31.42  ? 1103 ILE A CD1 1 
ATOM   856  N N   . LYS A 1 135 ? 1.822   5.982   9.998   1.00 26.72  ? 1104 LYS A N   1 
ATOM   857  C CA  . LYS A 1 135 ? 1.990   7.204   10.774  1.00 27.71  ? 1104 LYS A CA  1 
ATOM   858  C C   . LYS A 1 135 ? 0.862   7.368   11.802  1.00 31.05  ? 1104 LYS A C   1 
ATOM   859  O O   . LYS A 1 135 ? 1.057   7.822   12.939  1.00 28.15  ? 1104 LYS A O   1 
ATOM   860  C CB  . LYS A 1 135 ? 2.008   8.394   9.827   1.00 27.49  ? 1104 LYS A CB  1 
ATOM   861  C CG  . LYS A 1 135 ? 2.217   9.730   10.505  1.00 31.15  ? 1104 LYS A CG  1 
ATOM   862  C CD  . LYS A 1 135 ? 2.469   10.829  9.542   1.00 30.03  ? 1104 LYS A CD  1 
ATOM   863  C CE  . LYS A 1 135 ? 2.863   12.116  10.237  1.00 40.03  ? 1104 LYS A CE  1 
ATOM   864  N NZ  . LYS A 1 135 ? 2.819   13.265  9.316   1.00 43.09  ? 1104 LYS A NZ  1 
ATOM   865  N N   . SER A 1 136 ? -0.335  6.975   11.395  1.00 29.12  ? 1105 SER A N   1 
ATOM   866  C CA  . SER A 1 136 ? -1.545  7.167   12.181  1.00 29.79  ? 1105 SER A CA  1 
ATOM   867  C C   . SER A 1 136 ? -1.726  6.112   13.275  1.00 35.06  ? 1105 SER A C   1 
ATOM   868  O O   . SER A 1 136 ? -2.156  6.426   14.393  1.00 29.80  ? 1105 SER A O   1 
ATOM   869  C CB  . SER A 1 136 ? -2.733  7.186   11.231  1.00 34.58  ? 1105 SER A CB  1 
ATOM   870  O OG  . SER A 1 136 ? -3.902  6.885   11.947  1.00 49.01  ? 1105 SER A OG  1 
ATOM   871  N N   . ARG A 1 137 ? -1.442  4.843   12.952  1.00 31.60  ? 1106 ARG A N   1 
ATOM   872  C CA  . ARG A 1 137 ? -1.747  3.740   13.840  1.00 34.19  ? 1106 ARG A CA  1 
ATOM   873  C C   . ARG A 1 137 ? -0.501  3.090   14.427  1.00 35.43  ? 1106 ARG A C   1 
ATOM   874  O O   . ARG A 1 137 ? -0.628  2.251   15.301  1.00 41.79  ? 1106 ARG A O   1 
ATOM   875  C CB  . ARG A 1 137 ? -2.602  2.720   13.097  1.00 33.04  ? 1106 ARG A CB  1 
ATOM   876  C CG  . ARG A 1 137 ? -3.997  3.265   12.837  1.00 38.96  ? 1106 ARG A CG  1 
ATOM   877  C CD  . ARG A 1 137 ? -4.796  2.331   11.953  1.00 51.32  ? 1106 ARG A CD  1 
ATOM   878  N NE  . ARG A 1 137 ? -6.085  2.929   11.628  1.00 51.90  ? 1106 ARG A NE  1 
ATOM   879  C CZ  . ARG A 1 137 ? -7.215  2.679   12.267  1.00 55.85  ? 1106 ARG A CZ  1 
ATOM   880  N NH1 . ARG A 1 137 ? -7.228  1.816   13.263  1.00 61.28  ? 1106 ARG A NH1 1 
ATOM   881  N NH2 . ARG A 1 137 ? -8.326  3.299   11.905  1.00 62.29  ? 1106 ARG A NH2 1 
ATOM   882  N N   . GLY A 1 138 ? 0.687   3.458   13.964  1.00 34.62  ? 1107 GLY A N   1 
ATOM   883  C CA  . GLY A 1 138 ? 1.895   2.718   14.279  1.00 34.77  ? 1107 GLY A CA  1 
ATOM   884  C C   . GLY A 1 138 ? 2.220   1.700   13.194  1.00 35.74  ? 1107 GLY A C   1 
ATOM   885  O O   . GLY A 1 138 ? 1.366   1.384   12.367  1.00 29.52  ? 1107 GLY A O   1 
ATOM   886  N N   . ASN A 1 139 ? 3.459   1.205   13.205  1.00 36.47  ? 1108 ASN A N   1 
ATOM   887  C CA  . ASN A 1 139 ? 3.909   0.261   12.188  1.00 39.84  ? 1108 ASN A CA  1 
ATOM   888  C C   . ASN A 1 139 ? 3.549   -1.150  12.626  1.00 33.52  ? 1108 ASN A C   1 
ATOM   889  O O   . ASN A 1 139 ? 4.408   -1.977  12.866  1.00 35.41  ? 1108 ASN A O   1 
ATOM   890  C CB  . ASN A 1 139 ? 5.372   0.450   11.805  1.00 42.01  ? 1108 ASN A CB  1 
ATOM   891  C CG  . ASN A 1 139 ? 6.317   0.159   12.936  1.00 54.27  ? 1108 ASN A CG  1 
ATOM   892  O OD1 . ASN A 1 139 ? 6.009   0.456   14.089  1.00 57.09  ? 1108 ASN A OD1 1 
ATOM   893  N ND2 . ASN A 1 139 ? 7.440   -0.451  12.606  1.00 52.71  ? 1108 ASN A ND2 1 
ATOM   894  N N   . THR A 1 140 ? 2.243   -1.405  12.628  1.00 33.88  ? 1109 THR A N   1 
ATOM   895  C CA  . THR A 1 140 ? 1.654   -2.641  13.094  1.00 34.05  ? 1109 THR A CA  1 
ATOM   896  C C   . THR A 1 140 ? 0.670   -3.155  12.049  1.00 36.31  ? 1109 THR A C   1 
ATOM   897  O O   . THR A 1 140 ? 0.346   -2.448  11.087  1.00 33.98  ? 1109 THR A O   1 
ATOM   898  C CB  . THR A 1 140 ? 0.918   -2.416  14.418  1.00 40.08  ? 1109 THR A CB  1 
ATOM   899  O OG1 . THR A 1 140 ? -0.126  -1.491  14.113  1.00 40.58  ? 1109 THR A OG1 1 
ATOM   900  C CG2 . THR A 1 140 ? 1.819   -1.910  15.531  1.00 44.93  ? 1109 THR A CG2 1 
ATOM   901  N N   . TRP A 1 141 ? 0.193   -4.387  12.273  1.00 33.82  ? 1110 TRP A N   1 
ATOM   902  C CA  . TRP A 1 141 ? -0.754  -5.012  11.381  1.00 33.53  ? 1110 TRP A CA  1 
ATOM   903  C C   . TRP A 1 141 ? -2.053  -4.219  11.347  1.00 38.75  ? 1110 TRP A C   1 
ATOM   904  O O   . TRP A 1 141 ? -2.781  -4.285  10.356  1.00 30.97  ? 1110 TRP A O   1 
ATOM   905  C CB  . TRP A 1 141 ? -0.927  -6.497  11.754  1.00 33.08  ? 1110 TRP A CB  1 
ATOM   906  C CG  . TRP A 1 141 ? 0.256   -7.268  11.252  1.00 31.84  ? 1110 TRP A CG  1 
ATOM   907  C CD1 . TRP A 1 141 ? 1.371   -7.627  11.950  1.00 33.09  ? 1110 TRP A CD1 1 
ATOM   908  C CD2 . TRP A 1 141 ? 0.500   -7.640  9.879   1.00 33.36  ? 1110 TRP A CD2 1 
ATOM   909  N NE1 . TRP A 1 141 ? 2.275   -8.213  11.113  1.00 35.67  ? 1110 TRP A NE1 1 
ATOM   910  C CE2 . TRP A 1 141 ? 1.768   -8.252  9.844   1.00 36.26  ? 1110 TRP A CE2 1 
ATOM   911  C CE3 . TRP A 1 141 ? -0.240  -7.554  8.692   1.00 36.60  ? 1110 TRP A CE3 1 
ATOM   912  C CZ2 . TRP A 1 141 ? 2.311   -8.752  8.663   1.00 38.68  ? 1110 TRP A CZ2 1 
ATOM   913  C CZ3 . TRP A 1 141 ? 0.298   -8.052  7.522   1.00 32.54  ? 1110 TRP A CZ3 1 
ATOM   914  C CH2 . TRP A 1 141 ? 1.569   -8.613  7.509   1.00 37.75  ? 1110 TRP A CH2 1 
ATOM   915  N N   . ASP A 1 142 ? -2.325  -3.426  12.397  1.00 37.27  ? 1111 ASP A N   1 
ATOM   916  C CA  . ASP A 1 142 ? -3.496  -2.569  12.378  1.00 35.93  ? 1111 ASP A CA  1 
ATOM   917  C C   . ASP A 1 142 ? -3.447  -1.592  11.193  1.00 31.76  ? 1111 ASP A C   1 
ATOM   918  O O   . ASP A 1 142 ? -4.504  -1.218  10.683  1.00 34.30  ? 1111 ASP A O   1 
ATOM   919  C CB  . ASP A 1 142 ? -3.659  -1.801  13.698  1.00 43.92  ? 1111 ASP A CB  1 
ATOM   920  C CG  . ASP A 1 142 ? -5.056  -1.247  13.951  1.00 41.99  ? 1111 ASP A CG  1 
ATOM   921  O OD1 . ASP A 1 142 ? -6.035  -1.885  13.528  1.00 51.25  ? 1111 ASP A OD1 1 
ATOM   922  O OD2 . ASP A 1 142 ? -5.152  -0.215  14.619  1.00 52.60  ? 1111 ASP A OD2 1 
ATOM   923  N N   . ALA A 1 143 ? -2.247  -1.148  10.784  1.00 30.72  ? 1112 ALA A N   1 
ATOM   924  C CA  . ALA A 1 143 ? -2.110  -0.237  9.655   1.00 34.20  ? 1112 ALA A CA  1 
ATOM   925  C C   . ALA A 1 143 ? -2.516  -0.916  8.338   1.00 33.15  ? 1112 ALA A C   1 
ATOM   926  O O   . ALA A 1 143 ? -3.105  -0.290  7.451   1.00 31.11  ? 1112 ALA A O   1 
ATOM   927  C CB  . ALA A 1 143 ? -0.716  0.353   9.604   1.00 34.54  ? 1112 ALA A CB  1 
ATOM   928  N N   . VAL A 1 144 ? -2.225  -2.205  8.220   1.00 30.26  ? 1113 VAL A N   1 
ATOM   929  C CA  . VAL A 1 144 ? -2.647  -2.994  7.072   1.00 29.55  ? 1113 VAL A CA  1 
ATOM   930  C C   . VAL A 1 144 ? -4.147  -3.265  7.101   1.00 30.78  ? 1113 VAL A C   1 
ATOM   931  O O   . VAL A 1 144 ? -4.844  -3.147  6.082   1.00 28.55  ? 1113 VAL A O   1 
ATOM   932  C CB  . VAL A 1 144 ? -1.844  -4.305  7.017   1.00 29.90  ? 1113 VAL A CB  1 
ATOM   933  C CG1 . VAL A 1 144 ? -2.428  -5.255  5.986   1.00 33.62  ? 1113 VAL A CG1 1 
ATOM   934  C CG2 . VAL A 1 144 ? -0.383  -4.010  6.769   1.00 26.69  ? 1113 VAL A CG2 1 
ATOM   935  N N   . GLY A 1 145 ? -4.687  -3.611  8.270   1.00 34.23  ? 1114 GLY A N   1 
ATOM   936  C CA  . GLY A 1 145 ? -6.135  -3.764  8.396   1.00 34.68  ? 1114 GLY A CA  1 
ATOM   937  C C   . GLY A 1 145 ? -6.885  -2.516  7.930   1.00 30.53  ? 1114 GLY A C   1 
ATOM   938  O O   . GLY A 1 145 ? -7.855  -2.614  7.207   1.00 37.44  ? 1114 GLY A O   1 
ATOM   939  N N   . ALA A 1 146 ? -6.392  -1.341  8.311   1.00 30.85  ? 1115 ALA A N   1 
ATOM   940  C CA  . ALA A 1 146 ? -7.015  -0.076  7.968   1.00 34.25  ? 1115 ALA A CA  1 
ATOM   941  C C   . ALA A 1 146 ? -6.986  0.176   6.451   1.00 35.31  ? 1115 ALA A C   1 
ATOM   942  O O   . ALA A 1 146 ? -7.688  1.062   5.956   1.00 35.75  ? 1115 ALA A O   1 
ATOM   943  C CB  . ALA A 1 146 ? -6.329  1.039   8.711   1.00 32.60  ? 1115 ALA A CB  1 
ATOM   944  N N   . TYR A 1 147 ? -6.144  -0.550  5.715   1.00 32.01  ? 1116 TYR A N   1 
ATOM   945  C CA  . TYR A 1 147 ? -6.009  -0.314  4.281   1.00 32.13  ? 1116 TYR A CA  1 
ATOM   946  C C   . TYR A 1 147 ? -7.332  -0.684  3.607   1.00 29.46  ? 1116 TYR A C   1 
ATOM   947  O O   . TYR A 1 147 ? -7.712  -0.064  2.626   1.00 30.64  ? 1116 TYR A O   1 
ATOM   948  C CB  . TYR A 1 147 ? -4.879  -1.124  3.639   1.00 26.60  ? 1116 TYR A CB  1 
ATOM   949  C CG  . TYR A 1 147 ? -4.659  -0.864  2.159   1.00 25.38  ? 1116 TYR A CG  1 
ATOM   950  C CD1 . TYR A 1 147 ? -3.904  0.217   1.730   1.00 30.22  ? 1116 TYR A CD1 1 
ATOM   951  C CD2 . TYR A 1 147 ? -5.146  -1.728  1.184   1.00 28.87  ? 1116 TYR A CD2 1 
ATOM   952  C CE1 . TYR A 1 147 ? -3.664  0.431   0.382   1.00 29.09  ? 1116 TYR A CE1 1 
ATOM   953  C CE2 . TYR A 1 147 ? -4.910  -1.516  -0.171  1.00 30.90  ? 1116 TYR A CE2 1 
ATOM   954  C CZ  . TYR A 1 147 ? -4.173  -0.423  -0.577  1.00 29.10  ? 1116 TYR A CZ  1 
ATOM   955  O OH  . TYR A 1 147 ? -3.919  -0.152  -1.912  1.00 29.32  ? 1116 TYR A OH  1 
ATOM   956  N N   . ASN A 1 148 ? -7.991  -1.727  4.118   1.00 31.68  ? 1117 ASN A N   1 
ATOM   957  C CA  . ASN A 1 148 ? -9.278  -2.139  3.604   1.00 39.36  ? 1117 ASN A CA  1 
ATOM   958  C C   . ASN A 1 148 ? -10.321 -1.188  4.209   1.00 40.92  ? 1117 ASN A C   1 
ATOM   959  O O   . ASN A 1 148 ? -10.630 -0.155  3.599   1.00 52.60  ? 1117 ASN A O   1 
ATOM   960  C CB  . ASN A 1 148 ? -9.417  -3.658  3.751   1.00 39.33  ? 1117 ASN A CB  1 
ATOM   961  C CG  . ASN A 1 148 ? -10.407 -4.270  2.777   1.00 45.97  ? 1117 ASN A CG  1 
ATOM   962  O OD1 . ASN A 1 148 ? -10.524 -3.852  1.628   1.00 53.52  ? 1117 ASN A OD1 1 
ATOM   963  N ND2 . ASN A 1 148 ? -11.170 -5.242  3.235   1.00 45.04  ? 1117 ASN A ND2 1 
ATOM   964  N N   . ALA A 1 149 ? -10.751 -1.448  5.443   1.00 48.09  ? 1118 ALA A N   1 
ATOM   965  C CA  . ALA A 1 149 ? -11.349 -0.416  6.290   1.00 62.48  ? 1118 ALA A CA  1 
ATOM   966  C C   . ALA A 1 149 ? -10.288 0.633   6.663   1.00 62.04  ? 1118 ALA A C   1 
ATOM   967  O O   . ALA A 1 149 ? -10.614 1.577   7.431   1.00 65.26  ? 1118 ALA A O   1 
ATOM   968  C CB  . ALA A 1 149 ? -11.954 -1.019  7.538   1.00 60.66  ? 1118 ALA A CB  1 
ATOM   969  N N   . ASN A 1 156 ? -18.343 -5.116  12.601  1.00 71.73  ? 1125 ASN A N   1 
ATOM   970  C CA  . ASN A 1 156 ? -17.943 -4.000  11.701  1.00 78.77  ? 1125 ASN A CA  1 
ATOM   971  C C   . ASN A 1 156 ? -16.432 -3.789  11.844  1.00 76.14  ? 1125 ASN A C   1 
ATOM   972  O O   . ASN A 1 156 ? -15.677 -4.753  11.786  1.00 69.46  ? 1125 ASN A O   1 
ATOM   973  C CB  . ASN A 1 156 ? -18.831 -2.765  11.919  1.00 76.67  ? 1125 ASN A CB  1 
ATOM   974  C CG  . ASN A 1 156 ? -18.929 -2.319  13.366  1.00 88.47  ? 1125 ASN A CG  1 
ATOM   975  O OD1 . ASN A 1 156 ? -18.347 -2.932  14.258  1.00 91.26  ? 1125 ASN A OD1 1 
ATOM   976  N ND2 . ASN A 1 156 ? -19.660 -1.244  13.614  1.00 96.74  ? 1125 ASN A ND2 1 
ATOM   977  N N   . ALA A 1 157 ? -16.004 -2.552  12.119  1.00 72.80  ? 1126 ALA A N   1 
ATOM   978  C CA  . ALA A 1 157 ? -14.701 -2.050  11.701  1.00 74.74  ? 1126 ALA A CA  1 
ATOM   979  C C   . ALA A 1 157 ? -13.560 -2.906  12.246  1.00 70.05  ? 1126 ALA A C   1 
ATOM   980  O O   . ALA A 1 157 ? -12.743 -3.410  11.482  1.00 72.83  ? 1126 ALA A O   1 
ATOM   981  C CB  . ALA A 1 157 ? -14.544 -0.598  12.113  1.00 72.03  ? 1126 ALA A CB  1 
ATOM   982  N N   . VAL A 1 158 ? -13.489 -3.043  13.570  1.00 61.31  ? 1127 VAL A N   1 
ATOM   983  C CA  . VAL A 1 158 ? -12.321 -3.634  14.200  1.00 64.86  ? 1127 VAL A CA  1 
ATOM   984  C C   . VAL A 1 158 ? -12.115 -5.056  13.672  1.00 59.66  ? 1127 VAL A C   1 
ATOM   985  O O   . VAL A 1 158 ? -10.988 -5.446  13.354  1.00 47.59  ? 1127 VAL A O   1 
ATOM   986  C CB  . VAL A 1 158 ? -12.411 -3.572  15.740  1.00 66.53  ? 1127 VAL A CB  1 
ATOM   987  C CG1 . VAL A 1 158 ? -13.661 -4.264  16.277  1.00 75.99  ? 1127 VAL A CG1 1 
ATOM   988  C CG2 . VAL A 1 158 ? -11.150 -4.118  16.399  1.00 64.02  ? 1127 VAL A CG2 1 
ATOM   989  N N   . GLU A 1 159 ? -13.212 -5.810  13.529  1.00 55.05  ? 1128 GLU A N   1 
ATOM   990  C CA  . GLU A 1 159 ? -13.122 -7.221  13.200  1.00 58.30  ? 1128 GLU A CA  1 
ATOM   991  C C   . GLU A 1 159 ? -12.802 -7.402  11.714  1.00 55.53  ? 1128 GLU A C   1 
ATOM   992  O O   . GLU A 1 159 ? -12.162 -8.386  11.329  1.00 44.98  ? 1128 GLU A O   1 
ATOM   993  C CB  . GLU A 1 159 ? -14.418 -7.925  13.615  1.00 61.75  ? 1128 GLU A CB  1 
ATOM   994  C CG  . GLU A 1 159 ? -14.504 -9.395  13.217  1.00 69.15  ? 1128 GLU A CG  1 
ATOM   995  C CD  . GLU A 1 159 ? -13.329 -10.293 13.591  1.00 74.43  ? 1128 GLU A CD  1 
ATOM   996  O OE1 . GLU A 1 159 ? -12.872 -10.239 14.752  1.00 72.58  ? 1128 GLU A OE1 1 
ATOM   997  O OE2 . GLU A 1 159 ? -12.886 -11.070 12.719  1.00 80.48  ? 1128 GLU A OE2 1 
ATOM   998  N N   . LEU A 1 160 ? -13.271 -6.467  10.880  1.00 51.95  ? 1129 LEU A N   1 
ATOM   999  C CA  . LEU A 1 160 ? -13.044 -6.567  9.446   1.00 56.19  ? 1129 LEU A CA  1 
ATOM   1000 C C   . LEU A 1 160 ? -11.601 -6.199  9.120   1.00 49.75  ? 1129 LEU A C   1 
ATOM   1001 O O   . LEU A 1 160 ? -10.993 -6.843  8.280   1.00 57.91  ? 1129 LEU A O   1 
ATOM   1002 C CB  . LEU A 1 160 ? -14.038 -5.680  8.694   1.00 56.53  ? 1129 LEU A CB  1 
ATOM   1003 C CG  . LEU A 1 160 ? -15.480 -6.178  8.700   1.00 59.74  ? 1129 LEU A CG  1 
ATOM   1004 C CD1 . LEU A 1 160 ? -16.416 -5.091  8.192   1.00 61.47  ? 1129 LEU A CD1 1 
ATOM   1005 C CD2 . LEU A 1 160 ? -15.641 -7.453  7.881   1.00 55.97  ? 1129 LEU A CD2 1 
ATOM   1006 N N   . ARG A 1 161 ? -11.052 -5.203  9.823   1.00 53.90  ? 1130 ARG A N   1 
ATOM   1007 C CA  . ARG A 1 161 ? -9.629  -4.920  9.773   1.00 56.40  ? 1130 ARG A CA  1 
ATOM   1008 C C   . ARG A 1 161 ? -8.840  -6.174  10.126  1.00 54.45  ? 1130 ARG A C   1 
ATOM   1009 O O   . ARG A 1 161 ? -7.812  -6.446  9.510   1.00 42.60  ? 1130 ARG A O   1 
ATOM   1010 C CB  . ARG A 1 161 ? -9.219  -3.793  10.732  1.00 56.25  ? 1130 ARG A CB  1 
ATOM   1011 C CG  . ARG A 1 161 ? -9.548  -2.392  10.226  1.00 58.59  ? 1130 ARG A CG  1 
ATOM   1012 C CD  . ARG A 1 161 ? -8.667  -1.344  10.882  1.00 62.95  ? 1130 ARG A CD  1 
ATOM   1013 N NE  . ARG A 1 161 ? -8.986  -1.090  12.289  1.00 74.21  ? 1130 ARG A NE  1 
ATOM   1014 C CZ  . ARG A 1 161 ? -10.099 -0.494  12.734  1.00 72.14  ? 1130 ARG A CZ  1 
ATOM   1015 N NH1 . ARG A 1 161 ? -11.085 -0.180  11.908  1.00 74.21  ? 1130 ARG A NH1 1 
ATOM   1016 N NH2 . ARG A 1 161 ? -10.221 -0.205  14.018  1.00 64.55  ? 1130 ARG A NH2 1 
ATOM   1017 N N   . ARG A 1 162 ? -9.298  -6.904  11.153  1.00 48.57  ? 1131 ARG A N   1 
ATOM   1018 C CA  . ARG A 1 162 ? -8.522  -8.021  11.650  1.00 42.52  ? 1131 ARG A CA  1 
ATOM   1019 C C   . ARG A 1 162 ? -8.502  -9.110  10.584  1.00 37.21  ? 1131 ARG A C   1 
ATOM   1020 O O   . ARG A 1 162 ? -7.450  -9.674  10.295  1.00 42.51  ? 1131 ARG A O   1 
ATOM   1021 C CB  . ARG A 1 162 ? -9.074  -8.546  12.984  1.00 51.04  ? 1131 ARG A CB  1 
ATOM   1022 C CG  . ARG A 1 162 ? -8.285  -9.727  13.536  1.00 52.49  ? 1131 ARG A CG  1 
ATOM   1023 C CD  . ARG A 1 162 ? -8.851  -10.280 14.829  1.00 64.54  ? 1131 ARG A CD  1 
ATOM   1024 N NE  . ARG A 1 162 ? -7.950  -11.271 15.413  1.00 78.97  ? 1131 ARG A NE  1 
ATOM   1025 C CZ  . ARG A 1 162 ? -8.287  -12.514 15.759  1.00 97.11  ? 1131 ARG A CZ  1 
ATOM   1026 N NH1 . ARG A 1 162 ? -9.498  -12.982 15.506  1.00 103.36 ? 1131 ARG A NH1 1 
ATOM   1027 N NH2 . ARG A 1 162 ? -7.405  -13.290 16.366  1.00 98.91  ? 1131 ARG A NH2 1 
ATOM   1028 N N   . GLN A 1 163 ? -9.667  -9.412  10.010  1.00 36.96  ? 1132 GLN A N   1 
ATOM   1029 C CA  . GLN A 1 163 ? -9.751  -10.448 9.001   1.00 40.21  ? 1132 GLN A CA  1 
ATOM   1030 C C   . GLN A 1 163 ? -8.883  -10.070 7.808   1.00 41.08  ? 1132 GLN A C   1 
ATOM   1031 O O   . GLN A 1 163 ? -8.208  -10.910 7.203   1.00 37.20  ? 1132 GLN A O   1 
ATOM   1032 C CB  . GLN A 1 163 ? -11.198 -10.661 8.577   1.00 49.40  ? 1132 GLN A CB  1 
ATOM   1033 C CG  . GLN A 1 163 ? -12.048 -11.197 9.719   1.00 68.67  ? 1132 GLN A CG  1 
ATOM   1034 C CD  . GLN A 1 163 ? -13.503 -11.353 9.351   1.00 78.63  ? 1132 GLN A CD  1 
ATOM   1035 O OE1 . GLN A 1 163 ? -14.153 -10.408 8.907   1.00 89.50  ? 1132 GLN A OE1 1 
ATOM   1036 N NE2 . GLN A 1 163 ? -14.023 -12.554 9.544   1.00 86.45  ? 1132 GLN A NE2 1 
ATOM   1037 N N   . TYR A 1 164 ? -8.899  -8.786  7.459   1.00 35.88  ? 1133 TYR A N   1 
ATOM   1038 C CA  . TYR A 1 164 ? -8.152  -8.392  6.286   1.00 34.76  ? 1133 TYR A CA  1 
ATOM   1039 C C   . TYR A 1 164 ? -6.663  -8.518  6.568   1.00 31.44  ? 1133 TYR A C   1 
ATOM   1040 O O   . TYR A 1 164 ? -5.939  -9.102  5.763   1.00 36.46  ? 1133 TYR A O   1 
ATOM   1041 C CB  . TYR A 1 164 ? -8.535  -6.998  5.809   1.00 35.32  ? 1133 TYR A CB  1 
ATOM   1042 C CG  . TYR A 1 164 ? -7.765  -6.613  4.560   1.00 32.37  ? 1133 TYR A CG  1 
ATOM   1043 C CD1 . TYR A 1 164 ? -8.083  -7.144  3.317   1.00 34.29  ? 1133 TYR A CD1 1 
ATOM   1044 C CD2 . TYR A 1 164 ? -6.704  -5.726  4.641   1.00 34.15  ? 1133 TYR A CD2 1 
ATOM   1045 C CE1 . TYR A 1 164 ? -7.402  -6.739  2.178   1.00 33.04  ? 1133 TYR A CE1 1 
ATOM   1046 C CE2 . TYR A 1 164 ? -6.006  -5.333  3.517   1.00 32.16  ? 1133 TYR A CE2 1 
ATOM   1047 C CZ  . TYR A 1 164 ? -6.338  -5.858  2.287   1.00 33.00  ? 1133 TYR A CZ  1 
ATOM   1048 O OH  . TYR A 1 164 ? -5.622  -5.451  1.183   1.00 33.63  ? 1133 TYR A OH  1 
ATOM   1049 N N   . ALA A 1 165 ? -6.204  -7.966  7.689   1.00 34.13  ? 1134 ALA A N   1 
ATOM   1050 C CA  . ALA A 1 165 ? -4.796  -8.023  8.057   1.00 34.15  ? 1134 ALA A CA  1 
ATOM   1051 C C   . ALA A 1 165 ? -4.296  -9.468  8.114   1.00 38.06  ? 1134 ALA A C   1 
ATOM   1052 O O   . ALA A 1 165 ? -3.165  -9.763  7.717   1.00 34.31  ? 1134 ALA A O   1 
ATOM   1053 C CB  . ALA A 1 165 ? -4.578  -7.328  9.363   1.00 36.23  ? 1134 ALA A CB  1 
ATOM   1054 N N   . MET A 1 166 ? -5.149  -10.365 8.615   1.00 42.57  ? 1135 MET A N   1 
ATOM   1055 C CA  . MET A 1 166 ? -4.801  -11.780 8.707   1.00 48.50  ? 1135 MET A CA  1 
ATOM   1056 C C   . MET A 1 166 ? -4.634  -12.376 7.314   1.00 40.86  ? 1135 MET A C   1 
ATOM   1057 O O   . MET A 1 166 ? -3.700  -13.140 7.095   1.00 36.64  ? 1135 MET A O   1 
ATOM   1058 C CB  . MET A 1 166 ? -5.884  -12.560 9.462   1.00 54.00  ? 1135 MET A CB  1 
ATOM   1059 C CG  . MET A 1 166 ? -5.550  -12.775 10.927  1.00 68.27  ? 1135 MET A CG  1 
ATOM   1060 S SD  . MET A 1 166 ? -6.976  -13.345 11.894  1.00 82.10  ? 1135 MET A SD  1 
ATOM   1061 C CE  . MET A 1 166 ? -7.372  -14.816 10.936  1.00 70.58  ? 1135 MET A CE  1 
ATOM   1062 N N   . LYS A 1 167 ? -5.534  -12.037 6.371   1.00 37.85  ? 1136 LYS A N   1 
ATOM   1063 C CA  . LYS A 1 167 ? -5.375  -12.487 4.988   1.00 39.60  ? 1136 LYS A CA  1 
ATOM   1064 C C   . LYS A 1 167 ? -4.023  -12.047 4.435   1.00 40.23  ? 1136 LYS A C   1 
ATOM   1065 O O   . LYS A 1 167 ? -3.305  -12.836 3.832   1.00 40.51  ? 1136 LYS A O   1 
ATOM   1066 C CB  . LYS A 1 167 ? -6.389  -11.863 4.028   1.00 49.84  ? 1136 LYS A CB  1 
ATOM   1067 C CG  . LYS A 1 167 ? -7.728  -12.545 3.830   1.00 54.42  ? 1136 LYS A CG  1 
ATOM   1068 C CD  . LYS A 1 167 ? -8.490  -11.895 2.670   1.00 60.25  ? 1136 LYS A CD  1 
ATOM   1069 C CE  . LYS A 1 167 ? -9.631  -12.722 2.109   1.00 62.85  ? 1136 LYS A CE  1 
ATOM   1070 N NZ  . LYS A 1 167 ? -10.705 -12.928 3.110   1.00 73.04  ? 1136 LYS A NZ  1 
ATOM   1071 N N   . ILE A 1 168 ? -3.695  -10.756 4.592   1.00 33.76  ? 1137 ILE A N   1 
ATOM   1072 C CA  . ILE A 1 168 ? -2.440  -10.236 4.082   1.00 31.61  ? 1137 ILE A CA  1 
ATOM   1073 C C   . ILE A 1 168 ? -1.273  -10.930 4.797   1.00 33.05  ? 1137 ILE A C   1 
ATOM   1074 O O   . ILE A 1 168 ? -0.235  -11.208 4.196   1.00 31.44  ? 1137 ILE A O   1 
ATOM   1075 C CB  . ILE A 1 168 ? -2.377  -8.697  4.214   1.00 29.33  ? 1137 ILE A CB  1 
ATOM   1076 C CG1 . ILE A 1 168 ? -3.512  -8.013  3.456   1.00 27.16  ? 1137 ILE A CG1 1 
ATOM   1077 C CG2 . ILE A 1 168 ? -1.041  -8.166  3.728   1.00 29.76  ? 1137 ILE A CG2 1 
ATOM   1078 C CD1 . ILE A 1 168 ? -3.659  -8.511  2.075   1.00 26.88  ? 1137 ILE A CD1 1 
ATOM   1079 N N   . TYR A 1 169 ? -1.418  -11.129 6.106   1.00 35.14  ? 1138 TYR A N   1 
ATOM   1080 C CA  . TYR A 1 169 ? -0.345  -11.707 6.903   1.00 36.95  ? 1138 TYR A CA  1 
ATOM   1081 C C   . TYR A 1 169 ? 0.001   -13.099 6.384   1.00 37.34  ? 1138 TYR A C   1 
ATOM   1082 O O   . TYR A 1 169 ? 1.175   -13.438 6.300   1.00 37.11  ? 1138 TYR A O   1 
ATOM   1083 C CB  . TYR A 1 169 ? -0.742  -11.821 8.373   1.00 37.50  ? 1138 TYR A CB  1 
ATOM   1084 C CG  . TYR A 1 169 ? 0.216   -12.656 9.215   1.00 43.02  ? 1138 TYR A CG  1 
ATOM   1085 C CD1 . TYR A 1 169 ? 1.414   -12.143 9.697   1.00 42.29  ? 1138 TYR A CD1 1 
ATOM   1086 C CD2 . TYR A 1 169 ? -0.089  -13.982 9.511   1.00 47.73  ? 1138 TYR A CD2 1 
ATOM   1087 C CE1 . TYR A 1 169 ? 2.264   -12.907 10.481  1.00 45.42  ? 1138 TYR A CE1 1 
ATOM   1088 C CE2 . TYR A 1 169 ? 0.767   -14.764 10.267  1.00 49.91  ? 1138 TYR A CE2 1 
ATOM   1089 C CZ  . TYR A 1 169 ? 1.946   -14.227 10.746  1.00 46.60  ? 1138 TYR A CZ  1 
ATOM   1090 O OH  . TYR A 1 169 ? 2.743   -15.036 11.504  1.00 56.57  ? 1138 TYR A OH  1 
ATOM   1091 N N   . LYS A 1 170 ? -1.035  -13.889 6.074   1.00 37.08  ? 1139 LYS A N   1 
ATOM   1092 C CA  . LYS A 1 170 ? -0.880  -15.240 5.561   1.00 44.41  ? 1139 LYS A CA  1 
ATOM   1093 C C   . LYS A 1 170 ? -0.197  -15.242 4.203   1.00 43.75  ? 1139 LYS A C   1 
ATOM   1094 O O   . LYS A 1 170 ? 0.680   -16.052 3.981   1.00 38.78  ? 1139 LYS A O   1 
ATOM   1095 C CB  . LYS A 1 170 ? -2.238  -15.929 5.419   1.00 48.01  ? 1139 LYS A CB  1 
ATOM   1096 C CG  . LYS A 1 170 ? -2.921  -16.240 6.741   1.00 58.37  ? 1139 LYS A CG  1 
ATOM   1097 C CD  . LYS A 1 170 ? -4.276  -16.897 6.547   1.00 65.12  ? 1139 LYS A CD  1 
ATOM   1098 C CE  . LYS A 1 170 ? -5.049  -17.031 7.842   1.00 75.88  ? 1139 LYS A CE  1 
ATOM   1099 N NZ  . LYS A 1 170 ? -6.198  -17.957 7.692   1.00 81.29  ? 1139 LYS A NZ  1 
ATOM   1100 N N   . THR A 1 171 ? -0.647  -14.395 3.268   1.00 37.43  ? 1140 THR A N   1 
ATOM   1101 C CA  . THR A 1 171 ? 0.006   -14.328 1.974   1.00 35.35  ? 1140 THR A CA  1 
ATOM   1102 C C   . THR A 1 171 ? 1.452   -13.858 2.114   1.00 36.13  ? 1140 THR A C   1 
ATOM   1103 O O   . THR A 1 171 ? 2.344   -14.346 1.405   1.00 36.81  ? 1140 THR A O   1 
ATOM   1104 C CB  . THR A 1 171 ? -0.784  -13.407 1.044   1.00 34.43  ? 1140 THR A CB  1 
ATOM   1105 O OG1 . THR A 1 171 ? -2.098  -13.945 0.885   1.00 34.66  ? 1140 THR A OG1 1 
ATOM   1106 C CG2 . THR A 1 171 ? -0.134  -13.218 -0.301  1.00 34.87  ? 1140 THR A CG2 1 
ATOM   1107 N N   . TYR A 1 172 ? 1.658   -12.846 2.971   1.00 32.74  ? 1141 TYR A N   1 
ATOM   1108 C CA  . TYR A 1 172 ? 2.969   -12.295 3.246   1.00 33.25  ? 1141 TYR A CA  1 
ATOM   1109 C C   . TYR A 1 172 ? 3.956   -13.407 3.648   1.00 33.05  ? 1141 TYR A C   1 
ATOM   1110 O O   . TYR A 1 172 ? 5.080   -13.443 3.157   1.00 35.11  ? 1141 TYR A O   1 
ATOM   1111 C CB  . TYR A 1 172 ? 2.887   -11.211 4.330   1.00 34.50  ? 1141 TYR A CB  1 
ATOM   1112 C CG  . TYR A 1 172 ? 4.277   -10.860 4.827   1.00 35.97  ? 1141 TYR A CG  1 
ATOM   1113 C CD1 . TYR A 1 172 ? 5.145   -10.130 4.027   1.00 39.78  ? 1141 TYR A CD1 1 
ATOM   1114 C CD2 . TYR A 1 172 ? 4.777   -11.412 6.004   1.00 38.62  ? 1141 TYR A CD2 1 
ATOM   1115 C CE1 . TYR A 1 172 ? 6.444   -9.882  4.417   1.00 41.13  ? 1141 TYR A CE1 1 
ATOM   1116 C CE2 . TYR A 1 172 ? 6.078   -11.171 6.410   1.00 38.88  ? 1141 TYR A CE2 1 
ATOM   1117 C CZ  . TYR A 1 172 ? 6.914   -10.417 5.602   1.00 43.85  ? 1141 TYR A CZ  1 
ATOM   1118 O OH  . TYR A 1 172 ? 8.196   -10.156 5.961   1.00 54.87  ? 1141 TYR A OH  1 
ATOM   1119 N N   . THR A 1 173 ? 3.557   -14.279 4.566   1.00 38.33  ? 1142 THR A N   1 
ATOM   1120 C CA  . THR A 1 173 ? 4.465   -15.267 5.151   1.00 44.15  ? 1142 THR A CA  1 
ATOM   1121 C C   . THR A 1 173 ? 4.874   -16.293 4.106   1.00 39.88  ? 1142 THR A C   1 
ATOM   1122 O O   . THR A 1 173 ? 6.060   -16.608 3.998   1.00 43.57  ? 1142 THR A O   1 
ATOM   1123 C CB  . THR A 1 173 ? 3.845   -15.959 6.369   1.00 42.31  ? 1142 THR A CB  1 
ATOM   1124 O OG1 . THR A 1 173 ? 2.677   -16.560 5.838   1.00 46.86  ? 1142 THR A OG1 1 
ATOM   1125 C CG2 . THR A 1 173 ? 3.504   -14.996 7.482   1.00 41.64  ? 1142 THR A CG2 1 
ATOM   1126 N N   . LYS A 1 174 ? 3.896   -16.716 3.299   1.00 39.66  ? 1143 LYS A N   1 
ATOM   1127 C CA  . LYS A 1 174 ? 4.121   -17.537 2.121   1.00 47.34  ? 1143 LYS A CA  1 
ATOM   1128 C C   . LYS A 1 174 ? 5.106   -16.897 1.140   1.00 53.22  ? 1143 LYS A C   1 
ATOM   1129 O O   . LYS A 1 174 ? 5.959   -17.591 0.584   1.00 42.90  ? 1143 LYS A O   1 
ATOM   1130 C CB  . LYS A 1 174 ? 2.815   -17.754 1.358   1.00 56.21  ? 1143 LYS A CB  1 
ATOM   1131 C CG  . LYS A 1 174 ? 1.830   -18.746 1.967   1.00 66.83  ? 1143 LYS A CG  1 
ATOM   1132 C CD  . LYS A 1 174 ? 1.110   -19.554 0.898   1.00 74.14  ? 1143 LYS A CD  1 
ATOM   1133 C CE  . LYS A 1 174 ? 2.038   -20.550 0.225   1.00 88.53  ? 1143 LYS A CE  1 
ATOM   1134 N NZ  . LYS A 1 174 ? 1.553   -20.989 -1.107  1.00 92.11  ? 1143 LYS A NZ  1 
ATOM   1135 N N   . LEU A 1 175 ? 4.930   -15.598 0.838   1.00 40.57  ? 1144 LEU A N   1 
ATOM   1136 C CA  . LEU A 1 175 ? 5.834   -14.931 -0.085  1.00 40.29  ? 1144 LEU A CA  1 
ATOM   1137 C C   . LEU A 1 175 ? 7.219   -14.851 0.546   1.00 37.97  ? 1144 LEU A C   1 
ATOM   1138 O O   . LEU A 1 175 ? 8.197   -15.027 -0.150  1.00 35.87  ? 1144 LEU A O   1 
ATOM   1139 C CB  . LEU A 1 175 ? 5.353   -13.517 -0.454  1.00 40.55  ? 1144 LEU A CB  1 
ATOM   1140 C CG  . LEU A 1 175 ? 4.016   -13.427 -1.183  1.00 43.95  ? 1144 LEU A CG  1 
ATOM   1141 C CD1 . LEU A 1 175 ? 3.706   -11.994 -1.587  1.00 44.36  ? 1144 LEU A CD1 1 
ATOM   1142 C CD2 . LEU A 1 175 ? 3.977   -14.348 -2.389  1.00 50.53  ? 1144 LEU A CD2 1 
ATOM   1143 N N   . LYS A 1 176 ? 7.295   -14.558 1.844   1.00 38.14  ? 1145 LYS A N   1 
ATOM   1144 C CA  . LYS A 1 176 ? 8.576   -14.440 2.514   1.00 45.73  ? 1145 LYS A CA  1 
ATOM   1145 C C   . LYS A 1 176 ? 9.269   -15.816 2.547   1.00 51.18  ? 1145 LYS A C   1 
ATOM   1146 O O   . LYS A 1 176 ? 10.460  -15.930 2.252   1.00 47.10  ? 1145 LYS A O   1 
ATOM   1147 C CB  . LYS A 1 176 ? 8.351   -13.889 3.926   1.00 46.13  ? 1145 LYS A CB  1 
ATOM   1148 C CG  . LYS A 1 176 ? 9.621   -13.552 4.691   1.00 58.60  ? 1145 LYS A CG  1 
ATOM   1149 C CD  . LYS A 1 176 ? 10.452  -12.456 4.027   1.00 73.10  ? 1145 LYS A CD  1 
ATOM   1150 C CE  . LYS A 1 176 ? 11.598  -11.952 4.881   1.00 78.24  ? 1145 LYS A CE  1 
ATOM   1151 N NZ  . LYS A 1 176 ? 12.480  -13.066 5.308   1.00 80.94  ? 1145 LYS A NZ  1 
ATOM   1152 N N   . ASN A 1 177 ? 8.495   -16.868 2.853   1.00 47.27  ? 1146 ASN A N   1 
ATOM   1153 C CA  A ASN A 1 177 ? 9.014   -18.224 2.989   0.58 49.65  ? 1146 ASN A CA  1 
ATOM   1154 C CA  B ASN A 1 177 ? 9.053   -18.194 3.002   0.42 48.42  ? 1146 ASN A CA  1 
ATOM   1155 C C   . ASN A 1 177 ? 9.646   -18.634 1.668   1.00 49.53  ? 1146 ASN A C   1 
ATOM   1156 O O   . ASN A 1 177 ? 10.812  -19.028 1.622   1.00 51.07  ? 1146 ASN A O   1 
ATOM   1157 C CB  A ASN A 1 177 ? 7.941   -19.263 3.348   0.58 51.21  ? 1146 ASN A CB  1 
ATOM   1158 C CB  B ASN A 1 177 ? 8.020   -19.182 3.531   0.42 47.99  ? 1146 ASN A CB  1 
ATOM   1159 C CG  A ASN A 1 177 ? 7.568   -19.288 4.818   0.58 49.71  ? 1146 ASN A CG  1 
ATOM   1160 C CG  B ASN A 1 177 ? 8.644   -20.527 3.791   0.42 45.04  ? 1146 ASN A CG  1 
ATOM   1161 O OD1 A ASN A 1 177 ? 8.312   -18.793 5.653   0.58 46.33  ? 1146 ASN A OD1 1 
ATOM   1162 O OD1 B ASN A 1 177 ? 9.656   -20.612 4.477   0.42 42.43  ? 1146 ASN A OD1 1 
ATOM   1163 N ND2 A ASN A 1 177 ? 6.436   -19.891 5.153   0.58 51.65  ? 1146 ASN A ND2 1 
ATOM   1164 N ND2 B ASN A 1 177 ? 8.072   -21.563 3.212   0.42 47.41  ? 1146 ASN A ND2 1 
ATOM   1165 N N   . ASN A 1 178 ? 8.849   -18.512 0.603   1.00 47.72  ? 1147 ASN A N   1 
ATOM   1166 C CA  . ASN A 1 178 ? 9.303   -18.807 -0.742  1.00 48.46  ? 1147 ASN A CA  1 
ATOM   1167 C C   . ASN A 1 178 ? 10.588  -18.036 -1.054  1.00 56.94  ? 1147 ASN A C   1 
ATOM   1168 O O   . ASN A 1 178 ? 11.531  -18.596 -1.619  1.00 52.54  ? 1147 ASN A O   1 
ATOM   1169 C CB  . ASN A 1 178 ? 8.228   -18.505 -1.775  1.00 51.38  ? 1147 ASN A CB  1 
ATOM   1170 C CG  . ASN A 1 178 ? 8.707   -18.856 -3.163  1.00 61.70  ? 1147 ASN A CG  1 
ATOM   1171 O OD1 . ASN A 1 178 ? 9.029   -20.012 -3.429  1.00 66.91  ? 1147 ASN A OD1 1 
ATOM   1172 N ND2 . ASN A 1 178 ? 8.827   -17.865 -4.031  1.00 65.87  ? 1147 ASN A ND2 1 
ATOM   1173 N N   . GLU A 1 179 ? 10.628  -16.748 -0.679  1.00 53.55  ? 1148 GLU A N   1 
ATOM   1174 C CA  . GLU A 1 179 ? 11.755  -15.902 -1.042  1.00 57.27  ? 1148 GLU A CA  1 
ATOM   1175 C C   . GLU A 1 179 ? 13.020  -16.376 -0.330  1.00 53.46  ? 1148 GLU A C   1 
ATOM   1176 O O   . GLU A 1 179 ? 14.092  -16.346 -0.914  1.00 49.79  ? 1148 GLU A O   1 
ATOM   1177 C CB  . GLU A 1 179 ? 11.481  -14.440 -0.691  1.00 63.55  ? 1148 GLU A CB  1 
ATOM   1178 C CG  . GLU A 1 179 ? 12.651  -13.514 -0.993  1.00 73.39  ? 1148 GLU A CG  1 
ATOM   1179 C CD  . GLU A 1 179 ? 12.474  -12.092 -0.485  1.00 79.54  ? 1148 GLU A CD  1 
ATOM   1180 O OE1 . GLU A 1 179 ? 12.515  -11.898 0.754   1.00 78.65  ? 1148 GLU A OE1 1 
ATOM   1181 O OE2 . GLU A 1 179 ? 12.267  -11.188 -1.325  1.00 73.55  ? 1148 GLU A OE2 1 
ATOM   1182 N N   . GLN A 1 180 ? 12.895  -16.745 0.948   1.00 55.89  ? 1149 GLN A N   1 
ATOM   1183 C CA  . GLN A 1 180 ? 14.023  -17.241 1.724   1.00 62.96  ? 1149 GLN A CA  1 
ATOM   1184 C C   . GLN A 1 180 ? 14.597  -18.504 1.090   1.00 59.64  ? 1149 GLN A C   1 
ATOM   1185 O O   . GLN A 1 180 ? 15.806  -18.660 1.026   1.00 67.18  ? 1149 GLN A O   1 
ATOM   1186 C CB  . GLN A 1 180 ? 13.607  -17.515 3.168   1.00 70.78  ? 1149 GLN A CB  1 
ATOM   1187 C CG  . GLN A 1 180 ? 13.409  -16.239 3.976   1.00 82.24  ? 1149 GLN A CG  1 
ATOM   1188 C CD  . GLN A 1 180 ? 12.948  -16.521 5.386   1.00 93.48  ? 1149 GLN A CD  1 
ATOM   1189 O OE1 . GLN A 1 180 ? 12.099  -17.379 5.620   1.00 94.57  ? 1149 GLN A OE1 1 
ATOM   1190 N NE2 . GLN A 1 180 ? 13.515  -15.807 6.347   1.00 99.66  ? 1149 GLN A NE2 1 
ATOM   1191 N N   . ILE A 1 181 ? 13.729  -19.375 0.573   1.00 61.45  ? 1150 ILE A N   1 
ATOM   1192 C CA  . ILE A 1 181 ? 14.171  -20.628 -0.016  1.00 59.35  ? 1150 ILE A CA  1 
ATOM   1193 C C   . ILE A 1 181 ? 15.001  -20.348 -1.261  1.00 67.72  ? 1150 ILE A C   1 
ATOM   1194 O O   . ILE A 1 181 ? 16.092  -20.888 -1.410  1.00 65.24  ? 1150 ILE A O   1 
ATOM   1195 C CB  . ILE A 1 181 ? 12.979  -21.549 -0.326  1.00 53.15  ? 1150 ILE A CB  1 
ATOM   1196 C CG1 . ILE A 1 181 ? 12.191  -21.892 0.935   1.00 47.55  ? 1150 ILE A CG1 1 
ATOM   1197 C CG2 . ILE A 1 181 ? 13.437  -22.815 -1.049  1.00 57.53  ? 1150 ILE A CG2 1 
ATOM   1198 C CD1 . ILE A 1 181 ? 10.896  -22.623 0.642   1.00 53.31  ? 1150 ILE A CD1 1 
ATOM   1199 N N   . ILE A 1 182 ? 14.485  -19.506 -2.158  1.00 70.00  ? 1151 ILE A N   1 
ATOM   1200 C CA  . ILE A 1 182 ? 15.116  -19.357 -3.458  1.00 73.85  ? 1151 ILE A CA  1 
ATOM   1201 C C   . ILE A 1 182 ? 16.178  -18.250 -3.427  1.00 77.10  ? 1151 ILE A C   1 
ATOM   1202 O O   . ILE A 1 182 ? 16.685  -17.860 -4.475  1.00 78.20  ? 1151 ILE A O   1 
ATOM   1203 C CB  . ILE A 1 182 ? 14.051  -19.151 -4.556  1.00 70.64  ? 1151 ILE A CB  1 
ATOM   1204 C CG1 . ILE A 1 182 ? 13.452  -17.741 -4.572  1.00 71.29  ? 1151 ILE A CG1 1 
ATOM   1205 C CG2 . ILE A 1 182 ? 12.971  -20.215 -4.440  1.00 70.74  ? 1151 ILE A CG2 1 
ATOM   1206 C CD1 . ILE A 1 182 ? 12.402  -17.541 -5.649  1.00 67.69  ? 1151 ILE A CD1 1 
ATOM   1207 N N   . ASP A 1 183 ? 16.540  -17.753 -2.239  1.00 76.93  ? 1152 ASP A N   1 
ATOM   1208 C CA  . ASP A 1 183 ? 17.669  -16.840 -2.113  1.00 90.41  ? 1152 ASP A CA  1 
ATOM   1209 C C   . ASP A 1 183 ? 18.802  -17.554 -1.353  1.00 92.49  ? 1152 ASP A C   1 
ATOM   1210 O O   . ASP A 1 183 ? 19.038  -18.740 -1.660  1.00 95.15  ? 1152 ASP A O   1 
ATOM   1211 C CB  . ASP A 1 183 ? 17.254  -15.512 -1.461  1.00 90.92  ? 1152 ASP A CB  1 
ATOM   1212 C CG  . ASP A 1 183 ? 16.326  -14.622 -2.286  1.00 94.07  ? 1152 ASP A CG  1 
ATOM   1213 O OD1 . ASP A 1 183 ? 15.988  -14.995 -3.439  1.00 87.10  ? 1152 ASP A OD1 1 
ATOM   1214 O OD2 . ASP A 1 183 ? 15.932  -13.549 -1.764  1.00 86.76  ? 1152 ASP A OD2 1 
HETATM 1215 S S   . SO4 B 2 .   ? 1.596   13.938  6.005   0.61 49.16  ? 2001 SO4 A S   1 
HETATM 1216 O O1  . SO4 B 2 .   ? 0.618   14.956  5.656   0.61 39.49  ? 2001 SO4 A O1  1 
HETATM 1217 O O2  . SO4 B 2 .   ? 2.905   14.531  6.200   0.61 40.45  ? 2001 SO4 A O2  1 
HETATM 1218 O O3  . SO4 B 2 .   ? 1.150   13.294  7.220   0.61 37.02  ? 2001 SO4 A O3  1 
HETATM 1219 O O4  . SO4 B 2 .   ? 1.702   12.980  4.936   0.61 35.96  ? 2001 SO4 A O4  1 
HETATM 1220 O O   . HOH C 3 .   ? 12.322  9.128   -13.104 1.00 39.90  ? 3001 HOH A O   1 
HETATM 1221 O O   . HOH C 3 .   ? -8.252  11.535  -8.075  1.00 37.95  ? 3002 HOH A O   1 
HETATM 1222 O O   . HOH C 3 .   ? -3.840  -7.042  -7.982  1.00 40.07  ? 3003 HOH A O   1 
HETATM 1223 O O   . HOH C 3 .   ? 12.529  3.980   -4.396  1.00 36.92  ? 3004 HOH A O   1 
HETATM 1224 O O   . HOH C 3 .   ? -10.169 11.786  -0.400  1.00 36.59  ? 3005 HOH A O   1 
HETATM 1225 O O   . HOH C 3 .   ? 0.763   -18.219 5.468   1.00 50.04  ? 3006 HOH A O   1 
HETATM 1226 O O   . HOH C 3 .   ? 6.753   4.826   -5.477  1.00 32.56  ? 3007 HOH A O   1 
HETATM 1227 O O   . HOH C 3 .   ? 11.696  -3.742  3.825   1.00 43.23  ? 3008 HOH A O   1 
HETATM 1228 O O   . HOH C 3 .   ? 8.858   11.775  4.924   1.00 48.29  ? 3009 HOH A O   1 
HETATM 1229 O O   . HOH C 3 .   ? 3.362   8.420   13.949  1.00 40.14  ? 3010 HOH A O   1 
HETATM 1230 O O   . HOH C 3 .   ? 5.834   -20.170 0.820   1.00 54.15  ? 3011 HOH A O   1 
HETATM 1231 O O   . HOH C 3 .   ? -3.313  20.595  -4.456  1.00 52.39  ? 3012 HOH A O   1 
HETATM 1232 O O   . HOH C 3 .   ? -7.660  2.872   1.960   1.00 43.99  ? 3013 HOH A O   1 
HETATM 1233 O O   . HOH C 3 .   ? -6.736  3.021   4.500   1.00 33.28  ? 3014 HOH A O   1 
HETATM 1234 O O   . HOH C 3 .   ? -5.866  -6.875  -1.009  1.00 38.33  ? 3015 HOH A O   1 
HETATM 1235 O O   . HOH C 3 .   ? 4.659   11.306  -17.857 1.00 43.37  ? 3016 HOH A O   1 
HETATM 1236 O O   . HOH C 3 .   ? -12.277 -3.669  -0.460  1.00 42.92  ? 3017 HOH A O   1 
HETATM 1237 O O   . HOH C 3 .   ? -10.548 2.481   3.126   1.00 53.07  ? 3018 HOH A O   1 
HETATM 1238 O O   . HOH C 3 .   ? -12.750 2.597   -12.016 1.00 54.25  ? 3019 HOH A O   1 
HETATM 1239 O O   . HOH C 3 .   ? 4.499   15.096  -8.024  1.00 41.69  ? 3020 HOH A O   1 
HETATM 1240 O O   . HOH C 3 .   ? -23.353 -0.273  -0.186  1.00 26.94  ? 3021 HOH A O   1 
HETATM 1241 O O   . HOH C 3 .   ? 4.734   6.274   7.651   1.00 29.55  ? 3022 HOH A O   1 
HETATM 1242 O O   . HOH C 3 .   ? -8.479  -1.026  -0.356  1.00 31.02  ? 3023 HOH A O   1 
HETATM 1243 O O   . HOH C 3 .   ? 5.701   2.181   -8.229  1.00 40.70  ? 3024 HOH A O   1 
HETATM 1244 O O   . HOH C 3 .   ? -9.974  -1.476  -10.916 1.00 35.85  ? 3025 HOH A O   1 
HETATM 1245 O O   . HOH C 3 .   ? -11.051 -0.722  -0.072  1.00 40.83  ? 3026 HOH A O   1 
HETATM 1246 O O   . HOH C 3 .   ? 11.487  -1.672  2.060   1.00 40.26  ? 3027 HOH A O   1 
HETATM 1247 O O   . HOH C 3 .   ? 11.814  8.259   0.333   1.00 42.87  ? 3028 HOH A O   1 
HETATM 1248 O O   . HOH C 3 .   ? 7.109   4.268   -9.792  1.00 60.14  ? 3029 HOH A O   1 
HETATM 1249 O O   . HOH C 3 .   ? -4.266  6.931   7.878   1.00 45.93  ? 3030 HOH A O   1 
HETATM 1250 O O   . HOH C 3 .   ? -10.268 7.733   2.743   1.00 54.14  ? 3031 HOH A O   1 
HETATM 1251 O O   . HOH C 3 .   ? -1.845  1.801   -19.845 1.00 35.18  ? 3032 HOH A O   1 
HETATM 1252 O O   . HOH C 3 .   ? 4.395   5.206   13.032  1.00 53.56  ? 3033 HOH A O   1 
HETATM 1253 O O   . HOH C 3 .   ? -4.529  6.386   4.663   1.00 52.26  ? 3034 HOH A O   1 
HETATM 1254 O O   . HOH C 3 .   ? -8.119  -3.582  0.154   1.00 42.73  ? 3035 HOH A O   1 
HETATM 1255 O O   . HOH C 3 .   ? -10.376 11.105  -11.132 1.00 49.70  ? 3036 HOH A O   1 
HETATM 1256 O O   . HOH C 3 .   ? -5.216  4.918   9.756   1.00 65.21  ? 3037 HOH A O   1 
HETATM 1257 O O   . HOH C 3 .   ? 7.154   -2.611  -12.282 1.00 58.27  ? 3038 HOH A O   1 
HETATM 1258 O O   . HOH C 3 .   ? 8.348   6.457   -8.501  1.00 36.11  ? 3039 HOH A O   1 
HETATM 1259 O O   . HOH C 3 .   ? 11.568  12.848  -6.832  1.00 63.79  ? 3040 HOH A O   1 
HETATM 1260 O O   . HOH C 3 .   ? 7.292   -11.873 -5.775  1.00 55.65  ? 3041 HOH A O   1 
HETATM 1261 O O   . HOH C 3 .   ? -9.903  10.052  -14.208 1.00 44.74  ? 3042 HOH A O   1 
HETATM 1262 O O   . HOH C 3 .   ? -3.402  -0.241  -11.897 1.00 31.96  ? 3043 HOH A O   1 
HETATM 1263 O O   . HOH C 3 .   ? -22.472 -2.402  -1.241  1.00 35.79  ? 3044 HOH A O   1 
HETATM 1264 O O   . HOH C 3 .   ? 12.101  6.298   -6.374  1.00 49.59  ? 3045 HOH A O   1 
HETATM 1265 O O   . HOH C 3 .   ? -7.130  1.727   -0.240  1.00 28.12  ? 3046 HOH A O   1 
HETATM 1266 O O   . HOH C 3 .   ? 11.604  -6.766  11.062  1.00 57.15  ? 3047 HOH A O   1 
HETATM 1267 O O   . HOH C 3 .   ? 8.078   14.913  -13.816 1.00 45.59  ? 3048 HOH A O   1 
HETATM 1268 O O   . HOH C 3 .   ? 11.798  -0.256  6.662   1.00 49.05  ? 3049 HOH A O   1 
HETATM 1269 O O   . HOH C 3 .   ? -6.010  -1.786  -13.935 1.00 61.18  ? 3050 HOH A O   1 
HETATM 1270 O O   . HOH C 3 .   ? 11.029  -0.563  11.876  1.00 57.06  ? 3051 HOH A O   1 
HETATM 1271 O O   . HOH C 3 .   ? -5.421  -3.673  -12.365 1.00 59.25  ? 3052 HOH A O   1 
HETATM 1272 O O   . HOH C 3 .   ? 14.012  5.450   -2.660  1.00 45.72  ? 3053 HOH A O   1 
HETATM 1273 O O   . HOH C 3 .   ? -4.767  8.674   3.587   1.00 60.74  ? 3054 HOH A O   1 
HETATM 1274 O O   . HOH C 3 .   ? 13.688  10.708  -11.782 1.00 49.06  ? 3055 HOH A O   1 
# 
